data_2IYP
#
_entry.id   2IYP
#
_cell.length_a   71.062
_cell.length_b   105.061
_cell.length_c   240.484
_cell.angle_alpha   90.00
_cell.angle_beta   98.26
_cell.angle_gamma   90.00
#
_symmetry.space_group_name_H-M   'C 1 2 1'
#
loop_
_entity.id
_entity.type
_entity.pdbx_description
1 polymer '6-PHOSPHOGLUCONATE DEHYDROGENASE, DECARBOXYLATING'
2 non-polymer 'NADP NICOTINAMIDE-ADENINE-DINUCLEOTIDE PHOSPHATE'
3 non-polymer RIBULOSE-5-PHOSPHATE
4 non-polymer "ADENOSINE-2'-5'-DIPHOSPHATE"
5 water water
#
_entity_poly.entity_id   1
_entity_poly.type   'polypeptide(L)'
_entity_poly.pdbx_seq_one_letter_code
;HMAQANFGVVGMAVMGKNLALNVESRGYTVAIYNRTTSKTEEVFKEHQDKNLVFTKTLEEFVGSLEKPRRIMLMVQAGAA
TDATIKSLLPLLDIGDILIDGGNTHFPDTMRRNAELADSGINFIGTGVSGGEKGALLGPSMMPGGQKEAYDLVAPIFEQI
AAKAPQDGKPCVAYMGANGAGHYVKMVHNGIEYGDMQLIAESYDLLKRILGLSNAEIQAIFEEWNEGELDSYLIEITKEV
LKRKDDEGEGYIVDKILDKAGNKGTGKWTSESALDLGVPLPLITESVFARYISTYKDERVKASKVLSGPALDFSGDKKEV
IEKIRKALYFSKIMSYAQGFAQLRKASEEFDWDLPYGTIAQIWRAGCIIRAEFLQNITDAFDKDSELENLLLDDYFVDIT
KRYQEAVRDVVSLAVQAGTPIPTFTSAISYYDSYRSENLPANLIQAQRDYFGAHTYERTDKAGIFHYDWYTED
;
_entity_poly.pdbx_strand_id   A,B,C
#
# COMPACT_ATOMS: atom_id res chain seq x y z
N MET A 2 6.57 28.27 10.98
CA MET A 2 7.36 27.93 9.76
C MET A 2 6.57 27.06 8.72
N ALA A 3 5.43 27.56 8.23
CA ALA A 3 4.60 26.83 7.23
C ALA A 3 5.25 26.73 5.83
N GLN A 4 6.22 25.82 5.71
CA GLN A 4 6.98 25.67 4.47
C GLN A 4 6.55 24.50 3.60
N ALA A 5 6.41 23.32 4.22
CA ALA A 5 6.26 22.02 3.51
C ALA A 5 4.89 21.76 2.88
N ASN A 6 4.91 21.00 1.78
CA ASN A 6 3.74 20.73 0.94
C ASN A 6 3.03 19.43 1.31
N PHE A 7 3.80 18.55 1.95
CA PHE A 7 3.37 17.20 2.31
C PHE A 7 4.18 16.79 3.53
N GLY A 8 3.63 15.87 4.32
CA GLY A 8 4.31 15.44 5.54
C GLY A 8 4.18 13.97 5.80
N VAL A 9 5.30 13.33 6.16
CA VAL A 9 5.30 11.88 6.44
C VAL A 9 5.68 11.55 7.89
N VAL A 10 4.79 10.87 8.61
CA VAL A 10 5.06 10.43 10.00
C VAL A 10 5.58 8.99 9.99
N GLY A 11 6.67 8.76 10.69
CA GLY A 11 7.17 7.41 10.86
C GLY A 11 8.26 7.12 9.86
N MET A 12 9.51 7.23 10.30
CA MET A 12 10.66 7.16 9.43
C MET A 12 11.39 5.81 9.46
N ALA A 13 10.59 4.74 9.52
CA ALA A 13 11.07 3.38 9.28
C ALA A 13 11.15 3.20 7.76
N VAL A 14 11.41 1.98 7.29
CA VAL A 14 11.61 1.74 5.86
C VAL A 14 10.56 2.45 4.95
N MET A 15 9.28 2.23 5.23
CA MET A 15 8.19 2.72 4.36
C MET A 15 8.04 4.26 4.37
N GLY A 16 7.91 4.85 5.56
CA GLY A 16 7.78 6.30 5.69
C GLY A 16 8.98 7.06 5.15
N LYS A 17 10.19 6.57 5.48
CA LYS A 17 11.42 7.15 4.95
C LYS A 17 11.30 7.34 3.42
N ASN A 18 11.31 6.23 2.68
CA ASN A 18 11.18 6.22 1.21
C ASN A 18 10.01 7.01 0.62
N LEU A 19 8.83 6.78 1.16
CA LEU A 19 7.65 7.53 0.74
C LEU A 19 7.93 9.05 0.72
N ALA A 20 8.47 9.57 1.82
CA ALA A 20 8.94 10.96 1.91
C ALA A 20 9.99 11.32 0.84
N LEU A 21 10.77 10.35 0.39
CA LEU A 21 11.78 10.60 -0.63
C LEU A 21 11.16 10.58 -2.02
N ASN A 22 10.22 9.66 -2.23
CA ASN A 22 9.39 9.70 -3.42
C ASN A 22 8.76 11.09 -3.54
N VAL A 23 7.95 11.49 -2.56
CA VAL A 23 7.25 12.79 -2.64
C VAL A 23 8.23 13.92 -2.96
N GLU A 24 9.41 13.88 -2.33
CA GLU A 24 10.46 14.88 -2.52
C GLU A 24 10.95 14.91 -3.95
N SER A 25 11.13 13.73 -4.53
CA SER A 25 11.64 13.60 -5.89
C SER A 25 10.70 14.19 -6.93
N ARG A 26 9.43 14.43 -6.54
CA ARG A 26 8.44 15.07 -7.43
C ARG A 26 8.49 16.58 -7.32
N GLY A 27 9.46 17.08 -6.55
CA GLY A 27 9.75 18.51 -6.47
C GLY A 27 8.88 19.22 -5.47
N TYR A 28 8.74 18.64 -4.29
CA TYR A 28 8.04 19.25 -3.17
C TYR A 28 9.02 19.32 -2.01
N THR A 29 8.64 20.03 -0.94
CA THR A 29 9.41 20.01 0.30
C THR A 29 8.60 19.25 1.35
N VAL A 30 9.27 18.34 2.05
CA VAL A 30 8.58 17.29 2.79
C VAL A 30 8.94 17.23 4.27
N ALA A 31 7.97 17.62 5.10
CA ALA A 31 8.05 17.45 6.55
C ALA A 31 8.34 16.00 6.90
N ILE A 32 9.30 15.79 7.79
CA ILE A 32 9.55 14.46 8.35
C ILE A 32 9.48 14.44 9.89
N TYR A 33 8.40 13.86 10.42
CA TYR A 33 8.35 13.51 11.84
C TYR A 33 8.52 12.01 12.07
N ASN A 34 9.10 11.69 13.21
CA ASN A 34 9.09 10.33 13.71
C ASN A 34 9.14 10.43 15.22
N ARG A 35 8.34 9.57 15.86
CA ARG A 35 8.23 9.52 17.32
C ARG A 35 9.62 9.43 18.00
N THR A 36 10.49 8.57 17.46
CA THR A 36 11.88 8.48 17.96
C THR A 36 12.81 9.48 17.25
N THR A 37 12.68 10.76 17.60
CA THR A 37 13.60 11.84 17.18
C THR A 37 14.90 11.37 16.46
N SER A 38 15.59 10.40 17.05
CA SER A 38 16.88 9.90 16.54
C SER A 38 16.86 9.56 15.05
N LYS A 39 15.78 8.92 14.58
CA LYS A 39 15.71 8.52 13.17
C LYS A 39 15.36 9.66 12.24
N THR A 40 14.52 10.60 12.69
CA THR A 40 14.24 11.84 11.96
C THR A 40 15.57 12.56 11.65
N GLU A 41 16.37 12.82 12.69
CA GLU A 41 17.68 13.44 12.48
C GLU A 41 18.60 12.54 11.65
N GLU A 42 18.45 11.22 11.78
CA GLU A 42 19.32 10.33 11.03
C GLU A 42 18.98 10.34 9.54
N VAL A 43 17.73 10.67 9.23
CA VAL A 43 17.28 10.82 7.84
C VAL A 43 17.59 12.24 7.32
N PHE A 44 17.40 13.26 8.15
CA PHE A 44 17.73 14.63 7.74
C PHE A 44 19.21 14.69 7.45
N LYS A 45 20.02 14.19 8.37
CA LYS A 45 21.48 14.35 8.27
C LYS A 45 22.02 13.78 6.96
N GLU A 46 21.60 12.57 6.60
CA GLU A 46 22.07 11.94 5.36
C GLU A 46 21.58 12.70 4.13
N HIS A 47 20.26 12.90 4.04
CA HIS A 47 19.67 13.57 2.89
C HIS A 47 19.58 15.10 3.12
N GLN A 48 20.75 15.72 3.22
CA GLN A 48 20.91 17.16 3.41
C GLN A 48 20.53 17.88 2.12
N ASP A 49 21.11 17.37 1.03
CA ASP A 49 20.87 17.76 -0.37
C ASP A 49 19.40 17.95 -0.78
N LYS A 50 18.50 17.15 -0.21
CA LYS A 50 17.07 17.19 -0.49
C LYS A 50 16.32 18.23 0.32
N ASN A 51 15.08 18.49 -0.04
CA ASN A 51 14.29 19.52 0.59
C ASN A 51 13.44 19.01 1.74
N LEU A 52 14.08 18.32 2.68
CA LEU A 52 13.39 17.81 3.88
C LEU A 52 13.36 18.82 5.04
N VAL A 53 12.18 19.04 5.62
CA VAL A 53 12.06 19.88 6.82
C VAL A 53 12.09 18.97 8.04
N PHE A 54 13.17 19.05 8.82
CA PHE A 54 13.30 18.24 10.02
C PHE A 54 12.49 18.84 11.18
N THR A 55 11.63 18.01 11.78
CA THR A 55 10.86 18.41 12.97
C THR A 55 11.05 17.41 14.10
N LYS A 56 10.71 17.82 15.32
CA LYS A 56 10.95 16.99 16.52
C LYS A 56 9.68 16.77 17.38
N THR A 57 8.77 17.75 17.42
CA THR A 57 7.46 17.52 18.06
C THR A 57 6.35 17.55 17.00
N LEU A 58 5.29 16.78 17.26
CA LEU A 58 4.09 16.78 16.42
C LEU A 58 3.53 18.18 16.16
N GLU A 59 3.54 19.07 17.17
CA GLU A 59 3.08 20.49 17.03
C GLU A 59 3.90 21.28 16.01
N GLU A 60 5.21 21.00 16.01
CA GLU A 60 6.13 21.56 15.04
C GLU A 60 5.72 21.13 13.65
N PHE A 61 6.06 19.88 13.32
CA PHE A 61 5.59 19.16 12.12
C PHE A 61 4.22 19.65 11.61
N VAL A 62 3.18 19.67 12.46
CA VAL A 62 1.85 20.17 12.05
C VAL A 62 1.80 21.67 11.74
N GLY A 63 2.53 22.47 12.52
CA GLY A 63 2.65 23.90 12.26
C GLY A 63 3.42 24.14 10.97
N SER A 64 4.43 23.30 10.73
CA SER A 64 5.35 23.45 9.59
C SER A 64 4.80 22.99 8.22
N LEU A 65 3.49 22.74 8.13
CA LEU A 65 2.86 22.34 6.87
C LEU A 65 1.93 23.41 6.27
N GLU A 66 2.11 23.71 4.98
CA GLU A 66 1.24 24.67 4.30
C GLU A 66 -0.21 24.18 4.31
N LYS A 67 -1.14 25.11 4.41
CA LYS A 67 -2.55 24.80 4.55
C LYS A 67 -3.20 24.79 3.18
N PRO A 68 -4.07 23.78 2.89
CA PRO A 68 -4.41 22.67 3.81
C PRO A 68 -3.30 21.62 3.92
N ARG A 69 -3.01 21.22 5.15
CA ARG A 69 -1.93 20.26 5.43
C ARG A 69 -2.29 18.87 4.89
N ARG A 70 -1.31 18.20 4.29
CA ARG A 70 -1.54 16.88 3.78
C ARG A 70 -0.54 15.99 4.52
N ILE A 71 -1.06 15.12 5.38
CA ILE A 71 -0.23 14.33 6.28
C ILE A 71 -0.45 12.87 6.00
N MET A 72 0.65 12.12 5.90
CA MET A 72 0.57 10.69 5.63
C MET A 72 1.37 9.84 6.61
N LEU A 73 0.65 9.01 7.36
CA LEU A 73 1.25 8.14 8.38
C LEU A 73 1.71 6.80 7.79
N MET A 74 2.93 6.40 8.15
CA MET A 74 3.41 5.05 7.84
C MET A 74 3.92 4.38 9.13
N VAL A 75 2.99 4.15 10.06
CA VAL A 75 3.32 3.56 11.37
C VAL A 75 2.71 2.20 11.57
N GLN A 76 3.34 1.40 12.42
CA GLN A 76 2.86 0.08 12.81
C GLN A 76 1.38 0.12 13.19
N ALA A 77 0.67 -0.92 12.79
CA ALA A 77 -0.79 -0.95 12.83
C ALA A 77 -1.35 -1.28 14.20
N GLY A 78 -2.57 -0.78 14.47
CA GLY A 78 -3.25 -0.98 15.76
C GLY A 78 -3.03 0.10 16.80
N ALA A 79 -2.61 -0.31 17.99
CA ALA A 79 -2.30 0.60 19.08
C ALA A 79 -1.40 1.72 18.59
N ALA A 80 -0.28 1.33 17.99
CA ALA A 80 0.72 2.29 17.46
C ALA A 80 0.12 3.40 16.58
N THR A 81 -0.85 3.04 15.73
CA THR A 81 -1.46 3.98 14.81
C THR A 81 -2.55 4.81 15.50
N ASP A 82 -3.38 4.14 16.29
CA ASP A 82 -4.43 4.80 17.08
C ASP A 82 -3.88 5.99 17.89
N ALA A 83 -2.82 5.74 18.65
CA ALA A 83 -2.23 6.78 19.52
C ALA A 83 -1.62 7.92 18.70
N THR A 84 -0.97 7.57 17.58
CA THR A 84 -0.42 8.58 16.66
C THR A 84 -1.50 9.51 16.10
N ILE A 85 -2.64 8.95 15.71
CA ILE A 85 -3.74 9.76 15.20
C ILE A 85 -4.44 10.57 16.31
N LYS A 86 -4.47 9.99 17.52
CA LYS A 86 -5.13 10.63 18.66
C LYS A 86 -4.41 11.92 19.04
N SER A 87 -3.08 11.82 19.16
CA SER A 87 -2.19 12.96 19.35
C SER A 87 -2.48 14.07 18.32
N LEU A 88 -2.58 13.66 17.05
CA LEU A 88 -2.65 14.56 15.93
C LEU A 88 -3.94 15.37 15.84
N LEU A 89 -5.08 14.69 15.92
CA LEU A 89 -6.36 15.38 15.71
C LEU A 89 -6.47 16.78 16.34
N PRO A 90 -6.14 16.92 17.66
CA PRO A 90 -6.25 18.29 18.21
C PRO A 90 -5.45 19.32 17.38
N LEU A 91 -4.17 19.04 17.18
CA LEU A 91 -3.28 19.91 16.42
C LEU A 91 -3.75 20.37 15.02
N LEU A 92 -4.80 19.76 14.49
CA LEU A 92 -5.17 19.95 13.09
C LEU A 92 -6.28 20.97 12.90
N ASP A 93 -6.42 21.45 11.66
CA ASP A 93 -7.42 22.45 11.32
C ASP A 93 -8.44 21.94 10.31
N ILE A 94 -9.66 22.46 10.45
CA ILE A 94 -10.73 22.23 9.50
C ILE A 94 -10.18 22.42 8.07
N GLY A 95 -10.26 21.37 7.27
CA GLY A 95 -9.88 21.42 5.85
C GLY A 95 -8.62 20.62 5.55
N ASP A 96 -7.88 20.26 6.61
CA ASP A 96 -6.68 19.42 6.51
C ASP A 96 -6.94 17.99 6.02
N ILE A 97 -5.89 17.32 5.58
CA ILE A 97 -6.01 15.95 5.04
C ILE A 97 -5.10 14.98 5.77
N LEU A 98 -5.71 13.98 6.41
CA LEU A 98 -4.98 12.92 7.12
C LEU A 98 -5.03 11.57 6.38
N ILE A 99 -3.86 10.95 6.22
CA ILE A 99 -3.74 9.73 5.40
C ILE A 99 -3.13 8.60 6.23
N ASP A 100 -3.88 7.51 6.37
CA ASP A 100 -3.36 6.35 7.04
C ASP A 100 -2.92 5.39 5.94
N GLY A 101 -1.61 5.34 5.74
CA GLY A 101 -1.04 4.55 4.66
C GLY A 101 -0.53 3.18 5.05
N GLY A 102 -0.78 2.76 6.29
CA GLY A 102 -0.24 1.49 6.79
C GLY A 102 -1.14 0.30 6.49
N ASN A 103 -0.82 -0.86 7.06
CA ASN A 103 -1.66 -2.04 6.90
C ASN A 103 -2.78 -2.14 7.96
N THR A 104 -3.57 -1.08 8.08
CA THR A 104 -4.64 -1.02 9.08
C THR A 104 -5.75 -2.04 8.75
N HIS A 105 -6.13 -2.82 9.77
CA HIS A 105 -7.25 -3.76 9.69
C HIS A 105 -8.45 -2.90 9.40
N PHE A 106 -9.16 -3.24 8.33
CA PHE A 106 -10.19 -2.35 7.78
C PHE A 106 -11.24 -1.81 8.77
N PRO A 107 -11.73 -2.64 9.72
CA PRO A 107 -12.73 -2.11 10.67
C PRO A 107 -12.25 -0.86 11.45
N ASP A 108 -11.00 -0.87 11.87
CA ASP A 108 -10.37 0.32 12.44
C ASP A 108 -10.65 1.55 11.56
N THR A 109 -10.34 1.45 10.28
CA THR A 109 -10.56 2.53 9.33
C THR A 109 -12.03 2.89 9.17
N MET A 110 -12.87 1.88 8.98
CA MET A 110 -14.31 2.12 8.80
C MET A 110 -14.87 2.99 9.92
N ARG A 111 -14.47 2.65 11.15
CA ARG A 111 -14.91 3.30 12.36
C ARG A 111 -14.33 4.72 12.44
N ARG A 112 -13.01 4.81 12.29
CA ARG A 112 -12.30 6.08 12.22
C ARG A 112 -12.99 7.03 11.23
N ASN A 113 -13.29 6.54 10.02
CA ASN A 113 -13.96 7.37 9.02
C ASN A 113 -15.28 7.98 9.50
N ALA A 114 -16.15 7.14 10.09
CA ALA A 114 -17.42 7.55 10.69
C ALA A 114 -17.20 8.60 11.78
N GLU A 115 -16.35 8.27 12.76
CA GLU A 115 -15.94 9.19 13.83
C GLU A 115 -15.56 10.54 13.22
N LEU A 116 -14.57 10.54 12.32
CA LEU A 116 -13.98 11.78 11.75
C LEU A 116 -14.80 12.47 10.65
N ALA A 117 -15.90 11.85 10.22
CA ALA A 117 -16.66 12.33 9.05
C ALA A 117 -17.01 13.82 9.12
N ASP A 118 -17.87 14.19 10.07
CA ASP A 118 -18.43 15.55 10.14
C ASP A 118 -17.66 16.53 11.04
N SER A 119 -16.48 16.11 11.51
CA SER A 119 -15.57 16.99 12.26
C SER A 119 -14.63 17.78 11.31
N GLY A 120 -15.08 17.97 10.08
CA GLY A 120 -14.33 18.72 9.05
C GLY A 120 -12.87 18.34 8.82
N ILE A 121 -12.45 17.14 9.20
CA ILE A 121 -11.12 16.73 8.75
C ILE A 121 -11.20 15.61 7.72
N ASN A 122 -10.47 15.80 6.62
CA ASN A 122 -10.45 14.85 5.54
C ASN A 122 -9.54 13.66 5.89
N PHE A 123 -10.12 12.47 5.82
CA PHE A 123 -9.43 11.23 6.15
C PHE A 123 -9.39 10.24 4.98
N ILE A 124 -8.22 9.64 4.76
CA ILE A 124 -8.06 8.59 3.76
C ILE A 124 -7.46 7.37 4.43
N GLY A 125 -8.05 6.22 4.18
CA GLY A 125 -7.42 4.97 4.53
C GLY A 125 -6.84 4.41 3.26
N THR A 126 -5.51 4.25 3.19
CA THR A 126 -4.93 3.75 1.96
C THR A 126 -3.97 2.59 2.12
N GLY A 127 -4.01 1.69 1.15
CA GLY A 127 -3.07 0.60 1.10
C GLY A 127 -1.89 1.04 0.25
N VAL A 128 -0.71 0.58 0.63
CA VAL A 128 0.48 0.87 -0.15
C VAL A 128 1.22 -0.44 -0.31
N SER A 129 1.39 -0.88 -1.55
CA SER A 129 2.15 -2.09 -1.87
C SER A 129 3.45 -1.66 -2.52
N GLY A 130 4.37 -2.61 -2.68
CA GLY A 130 5.63 -2.39 -3.39
C GLY A 130 6.87 -2.43 -2.51
N GLY A 131 6.68 -2.60 -1.21
CA GLY A 131 7.82 -2.66 -0.29
C GLY A 131 8.63 -1.37 -0.27
N GLU A 132 9.93 -1.49 0.01
CA GLU A 132 10.77 -0.30 0.12
C GLU A 132 11.08 0.36 -1.24
N LYS A 133 11.44 -0.45 -2.23
CA LYS A 133 11.65 0.06 -3.59
C LYS A 133 10.39 0.66 -4.17
N GLY A 134 9.24 0.02 -3.92
CA GLY A 134 7.95 0.52 -4.36
C GLY A 134 7.70 1.90 -3.80
N ALA A 135 7.68 2.01 -2.48
CA ALA A 135 7.53 3.30 -1.76
C ALA A 135 8.51 4.38 -2.23
N LEU A 136 9.74 3.97 -2.59
CA LEU A 136 10.78 4.90 -3.04
C LEU A 136 10.57 5.38 -4.48
N LEU A 137 10.28 4.43 -5.38
CA LEU A 137 10.23 4.68 -6.81
C LEU A 137 8.82 4.82 -7.36
N GLY A 138 7.84 4.22 -6.67
CA GLY A 138 6.47 4.22 -7.15
C GLY A 138 5.71 2.98 -6.72
N PRO A 139 4.82 3.12 -5.73
CA PRO A 139 4.04 2.02 -5.18
C PRO A 139 2.64 1.91 -5.78
N SER A 140 1.98 0.78 -5.55
CA SER A 140 0.56 0.62 -5.82
C SER A 140 -0.18 1.28 -4.67
N MET A 141 -1.25 2.01 -4.96
CA MET A 141 -1.97 2.70 -3.91
C MET A 141 -3.47 2.39 -3.94
N MET A 142 -4.02 2.08 -2.77
CA MET A 142 -5.42 1.71 -2.68
C MET A 142 -6.17 2.62 -1.70
N PRO A 143 -6.46 3.86 -2.13
CA PRO A 143 -7.16 4.86 -1.31
C PRO A 143 -8.63 4.54 -1.21
N GLY A 144 -9.15 4.64 0.00
CA GLY A 144 -10.58 4.55 0.27
C GLY A 144 -10.96 5.64 1.26
N GLY A 145 -12.25 5.98 1.30
CA GLY A 145 -12.70 7.16 2.04
C GLY A 145 -13.75 7.85 1.21
N GLN A 146 -14.13 9.08 1.57
CA GLN A 146 -15.13 9.78 0.77
C GLN A 146 -14.47 10.34 -0.46
N LYS A 147 -15.21 10.36 -1.59
CA LYS A 147 -14.69 10.83 -2.87
C LYS A 147 -14.08 12.23 -2.85
N GLU A 148 -14.61 13.14 -2.02
CA GLU A 148 -14.10 14.52 -2.01
C GLU A 148 -12.71 14.54 -1.41
N ALA A 149 -12.56 13.77 -0.33
CA ALA A 149 -11.28 13.54 0.33
C ALA A 149 -10.27 13.02 -0.67
N TYR A 150 -10.65 11.95 -1.37
CA TYR A 150 -9.79 11.30 -2.34
C TYR A 150 -9.31 12.27 -3.41
N ASP A 151 -10.25 13.03 -3.97
CA ASP A 151 -9.97 14.00 -5.07
C ASP A 151 -8.89 15.05 -4.78
N LEU A 152 -8.70 15.39 -3.50
CA LEU A 152 -7.64 16.31 -3.06
C LEU A 152 -6.25 15.70 -3.09
N VAL A 153 -6.14 14.39 -2.86
CA VAL A 153 -4.83 13.71 -2.84
C VAL A 153 -4.48 12.99 -4.15
N ALA A 154 -5.44 12.92 -5.06
CA ALA A 154 -5.26 12.19 -6.31
C ALA A 154 -4.06 12.74 -7.10
N PRO A 155 -4.00 14.07 -7.36
CA PRO A 155 -2.83 14.69 -8.05
C PRO A 155 -1.47 14.21 -7.56
N ILE A 156 -1.27 14.22 -6.25
CA ILE A 156 0.01 13.80 -5.72
C ILE A 156 0.16 12.26 -5.67
N PHE A 157 -0.94 11.56 -5.43
CA PHE A 157 -0.93 10.11 -5.46
C PHE A 157 -0.53 9.62 -6.86
N GLU A 158 -1.18 10.17 -7.87
CA GLU A 158 -0.83 9.85 -9.24
C GLU A 158 0.67 10.07 -9.52
N GLN A 159 1.22 11.17 -9.01
CA GLN A 159 2.61 11.48 -9.23
C GLN A 159 3.57 10.52 -8.54
N ILE A 160 3.22 10.06 -7.34
CA ILE A 160 4.10 9.18 -6.60
C ILE A 160 3.87 7.71 -6.93
N ALA A 161 2.66 7.41 -7.37
CA ALA A 161 2.28 6.07 -7.79
C ALA A 161 3.12 5.50 -8.95
N ALA A 162 3.38 4.20 -8.90
CA ALA A 162 3.96 3.47 -10.05
C ALA A 162 3.10 3.71 -11.27
N LYS A 163 3.72 3.64 -12.44
CA LYS A 163 2.97 3.72 -13.72
C LYS A 163 2.96 2.36 -14.43
N ALA A 164 1.80 1.94 -14.89
CA ALA A 164 1.67 0.64 -15.55
C ALA A 164 2.47 0.62 -16.82
N PRO A 165 3.30 -0.43 -17.02
CA PRO A 165 4.23 -0.40 -18.16
C PRO A 165 3.51 -0.53 -19.52
N GLN A 166 2.34 -1.19 -19.54
CA GLN A 166 1.53 -1.34 -20.77
C GLN A 166 0.89 -0.05 -21.26
N ASP A 167 0.55 0.87 -20.35
CA ASP A 167 -0.17 2.08 -20.77
C ASP A 167 0.15 3.36 -20.00
N GLY A 168 0.99 3.24 -18.99
CA GLY A 168 1.42 4.42 -18.24
C GLY A 168 0.36 4.98 -17.29
N LYS A 169 -0.76 4.27 -17.19
CA LYS A 169 -1.80 4.62 -16.23
C LYS A 169 -1.33 4.35 -14.80
N PRO A 170 -1.46 5.38 -13.91
CA PRO A 170 -0.93 5.33 -12.55
C PRO A 170 -1.60 4.23 -11.73
N CYS A 171 -0.82 3.53 -10.91
CA CYS A 171 -1.33 2.43 -10.10
C CYS A 171 -1.91 2.94 -8.78
N VAL A 172 -2.95 3.76 -8.92
CA VAL A 172 -3.76 4.31 -7.84
C VAL A 172 -5.09 4.62 -8.48
N ALA A 173 -6.18 4.28 -7.79
CA ALA A 173 -7.53 4.67 -8.18
C ALA A 173 -8.39 4.69 -6.93
N TYR A 174 -9.57 5.30 -7.03
CA TYR A 174 -10.50 5.32 -5.91
C TYR A 174 -11.14 3.93 -5.73
N MET A 175 -11.01 3.39 -4.52
CA MET A 175 -11.55 2.07 -4.19
C MET A 175 -13.02 2.10 -3.74
N GLY A 176 -13.35 3.04 -2.86
CA GLY A 176 -14.72 3.25 -2.41
C GLY A 176 -14.79 3.89 -1.04
N ALA A 177 -16.00 3.99 -0.51
CA ALA A 177 -16.27 4.59 0.79
C ALA A 177 -15.41 4.03 1.94
N ASN A 178 -15.13 4.87 2.93
CA ASN A 178 -14.50 4.46 4.20
C ASN A 178 -13.39 3.39 4.11
N GLY A 179 -13.72 2.14 4.46
CA GLY A 179 -12.70 1.11 4.60
C GLY A 179 -12.29 0.38 3.33
N ALA A 180 -12.93 0.71 2.22
CA ALA A 180 -12.77 -0.03 0.95
C ALA A 180 -11.30 -0.29 0.64
N GLY A 181 -10.48 0.78 0.73
CA GLY A 181 -9.06 0.75 0.46
C GLY A 181 -8.26 -0.27 1.27
N HIS A 182 -8.20 -0.07 2.59
CA HIS A 182 -7.46 -1.02 3.43
C HIS A 182 -7.92 -2.45 3.20
N TYR A 183 -9.23 -2.60 3.02
CA TYR A 183 -9.78 -3.91 2.70
C TYR A 183 -9.11 -4.46 1.45
N VAL A 184 -9.10 -3.67 0.37
CA VAL A 184 -8.45 -4.09 -0.86
C VAL A 184 -6.99 -4.54 -0.61
N LYS A 185 -6.19 -3.72 0.07
CA LYS A 185 -4.81 -4.11 0.37
C LYS A 185 -4.67 -5.43 1.18
N MET A 186 -5.58 -5.67 2.13
CA MET A 186 -5.63 -6.95 2.86
C MET A 186 -5.85 -8.14 1.92
N VAL A 187 -6.67 -7.96 0.90
CA VAL A 187 -6.83 -8.98 -0.13
C VAL A 187 -5.57 -9.10 -1.01
N HIS A 188 -4.92 -7.97 -1.30
CA HIS A 188 -3.61 -7.99 -1.94
C HIS A 188 -2.65 -8.92 -1.16
N ASN A 189 -2.44 -8.64 0.12
CA ASN A 189 -1.61 -9.48 0.99
C ASN A 189 -2.07 -10.95 1.12
N GLY A 190 -3.39 -11.15 1.15
CA GLY A 190 -3.96 -12.50 1.08
C GLY A 190 -3.44 -13.28 -0.12
N ILE A 191 -3.66 -12.74 -1.32
CA ILE A 191 -3.16 -13.32 -2.58
C ILE A 191 -1.63 -13.49 -2.55
N GLU A 192 -0.96 -12.53 -1.94
CA GLU A 192 0.47 -12.59 -1.79
C GLU A 192 0.92 -13.87 -1.06
N TYR A 193 0.25 -14.23 0.03
CA TYR A 193 0.64 -15.40 0.82
C TYR A 193 0.43 -16.64 -0.01
N GLY A 194 -0.64 -16.64 -0.81
CA GLY A 194 -0.91 -17.74 -1.73
C GLY A 194 0.25 -17.93 -2.69
N ASP A 195 0.43 -16.97 -3.59
CA ASP A 195 1.60 -16.94 -4.47
C ASP A 195 2.89 -17.43 -3.82
N MET A 196 3.20 -16.93 -2.61
CA MET A 196 4.43 -17.30 -1.92
C MET A 196 4.47 -18.76 -1.46
N GLN A 197 3.37 -19.25 -0.87
CA GLN A 197 3.29 -20.67 -0.56
C GLN A 197 3.29 -21.57 -1.82
N LEU A 198 2.61 -21.14 -2.89
CA LEU A 198 2.71 -21.85 -4.14
C LEU A 198 4.15 -21.82 -4.64
N ILE A 199 4.84 -20.69 -4.45
CA ILE A 199 6.25 -20.61 -4.89
C ILE A 199 7.15 -21.55 -4.07
N ALA A 200 7.08 -21.39 -2.75
CA ALA A 200 7.78 -22.25 -1.82
C ALA A 200 7.55 -23.73 -2.09
N GLU A 201 6.31 -24.14 -2.29
CA GLU A 201 6.04 -25.56 -2.55
C GLU A 201 6.77 -26.06 -3.78
N SER A 202 6.92 -25.21 -4.79
CA SER A 202 7.58 -25.59 -6.05
C SER A 202 9.09 -25.67 -5.84
N TYR A 203 9.61 -24.75 -5.05
CA TYR A 203 10.97 -24.83 -4.55
C TYR A 203 11.18 -26.22 -3.96
N ASP A 204 10.39 -26.60 -2.94
CA ASP A 204 10.43 -27.95 -2.36
C ASP A 204 10.40 -29.08 -3.39
N LEU A 205 9.36 -29.12 -4.22
CA LEU A 205 9.26 -30.15 -5.22
C LEU A 205 10.57 -30.33 -6.01
N LEU A 206 11.11 -29.21 -6.49
CA LEU A 206 12.31 -29.22 -7.32
C LEU A 206 13.54 -29.68 -6.53
N LYS A 207 13.73 -29.07 -5.37
CA LYS A 207 14.86 -29.36 -4.49
C LYS A 207 14.79 -30.77 -3.91
N ARG A 208 13.58 -31.23 -3.60
CA ARG A 208 13.45 -32.51 -2.87
C ARG A 208 13.11 -33.73 -3.69
N ILE A 209 12.42 -33.57 -4.81
CA ILE A 209 12.12 -34.73 -5.65
C ILE A 209 13.09 -34.82 -6.82
N LEU A 210 13.30 -33.71 -7.53
CA LEU A 210 14.29 -33.67 -8.60
C LEU A 210 15.71 -33.39 -8.06
N GLY A 211 15.84 -33.42 -6.74
CA GLY A 211 17.12 -33.17 -6.07
C GLY A 211 17.98 -32.08 -6.68
N LEU A 212 17.39 -30.93 -6.97
CA LEU A 212 18.09 -29.88 -7.69
C LEU A 212 18.81 -28.87 -6.78
N SER A 213 19.91 -28.32 -7.30
CA SER A 213 20.72 -27.36 -6.58
C SER A 213 20.18 -25.96 -6.81
N ASN A 214 20.63 -25.02 -5.98
CA ASN A 214 20.09 -23.68 -5.99
C ASN A 214 20.31 -22.99 -7.33
N ALA A 215 21.50 -23.15 -7.89
CA ALA A 215 21.82 -22.62 -9.20
C ALA A 215 20.89 -23.24 -10.25
N GLU A 216 20.70 -24.56 -10.19
CA GLU A 216 19.77 -25.27 -11.09
C GLU A 216 18.35 -24.70 -11.00
N ILE A 217 17.90 -24.43 -9.78
CA ILE A 217 16.55 -23.90 -9.53
C ILE A 217 16.46 -22.39 -9.86
N GLN A 218 17.43 -21.62 -9.41
CA GLN A 218 17.50 -20.22 -9.82
C GLN A 218 17.32 -20.10 -11.34
N ALA A 219 17.99 -20.98 -12.08
CA ALA A 219 17.87 -21.02 -13.55
C ALA A 219 16.44 -21.32 -14.04
N ILE A 220 15.73 -22.15 -13.30
CA ILE A 220 14.40 -22.57 -13.68
C ILE A 220 13.39 -21.42 -13.51
N PHE A 221 13.56 -20.66 -12.42
CA PHE A 221 12.70 -19.51 -12.12
C PHE A 221 12.99 -18.34 -13.06
N GLU A 222 14.23 -18.24 -13.53
CA GLU A 222 14.58 -17.31 -14.59
C GLU A 222 13.71 -17.62 -15.81
N GLU A 223 13.86 -18.83 -16.35
CA GLU A 223 13.17 -19.20 -17.59
C GLU A 223 11.65 -19.03 -17.48
N TRP A 224 11.09 -19.38 -16.32
CA TRP A 224 9.66 -19.21 -16.06
C TRP A 224 9.16 -17.76 -16.21
N ASN A 225 9.95 -16.83 -15.70
CA ASN A 225 9.64 -15.40 -15.73
C ASN A 225 9.70 -14.78 -17.15
N GLU A 226 10.17 -15.58 -18.11
CA GLU A 226 10.11 -15.21 -19.52
C GLU A 226 8.73 -15.56 -20.08
N GLY A 227 8.13 -16.62 -19.54
CA GLY A 227 6.79 -17.05 -19.97
C GLY A 227 5.64 -16.26 -19.38
N GLU A 228 4.48 -16.89 -19.30
CA GLU A 228 3.25 -16.28 -18.84
C GLU A 228 3.28 -16.05 -17.31
N LEU A 229 4.20 -16.71 -16.63
CA LEU A 229 4.35 -16.56 -15.19
C LEU A 229 4.99 -15.25 -14.79
N ASP A 230 5.74 -14.64 -15.71
CA ASP A 230 6.33 -13.30 -15.53
C ASP A 230 5.66 -12.48 -14.42
N SER A 231 6.34 -12.39 -13.29
CA SER A 231 5.77 -11.82 -12.09
C SER A 231 6.86 -11.39 -11.16
N TYR A 232 6.55 -10.39 -10.33
CA TYR A 232 7.49 -9.89 -9.30
C TYR A 232 8.02 -10.97 -8.33
N LEU A 233 7.12 -11.78 -7.75
CA LEU A 233 7.55 -12.79 -6.77
C LEU A 233 8.51 -13.86 -7.31
N ILE A 234 8.20 -14.44 -8.48
CA ILE A 234 9.14 -15.33 -9.18
C ILE A 234 10.49 -14.63 -9.42
N GLU A 235 10.43 -13.39 -9.90
CA GLU A 235 11.62 -12.56 -10.10
C GLU A 235 12.47 -12.47 -8.84
N ILE A 236 11.92 -11.91 -7.76
CA ILE A 236 12.66 -11.84 -6.49
C ILE A 236 13.09 -13.20 -5.93
N THR A 237 12.52 -14.29 -6.44
CA THR A 237 12.95 -15.61 -6.01
C THR A 237 14.36 -15.96 -6.52
N LYS A 238 14.52 -15.97 -7.85
CA LYS A 238 15.84 -16.21 -8.45
C LYS A 238 16.87 -15.15 -8.02
N GLU A 239 16.40 -13.95 -7.66
CA GLU A 239 17.29 -12.93 -7.09
C GLU A 239 17.82 -13.38 -5.74
N VAL A 240 16.92 -13.94 -4.92
CA VAL A 240 17.29 -14.53 -3.64
C VAL A 240 18.23 -15.73 -3.82
N LEU A 241 17.82 -16.68 -4.67
CA LEU A 241 18.57 -17.91 -4.86
C LEU A 241 20.04 -17.65 -5.26
N LYS A 242 20.32 -16.46 -5.76
CA LYS A 242 21.67 -16.09 -6.15
C LYS A 242 22.49 -15.89 -4.89
N ARG A 243 22.04 -14.96 -4.07
CA ARG A 243 22.88 -14.39 -3.03
C ARG A 243 23.50 -15.43 -2.08
N LYS A 244 24.74 -15.17 -1.69
CA LYS A 244 25.55 -16.06 -0.83
C LYS A 244 25.55 -15.55 0.59
N ASP A 245 25.69 -16.48 1.54
CA ASP A 245 25.79 -16.15 2.95
C ASP A 245 26.77 -15.00 3.14
N ASP A 246 26.37 -13.99 3.90
CA ASP A 246 27.25 -12.89 4.26
C ASP A 246 28.11 -13.20 5.50
N GLU A 247 27.88 -14.36 6.12
CA GLU A 247 28.65 -14.76 7.31
C GLU A 247 29.21 -16.19 7.28
N GLY A 248 29.24 -16.83 6.12
CA GLY A 248 29.77 -18.19 6.01
C GLY A 248 29.80 -18.62 4.57
N GLU A 249 30.28 -19.83 4.32
CA GLU A 249 30.16 -20.39 2.97
C GLU A 249 28.71 -20.76 2.68
N GLY A 250 28.41 -21.06 1.42
CA GLY A 250 27.06 -21.49 1.03
C GLY A 250 26.00 -20.40 0.84
N TYR A 251 24.87 -20.80 0.27
CA TYR A 251 23.80 -19.87 -0.05
C TYR A 251 23.04 -19.39 1.17
N ILE A 252 22.94 -18.07 1.29
CA ILE A 252 22.10 -17.38 2.29
C ILE A 252 20.75 -18.07 2.52
N VAL A 253 20.01 -18.36 1.45
CA VAL A 253 18.69 -18.96 1.56
C VAL A 253 18.67 -20.35 2.23
N ASP A 254 19.85 -20.90 2.53
CA ASP A 254 19.91 -22.12 3.32
C ASP A 254 20.12 -21.86 4.82
N LYS A 255 20.66 -20.69 5.16
CA LYS A 255 20.94 -20.32 6.55
C LYS A 255 19.81 -19.51 7.23
N ILE A 256 18.71 -19.27 6.53
CA ILE A 256 17.53 -18.64 7.16
C ILE A 256 16.65 -19.77 7.71
N LEU A 257 16.21 -19.57 8.95
CA LEU A 257 15.44 -20.56 9.69
C LEU A 257 14.02 -20.65 9.13
N ASP A 258 13.55 -21.88 8.93
CA ASP A 258 12.25 -22.14 8.30
C ASP A 258 11.10 -21.86 9.29
N LYS A 259 10.92 -20.58 9.58
CA LYS A 259 9.91 -20.13 10.53
C LYS A 259 9.38 -18.80 10.05
N ALA A 260 8.23 -18.85 9.38
CA ALA A 260 7.62 -17.69 8.75
C ALA A 260 7.05 -16.74 9.78
N GLY A 261 7.51 -15.48 9.72
CA GLY A 261 6.89 -14.38 10.44
C GLY A 261 5.64 -13.98 9.68
N ASN A 262 4.75 -13.27 10.34
CA ASN A 262 3.52 -12.86 9.69
C ASN A 262 3.00 -11.67 10.48
N LYS A 263 2.43 -10.71 9.77
CA LYS A 263 2.06 -9.47 10.44
C LYS A 263 0.58 -9.12 10.32
N GLY A 264 -0.26 -10.15 10.26
CA GLY A 264 -1.70 -9.95 10.38
C GLY A 264 -2.57 -9.97 9.13
N THR A 265 -2.13 -9.31 8.06
CA THR A 265 -2.98 -9.11 6.87
C THR A 265 -3.51 -10.39 6.23
N GLY A 266 -2.64 -11.39 6.05
CA GLY A 266 -3.06 -12.70 5.55
C GLY A 266 -4.11 -13.34 6.44
N LYS A 267 -3.87 -13.33 7.75
CA LYS A 267 -4.84 -13.83 8.70
C LYS A 267 -6.18 -13.08 8.56
N TRP A 268 -6.13 -11.77 8.33
CA TRP A 268 -7.33 -10.95 8.27
C TRP A 268 -8.21 -11.31 7.06
N THR A 269 -7.57 -11.59 5.92
CA THR A 269 -8.28 -12.05 4.72
C THR A 269 -9.07 -13.30 5.04
N SER A 270 -8.40 -14.32 5.57
CA SER A 270 -9.10 -15.55 5.93
C SER A 270 -10.27 -15.31 6.89
N GLU A 271 -10.03 -14.53 7.96
CA GLU A 271 -11.10 -14.13 8.89
C GLU A 271 -12.30 -13.56 8.16
N SER A 272 -12.05 -12.62 7.25
CA SER A 272 -13.13 -12.03 6.46
C SER A 272 -13.84 -13.06 5.57
N ALA A 273 -13.08 -13.99 4.95
CA ALA A 273 -13.70 -15.10 4.20
C ALA A 273 -14.67 -15.95 5.06
N LEU A 274 -14.21 -16.44 6.22
CA LEU A 274 -15.08 -17.12 7.16
C LEU A 274 -16.29 -16.25 7.54
N ASP A 275 -16.07 -14.94 7.63
CA ASP A 275 -17.12 -14.04 8.07
C ASP A 275 -18.18 -13.81 6.98
N LEU A 276 -17.76 -13.91 5.72
CA LEU A 276 -18.65 -13.56 4.61
C LEU A 276 -19.28 -14.76 3.94
N GLY A 277 -18.90 -15.96 4.37
CA GLY A 277 -19.38 -17.18 3.73
C GLY A 277 -18.61 -17.50 2.46
N VAL A 278 -17.51 -16.78 2.24
CA VAL A 278 -16.68 -16.96 1.04
C VAL A 278 -15.72 -18.13 1.21
N PRO A 279 -15.70 -19.07 0.24
CA PRO A 279 -14.74 -20.20 0.25
C PRO A 279 -13.35 -19.76 -0.15
N LEU A 280 -12.44 -19.67 0.82
CA LEU A 280 -11.08 -19.20 0.52
C LEU A 280 -10.02 -20.20 0.99
N PRO A 281 -10.06 -21.43 0.44
CA PRO A 281 -9.10 -22.44 0.87
C PRO A 281 -7.63 -22.11 0.67
N LEU A 282 -7.24 -21.61 -0.50
CA LEU A 282 -5.82 -21.59 -0.87
C LEU A 282 -5.03 -20.63 0.03
N ILE A 283 -5.56 -19.43 0.22
CA ILE A 283 -4.89 -18.42 1.01
C ILE A 283 -4.82 -18.85 2.48
N THR A 284 -5.96 -19.35 2.97
CA THR A 284 -6.02 -19.90 4.31
C THR A 284 -5.03 -21.07 4.50
N GLU A 285 -4.85 -21.89 3.48
CA GLU A 285 -3.87 -22.97 3.57
C GLU A 285 -2.46 -22.40 3.70
N SER A 286 -2.16 -21.33 2.96
CA SER A 286 -0.85 -20.72 3.11
C SER A 286 -0.68 -19.98 4.46
N VAL A 287 -1.76 -19.46 5.03
CA VAL A 287 -1.66 -18.87 6.37
C VAL A 287 -1.23 -19.95 7.36
N PHE A 288 -1.86 -21.13 7.23
CA PHE A 288 -1.61 -22.24 8.14
C PHE A 288 -0.25 -22.87 7.87
N ALA A 289 0.17 -22.83 6.60
CA ALA A 289 1.54 -23.18 6.23
C ALA A 289 2.55 -22.30 6.98
N ARG A 290 2.24 -21.01 7.11
CA ARG A 290 3.06 -20.17 7.95
C ARG A 290 3.05 -20.64 9.40
N TYR A 291 1.85 -20.82 9.97
CA TYR A 291 1.69 -21.29 11.35
C TYR A 291 2.52 -22.54 11.63
N ILE A 292 2.21 -23.63 10.92
CA ILE A 292 2.92 -24.89 11.12
C ILE A 292 4.43 -24.80 10.96
N SER A 293 4.93 -23.73 10.32
CA SER A 293 6.36 -23.56 10.21
C SER A 293 6.96 -23.06 11.54
N THR A 294 6.16 -22.38 12.35
CA THR A 294 6.66 -21.88 13.64
C THR A 294 6.77 -23.00 14.67
N TYR A 295 6.16 -24.14 14.33
CA TYR A 295 6.18 -25.34 15.13
C TYR A 295 7.46 -26.17 14.85
N LYS A 296 8.58 -25.48 14.68
CA LYS A 296 9.88 -26.09 14.37
C LYS A 296 10.26 -27.18 15.35
N ASP A 297 10.18 -26.87 16.64
CA ASP A 297 10.50 -27.82 17.72
C ASP A 297 9.80 -29.19 17.63
N GLU A 298 8.49 -29.22 17.36
CA GLU A 298 7.77 -30.50 17.27
C GLU A 298 8.00 -31.16 15.91
N ARG A 299 8.32 -30.34 14.92
CA ARG A 299 8.65 -30.84 13.59
C ARG A 299 9.99 -31.57 13.63
N VAL A 300 10.94 -31.00 14.39
CA VAL A 300 12.22 -31.65 14.66
C VAL A 300 11.96 -32.98 15.39
N LYS A 301 11.14 -32.92 16.45
CA LYS A 301 10.75 -34.11 17.22
C LYS A 301 10.03 -35.16 16.37
N ALA A 302 9.09 -34.71 15.54
CA ALA A 302 8.20 -35.61 14.82
C ALA A 302 8.87 -36.25 13.63
N SER A 303 9.95 -35.61 13.15
CA SER A 303 10.73 -36.12 12.02
C SER A 303 11.43 -37.43 12.38
N LYS A 304 11.74 -37.57 13.66
CA LYS A 304 12.48 -38.72 14.19
C LYS A 304 11.60 -39.92 14.60
N VAL A 305 10.29 -39.79 14.43
CA VAL A 305 9.30 -40.77 14.92
C VAL A 305 8.24 -41.10 13.88
N LEU A 306 7.80 -40.10 13.12
CA LEU A 306 6.78 -40.30 12.09
C LEU A 306 7.38 -40.71 10.75
N SER A 307 7.13 -41.96 10.36
CA SER A 307 7.67 -42.50 9.11
C SER A 307 7.06 -41.86 7.87
N GLY A 308 7.65 -42.11 6.71
CA GLY A 308 7.13 -41.59 5.45
C GLY A 308 7.97 -42.01 4.28
N PRO A 309 7.46 -41.82 3.04
CA PRO A 309 8.19 -42.25 1.84
C PRO A 309 9.57 -41.59 1.71
N ALA A 310 10.58 -42.43 1.54
CA ALA A 310 11.91 -42.00 1.09
C ALA A 310 12.17 -42.62 -0.29
N LEU A 311 11.19 -42.50 -1.19
CA LEU A 311 11.31 -43.08 -2.51
C LEU A 311 11.85 -42.09 -3.55
N ASP A 312 12.96 -42.49 -4.17
CA ASP A 312 13.67 -41.71 -5.18
C ASP A 312 12.91 -41.44 -6.49
N PHE A 313 13.15 -40.28 -7.08
CA PHE A 313 12.55 -39.93 -8.37
C PHE A 313 13.31 -40.56 -9.52
N SER A 314 12.61 -41.32 -10.34
CA SER A 314 13.25 -42.07 -11.44
C SER A 314 12.72 -41.76 -12.84
N GLY A 315 11.99 -40.65 -12.99
CA GLY A 315 11.40 -40.25 -14.28
C GLY A 315 12.15 -39.18 -15.07
N ASP A 316 11.47 -38.59 -16.05
CA ASP A 316 12.08 -37.56 -16.90
C ASP A 316 12.01 -36.18 -16.25
N LYS A 317 13.17 -35.65 -15.85
CA LYS A 317 13.22 -34.40 -15.06
C LYS A 317 12.60 -33.18 -15.73
N LYS A 318 13.02 -32.92 -16.97
CA LYS A 318 12.56 -31.76 -17.73
C LYS A 318 11.03 -31.82 -18.04
N GLU A 319 10.52 -33.03 -18.25
CA GLU A 319 9.08 -33.27 -18.42
C GLU A 319 8.29 -32.88 -17.16
N VAL A 320 8.79 -33.30 -16.00
CA VAL A 320 8.17 -33.01 -14.71
C VAL A 320 8.36 -31.53 -14.28
N ILE A 321 9.44 -30.89 -14.76
CA ILE A 321 9.61 -29.46 -14.49
C ILE A 321 8.56 -28.61 -15.23
N GLU A 322 8.30 -28.93 -16.50
CA GLU A 322 7.24 -28.23 -17.21
C GLU A 322 5.91 -28.45 -16.49
N LYS A 323 5.67 -29.69 -16.06
CA LYS A 323 4.44 -30.06 -15.34
C LYS A 323 4.23 -29.22 -14.07
N ILE A 324 5.31 -28.97 -13.34
CA ILE A 324 5.24 -28.05 -12.21
C ILE A 324 4.92 -26.61 -12.63
N ARG A 325 5.54 -26.11 -13.69
CA ARG A 325 5.29 -24.76 -14.17
C ARG A 325 3.80 -24.54 -14.48
N LYS A 326 3.18 -25.51 -15.14
CA LYS A 326 1.75 -25.48 -15.43
C LYS A 326 0.97 -25.41 -14.11
N ALA A 327 1.29 -26.29 -13.18
CA ALA A 327 0.56 -26.35 -11.91
C ALA A 327 0.70 -25.04 -11.16
N LEU A 328 1.89 -24.44 -11.21
CA LEU A 328 2.13 -23.15 -10.59
C LEU A 328 1.26 -22.06 -11.23
N TYR A 329 1.24 -22.00 -12.55
CA TYR A 329 0.37 -21.08 -13.24
C TYR A 329 -1.09 -21.34 -12.88
N PHE A 330 -1.53 -22.58 -13.09
CA PHE A 330 -2.87 -23.04 -12.71
C PHE A 330 -3.30 -22.58 -11.30
N SER A 331 -2.44 -22.83 -10.31
CA SER A 331 -2.80 -22.62 -8.91
C SER A 331 -2.91 -21.15 -8.57
N LYS A 332 -2.00 -20.37 -9.15
CA LYS A 332 -2.04 -18.90 -9.04
C LYS A 332 -3.42 -18.41 -9.49
N ILE A 333 -3.89 -18.95 -10.60
CA ILE A 333 -5.18 -18.60 -11.12
C ILE A 333 -6.31 -18.94 -10.13
N MET A 334 -6.23 -20.11 -9.50
CA MET A 334 -7.18 -20.50 -8.43
C MET A 334 -7.20 -19.46 -7.30
N SER A 335 -6.01 -19.05 -6.87
CA SER A 335 -5.90 -18.10 -5.79
C SER A 335 -6.63 -16.81 -6.17
N TYR A 336 -6.27 -16.23 -7.32
CA TYR A 336 -6.82 -14.94 -7.71
C TYR A 336 -8.33 -15.00 -7.92
N ALA A 337 -8.80 -16.12 -8.46
CA ALA A 337 -10.23 -16.39 -8.56
C ALA A 337 -10.88 -16.28 -7.18
N GLN A 338 -10.23 -16.90 -6.18
CA GLN A 338 -10.75 -16.93 -4.82
C GLN A 338 -10.75 -15.54 -4.24
N GLY A 339 -9.63 -14.86 -4.47
CA GLY A 339 -9.44 -13.50 -4.00
C GLY A 339 -10.46 -12.56 -4.58
N PHE A 340 -10.77 -12.71 -5.86
CA PHE A 340 -11.66 -11.77 -6.49
C PHE A 340 -13.12 -11.96 -6.10
N ALA A 341 -13.51 -13.23 -5.97
CA ALA A 341 -14.82 -13.60 -5.45
C ALA A 341 -15.06 -13.12 -4.02
N GLN A 342 -14.04 -13.14 -3.17
CA GLN A 342 -14.19 -12.61 -1.82
C GLN A 342 -14.49 -11.12 -1.90
N LEU A 343 -13.66 -10.40 -2.67
CA LEU A 343 -13.86 -8.98 -2.96
C LEU A 343 -15.27 -8.69 -3.48
N ARG A 344 -15.83 -9.60 -4.27
CA ARG A 344 -17.19 -9.42 -4.78
C ARG A 344 -18.17 -9.42 -3.62
N LYS A 345 -18.06 -10.44 -2.77
CA LYS A 345 -18.92 -10.64 -1.62
C LYS A 345 -18.77 -9.50 -0.59
N ALA A 346 -17.52 -9.14 -0.31
CA ALA A 346 -17.22 -8.01 0.56
C ALA A 346 -17.83 -6.72 0.03
N SER A 347 -17.67 -6.46 -1.27
CA SER A 347 -18.22 -5.27 -1.92
C SER A 347 -19.70 -5.09 -1.64
N GLU A 348 -20.47 -6.16 -1.79
CA GLU A 348 -21.90 -6.08 -1.61
C GLU A 348 -22.34 -6.11 -0.13
N GLU A 349 -21.49 -6.64 0.75
CA GLU A 349 -21.73 -6.57 2.20
C GLU A 349 -21.70 -5.13 2.74
N PHE A 350 -20.70 -4.39 2.28
CA PHE A 350 -20.36 -3.10 2.83
C PHE A 350 -20.83 -1.91 1.96
N ASP A 351 -21.57 -2.22 0.88
CA ASP A 351 -22.05 -1.22 -0.09
CA ASP A 351 -22.05 -1.20 -0.06
C ASP A 351 -20.90 -0.35 -0.56
N TRP A 352 -19.94 -0.99 -1.23
CA TRP A 352 -18.73 -0.33 -1.68
C TRP A 352 -18.70 -0.08 -3.15
N ASP A 353 -19.14 -1.05 -3.93
CA ASP A 353 -19.13 -0.98 -5.39
C ASP A 353 -17.68 -0.94 -5.88
N LEU A 354 -16.92 -1.97 -5.51
CA LEU A 354 -15.50 -2.05 -5.80
C LEU A 354 -15.24 -2.19 -7.29
N PRO A 355 -14.28 -1.41 -7.83
CA PRO A 355 -13.95 -1.48 -9.25
C PRO A 355 -12.99 -2.61 -9.59
N TYR A 356 -13.53 -3.82 -9.74
CA TYR A 356 -12.74 -5.04 -9.87
C TYR A 356 -11.68 -4.94 -10.93
N GLY A 357 -12.09 -4.50 -12.13
CA GLY A 357 -11.17 -4.27 -13.24
C GLY A 357 -10.05 -3.29 -12.88
N THR A 358 -10.44 -2.12 -12.35
CA THR A 358 -9.48 -1.11 -11.93
C THR A 358 -8.46 -1.75 -11.00
N ILE A 359 -8.96 -2.45 -9.96
CA ILE A 359 -8.09 -3.14 -8.99
C ILE A 359 -7.02 -3.99 -9.66
N ALA A 360 -7.39 -4.71 -10.70
CA ALA A 360 -6.38 -5.45 -11.43
C ALA A 360 -5.40 -4.48 -12.10
N GLN A 361 -5.92 -3.42 -12.73
CA GLN A 361 -5.10 -2.42 -13.48
C GLN A 361 -4.00 -1.77 -12.64
N ILE A 362 -4.36 -1.33 -11.44
CA ILE A 362 -3.43 -0.66 -10.51
C ILE A 362 -2.48 -1.64 -9.82
N TRP A 363 -2.69 -2.94 -10.09
CA TRP A 363 -1.82 -3.96 -9.52
C TRP A 363 -0.69 -4.36 -10.49
N ARG A 364 -0.70 -3.77 -11.69
CA ARG A 364 0.32 -4.07 -12.71
C ARG A 364 1.76 -3.66 -12.33
N ALA A 365 1.89 -2.73 -11.37
CA ALA A 365 3.20 -2.19 -11.00
C ALA A 365 3.27 -1.70 -9.53
N GLY A 366 4.48 -1.63 -8.99
CA GLY A 366 4.67 -1.09 -7.65
C GLY A 366 3.87 -1.92 -6.67
N CYS A 367 3.91 -3.22 -6.89
CA CYS A 367 2.94 -4.13 -6.34
C CYS A 367 3.67 -5.45 -6.18
N ILE A 368 3.61 -6.04 -4.98
CA ILE A 368 4.26 -7.33 -4.76
C ILE A 368 3.65 -8.45 -5.63
N ILE A 369 2.33 -8.41 -5.83
CA ILE A 369 1.66 -9.36 -6.72
C ILE A 369 1.50 -8.78 -8.12
N ARG A 370 2.38 -7.84 -8.47
CA ARG A 370 2.63 -7.51 -9.86
C ARG A 370 2.92 -8.80 -10.63
N ALA A 371 2.18 -8.96 -11.71
CA ALA A 371 2.31 -10.11 -12.60
C ALA A 371 1.74 -9.73 -13.97
N GLU A 372 2.33 -10.27 -15.02
CA GLU A 372 1.86 -9.99 -16.38
C GLU A 372 0.40 -10.40 -16.57
N PHE A 373 -0.05 -11.46 -15.91
CA PHE A 373 -1.36 -12.03 -16.24
C PHE A 373 -2.56 -11.28 -15.61
N LEU A 374 -2.26 -10.21 -14.86
CA LEU A 374 -3.27 -9.30 -14.32
C LEU A 374 -4.06 -8.60 -15.43
N GLN A 375 -3.39 -8.22 -16.51
CA GLN A 375 -4.08 -7.58 -17.63
C GLN A 375 -5.28 -8.43 -18.04
N ASN A 376 -5.06 -9.75 -18.06
CA ASN A 376 -6.08 -10.70 -18.44
C ASN A 376 -7.29 -10.64 -17.53
N ILE A 377 -7.03 -10.43 -16.23
CA ILE A 377 -8.09 -10.21 -15.25
C ILE A 377 -8.87 -8.95 -15.60
N THR A 378 -8.17 -7.90 -16.06
CA THR A 378 -8.87 -6.66 -16.45
C THR A 378 -9.81 -6.88 -17.65
N ASP A 379 -9.28 -7.43 -18.75
CA ASP A 379 -10.11 -7.88 -19.87
C ASP A 379 -11.40 -8.54 -19.38
N ALA A 380 -11.24 -9.57 -18.55
CA ALA A 380 -12.36 -10.37 -18.05
C ALA A 380 -13.45 -9.49 -17.46
N PHE A 381 -13.06 -8.45 -16.75
CA PHE A 381 -14.04 -7.53 -16.13
C PHE A 381 -14.51 -6.41 -17.07
N ASP A 382 -13.67 -6.01 -18.04
CA ASP A 382 -14.12 -5.08 -19.10
C ASP A 382 -15.25 -5.79 -19.83
N LYS A 383 -15.01 -7.08 -20.11
CA LYS A 383 -15.94 -7.97 -20.83
C LYS A 383 -17.28 -8.16 -20.10
N ASP A 384 -17.21 -8.27 -18.78
CA ASP A 384 -18.40 -8.32 -17.93
C ASP A 384 -18.03 -7.93 -16.50
N SER A 385 -18.43 -6.73 -16.09
CA SER A 385 -18.12 -6.21 -14.76
C SER A 385 -18.78 -7.05 -13.63
N GLU A 386 -19.88 -7.71 -13.97
CA GLU A 386 -20.61 -8.53 -13.02
C GLU A 386 -20.18 -10.02 -12.99
N LEU A 387 -19.04 -10.31 -13.62
CA LEU A 387 -18.43 -11.64 -13.58
C LEU A 387 -18.38 -12.18 -12.14
N GLU A 388 -18.77 -13.44 -11.96
CA GLU A 388 -18.94 -14.04 -10.62
C GLU A 388 -17.68 -14.71 -10.07
N ASN A 389 -16.94 -15.35 -10.97
CA ASN A 389 -15.66 -15.98 -10.64
C ASN A 389 -14.84 -15.95 -11.92
N LEU A 390 -13.53 -15.77 -11.78
CA LEU A 390 -12.65 -15.59 -12.94
C LEU A 390 -12.55 -16.84 -13.78
N LEU A 391 -12.89 -17.98 -13.20
CA LEU A 391 -12.72 -19.25 -13.86
C LEU A 391 -13.68 -19.40 -15.02
N LEU A 392 -14.76 -18.62 -14.99
CA LEU A 392 -15.80 -18.62 -16.01
C LEU A 392 -15.36 -17.91 -17.30
N ASP A 393 -14.42 -16.98 -17.17
CA ASP A 393 -13.92 -16.28 -18.33
C ASP A 393 -13.04 -17.15 -19.25
N ASP A 394 -13.35 -17.06 -20.55
CA ASP A 394 -12.62 -17.76 -21.63
C ASP A 394 -11.12 -17.90 -21.40
N TYR A 395 -10.41 -16.77 -21.36
CA TYR A 395 -8.96 -16.84 -21.26
C TYR A 395 -8.53 -17.88 -20.21
N PHE A 396 -9.25 -17.91 -19.10
CA PHE A 396 -8.97 -18.82 -17.98
C PHE A 396 -9.63 -20.20 -18.15
N VAL A 397 -10.81 -20.25 -18.78
CA VAL A 397 -11.43 -21.54 -19.12
C VAL A 397 -10.41 -22.34 -19.89
N ASP A 398 -9.77 -21.68 -20.86
CA ASP A 398 -8.76 -22.31 -21.68
C ASP A 398 -7.56 -22.83 -20.88
N ILE A 399 -6.92 -21.94 -20.11
CA ILE A 399 -5.75 -22.34 -19.36
C ILE A 399 -6.01 -23.55 -18.46
N THR A 400 -7.12 -23.52 -17.73
CA THR A 400 -7.48 -24.62 -16.83
C THR A 400 -7.63 -25.95 -17.60
N LYS A 401 -8.39 -25.90 -18.69
CA LYS A 401 -8.59 -27.05 -19.57
C LYS A 401 -7.27 -27.68 -20.01
N ARG A 402 -6.30 -26.82 -20.38
CA ARG A 402 -5.01 -27.28 -20.91
C ARG A 402 -4.00 -27.72 -19.83
N TYR A 403 -4.15 -27.18 -18.62
CA TYR A 403 -3.20 -27.44 -17.53
C TYR A 403 -3.69 -28.41 -16.45
N GLN A 404 -5.00 -28.59 -16.29
CA GLN A 404 -5.50 -29.46 -15.22
C GLN A 404 -4.92 -30.89 -15.19
N GLU A 405 -4.86 -31.57 -16.35
CA GLU A 405 -4.26 -32.93 -16.40
C GLU A 405 -2.84 -32.95 -15.78
N ALA A 406 -2.05 -31.93 -16.09
CA ALA A 406 -0.69 -31.80 -15.55
C ALA A 406 -0.69 -31.61 -14.04
N VAL A 407 -1.50 -30.68 -13.54
CA VAL A 407 -1.67 -30.44 -12.11
C VAL A 407 -1.84 -31.78 -11.42
N ARG A 408 -2.86 -32.53 -11.85
CA ARG A 408 -3.15 -33.83 -11.28
C ARG A 408 -1.91 -34.70 -11.15
N ASP A 409 -1.05 -34.71 -12.17
CA ASP A 409 0.15 -35.55 -12.14
C ASP A 409 1.17 -35.06 -11.12
N VAL A 410 1.27 -33.74 -11.00
CA VAL A 410 2.20 -33.11 -10.05
C VAL A 410 1.74 -33.39 -8.62
N VAL A 411 0.44 -33.29 -8.39
CA VAL A 411 -0.16 -33.55 -7.08
C VAL A 411 0.06 -35.01 -6.69
N SER A 412 -0.15 -35.92 -7.64
CA SER A 412 0.06 -37.33 -7.44
C SER A 412 1.53 -37.68 -7.11
N LEU A 413 2.45 -37.21 -7.94
CA LEU A 413 3.87 -37.42 -7.71
C LEU A 413 4.31 -36.93 -6.34
N ALA A 414 3.88 -35.71 -5.98
CA ALA A 414 4.28 -35.03 -4.73
C ALA A 414 3.73 -35.69 -3.47
N VAL A 415 2.52 -36.24 -3.56
CA VAL A 415 1.92 -36.98 -2.44
C VAL A 415 2.64 -38.32 -2.27
N GLN A 416 2.77 -39.09 -3.35
CA GLN A 416 3.48 -40.37 -3.31
C GLN A 416 4.95 -40.21 -2.89
N ALA A 417 5.51 -39.02 -3.12
CA ALA A 417 6.88 -38.76 -2.67
C ALA A 417 6.94 -38.07 -1.29
N GLY A 418 5.82 -38.10 -0.56
CA GLY A 418 5.78 -37.61 0.82
C GLY A 418 6.14 -36.14 1.02
N THR A 419 6.10 -35.36 -0.07
CA THR A 419 6.48 -33.94 -0.01
C THR A 419 5.25 -33.02 0.08
N PRO A 420 5.23 -32.12 1.09
CA PRO A 420 3.96 -31.52 1.50
C PRO A 420 3.54 -30.36 0.61
N ILE A 421 2.43 -30.53 -0.08
CA ILE A 421 1.97 -29.49 -1.00
C ILE A 421 0.54 -29.00 -0.66
N PRO A 422 0.39 -28.29 0.47
CA PRO A 422 -0.93 -27.90 0.95
C PRO A 422 -1.70 -27.02 -0.04
N THR A 423 -1.05 -25.99 -0.57
CA THR A 423 -1.74 -25.08 -1.48
C THR A 423 -1.92 -25.69 -2.87
N PHE A 424 -0.99 -26.53 -3.30
CA PHE A 424 -1.16 -27.29 -4.54
C PHE A 424 -2.33 -28.26 -4.48
N THR A 425 -2.45 -29.02 -3.39
CA THR A 425 -3.62 -29.88 -3.24
C THR A 425 -4.90 -29.04 -3.14
N SER A 426 -4.82 -27.91 -2.46
CA SER A 426 -5.96 -27.01 -2.38
C SER A 426 -6.45 -26.60 -3.78
N ALA A 427 -5.51 -26.23 -4.66
CA ALA A 427 -5.84 -25.75 -6.00
C ALA A 427 -6.71 -26.71 -6.80
N ILE A 428 -6.32 -27.97 -6.87
CA ILE A 428 -7.12 -28.93 -7.64
C ILE A 428 -8.48 -29.28 -6.98
N SER A 429 -8.49 -29.41 -5.64
CA SER A 429 -9.73 -29.60 -4.86
C SER A 429 -10.79 -28.51 -5.14
N TYR A 430 -10.35 -27.25 -5.08
CA TYR A 430 -11.19 -26.09 -5.34
C TYR A 430 -11.77 -26.13 -6.76
N TYR A 431 -10.89 -26.33 -7.72
CA TYR A 431 -11.28 -26.48 -9.11
C TYR A 431 -12.24 -27.65 -9.28
N ASP A 432 -11.99 -28.76 -8.60
CA ASP A 432 -12.86 -29.92 -8.77
C ASP A 432 -14.21 -29.76 -8.08
N SER A 433 -14.23 -29.03 -6.97
CA SER A 433 -15.49 -28.64 -6.32
C SER A 433 -16.25 -27.58 -7.11
N TYR A 434 -15.55 -26.55 -7.56
CA TYR A 434 -16.23 -25.45 -8.27
C TYR A 434 -16.96 -25.94 -9.51
N ARG A 435 -16.42 -26.96 -10.17
CA ARG A 435 -17.00 -27.47 -11.43
C ARG A 435 -17.99 -28.63 -11.27
N SER A 436 -18.27 -29.05 -10.03
CA SER A 436 -19.26 -30.12 -9.82
C SER A 436 -20.63 -29.51 -9.72
N GLU A 437 -21.54 -29.96 -10.59
CA GLU A 437 -22.96 -29.70 -10.42
C GLU A 437 -23.53 -30.28 -9.11
N ASN A 438 -22.94 -31.36 -8.61
CA ASN A 438 -23.40 -31.98 -7.36
C ASN A 438 -22.27 -32.35 -6.41
N LEU A 439 -22.30 -31.77 -5.22
CA LEU A 439 -21.34 -32.12 -4.17
C LEU A 439 -22.01 -32.95 -3.06
N PRO A 440 -21.19 -33.62 -2.24
CA PRO A 440 -21.78 -34.48 -1.21
C PRO A 440 -22.42 -33.71 -0.04
N ALA A 441 -22.57 -32.39 -0.21
CA ALA A 441 -23.30 -31.58 0.75
C ALA A 441 -24.70 -32.18 0.99
N ASN A 442 -25.24 -32.86 -0.03
CA ASN A 442 -26.50 -33.58 0.13
C ASN A 442 -26.48 -34.48 1.37
N LEU A 443 -25.43 -35.29 1.51
CA LEU A 443 -25.35 -36.20 2.65
C LEU A 443 -25.27 -35.42 3.95
N ILE A 444 -24.39 -34.43 3.98
CA ILE A 444 -24.19 -33.55 5.13
C ILE A 444 -25.54 -32.97 5.62
N GLN A 445 -26.28 -32.35 4.71
CA GLN A 445 -27.58 -31.79 4.99
C GLN A 445 -28.49 -32.86 5.57
N ALA A 446 -28.52 -34.04 4.93
CA ALA A 446 -29.32 -35.16 5.41
C ALA A 446 -28.98 -35.43 6.87
N GLN A 447 -27.70 -35.58 7.16
CA GLN A 447 -27.24 -35.75 8.53
C GLN A 447 -27.79 -34.68 9.45
N ARG A 448 -27.58 -33.41 9.09
CA ARG A 448 -28.04 -32.27 9.91
C ARG A 448 -29.54 -32.35 10.24
N ASP A 449 -30.35 -32.76 9.26
CA ASP A 449 -31.80 -32.94 9.47
C ASP A 449 -32.07 -34.14 10.36
N TYR A 450 -31.23 -35.15 10.24
CA TYR A 450 -31.43 -36.38 10.94
C TYR A 450 -31.28 -36.17 12.44
N PHE A 451 -30.12 -35.72 12.90
CA PHE A 451 -29.88 -35.61 14.34
C PHE A 451 -30.36 -34.28 14.96
N GLY A 452 -30.61 -33.27 14.14
CA GLY A 452 -30.89 -31.95 14.65
C GLY A 452 -32.07 -31.20 14.06
N ALA A 453 -32.85 -31.87 13.21
CA ALA A 453 -34.10 -31.31 12.69
C ALA A 453 -33.91 -30.04 11.90
N HIS A 454 -32.72 -29.85 11.35
CA HIS A 454 -32.33 -28.57 10.79
C HIS A 454 -33.03 -28.15 9.49
N THR A 455 -33.84 -29.04 8.90
CA THR A 455 -34.52 -28.82 7.60
C THR A 455 -33.54 -28.82 6.43
N TYR A 456 -34.07 -28.78 5.20
CA TYR A 456 -33.26 -28.87 3.98
C TYR A 456 -34.06 -28.44 2.75
N GLU A 457 -33.36 -28.12 1.66
CA GLU A 457 -34.01 -27.90 0.37
C GLU A 457 -34.00 -29.18 -0.48
N ARG A 458 -34.91 -29.23 -1.46
CA ARG A 458 -35.07 -30.35 -2.38
C ARG A 458 -34.56 -30.04 -3.78
N THR A 459 -34.32 -31.08 -4.57
CA THR A 459 -33.75 -30.90 -5.90
C THR A 459 -34.84 -30.61 -6.91
N ASP A 460 -36.07 -30.98 -6.58
CA ASP A 460 -37.17 -31.01 -7.53
C ASP A 460 -38.30 -29.99 -7.33
N LYS A 461 -38.34 -29.33 -6.18
CA LYS A 461 -39.42 -28.39 -5.86
C LYS A 461 -38.92 -27.35 -4.88
N ALA A 462 -39.54 -26.17 -4.89
CA ALA A 462 -39.14 -25.10 -3.97
C ALA A 462 -39.69 -25.37 -2.56
N GLY A 463 -39.20 -24.60 -1.58
CA GLY A 463 -39.63 -24.69 -0.18
C GLY A 463 -38.63 -25.37 0.72
N ILE A 464 -38.83 -25.25 2.03
CA ILE A 464 -37.99 -25.96 3.00
C ILE A 464 -38.77 -27.15 3.54
N PHE A 465 -38.07 -28.28 3.73
CA PHE A 465 -38.68 -29.56 4.11
C PHE A 465 -37.95 -30.18 5.28
N HIS A 466 -38.68 -30.95 6.08
CA HIS A 466 -38.10 -31.79 7.12
C HIS A 466 -38.53 -33.24 6.87
N TYR A 467 -37.65 -34.21 7.16
CA TYR A 467 -37.99 -35.61 6.96
C TYR A 467 -38.25 -36.29 8.30
N ASP A 468 -39.40 -36.94 8.42
CA ASP A 468 -39.72 -37.67 9.63
C ASP A 468 -38.85 -38.91 9.65
N TRP A 469 -37.70 -38.80 10.29
CA TRP A 469 -36.69 -39.86 10.25
C TRP A 469 -36.98 -40.98 11.25
N TYR A 470 -38.12 -40.93 11.90
CA TYR A 470 -38.47 -41.93 12.90
C TYR A 470 -39.90 -42.48 12.66
N THR A 471 -40.07 -43.45 11.91
N HIS B 1 -44.67 -20.76 48.48
CA HIS B 1 -43.87 -21.04 47.24
C HIS B 1 -42.48 -20.39 47.29
N MET B 2 -42.26 -19.61 48.35
CA MET B 2 -41.01 -18.87 48.57
C MET B 2 -39.85 -19.85 48.93
N ALA B 3 -38.70 -19.70 48.25
CA ALA B 3 -37.50 -20.53 48.49
C ALA B 3 -37.68 -22.07 48.46
N GLN B 4 -38.65 -22.53 47.66
CA GLN B 4 -39.00 -23.94 47.51
C GLN B 4 -38.10 -24.76 46.58
N ALA B 5 -37.59 -24.13 45.53
CA ALA B 5 -36.98 -24.82 44.38
C ALA B 5 -35.45 -24.99 44.49
N ASN B 6 -34.96 -26.14 44.05
CA ASN B 6 -33.54 -26.49 44.18
C ASN B 6 -32.66 -25.90 43.08
N PHE B 7 -33.25 -25.72 41.91
CA PHE B 7 -32.57 -25.34 40.68
C PHE B 7 -33.63 -24.60 39.85
N GLY B 8 -33.19 -23.65 39.02
CA GLY B 8 -34.09 -22.91 38.15
C GLY B 8 -33.63 -22.87 36.71
N VAL B 9 -34.59 -22.71 35.80
CA VAL B 9 -34.30 -22.60 34.35
C VAL B 9 -35.09 -21.43 33.76
N VAL B 10 -34.39 -20.58 33.01
CA VAL B 10 -35.03 -19.50 32.26
C VAL B 10 -34.86 -19.80 30.78
N GLY B 11 -35.98 -19.85 30.06
CA GLY B 11 -36.01 -20.17 28.64
C GLY B 11 -36.80 -21.46 28.45
N MET B 12 -38.05 -21.33 28.01
CA MET B 12 -38.89 -22.50 27.82
C MET B 12 -39.15 -22.89 26.36
N ALA B 13 -38.19 -22.56 25.49
CA ALA B 13 -38.06 -23.22 24.20
C ALA B 13 -37.78 -24.71 24.47
N VAL B 14 -37.78 -25.55 23.44
CA VAL B 14 -37.62 -26.99 23.67
C VAL B 14 -36.39 -27.31 24.51
N MET B 15 -35.28 -26.65 24.24
CA MET B 15 -34.03 -26.92 24.94
C MET B 15 -34.15 -26.73 26.46
N GLY B 16 -34.47 -25.52 26.89
CA GLY B 16 -34.63 -25.24 28.31
C GLY B 16 -35.66 -26.16 28.94
N LYS B 17 -36.84 -26.19 28.35
CA LYS B 17 -37.92 -27.03 28.83
C LYS B 17 -37.40 -28.44 29.12
N ASN B 18 -36.77 -29.05 28.12
CA ASN B 18 -36.22 -30.43 28.21
C ASN B 18 -35.21 -30.61 29.33
N LEU B 19 -34.39 -29.59 29.50
CA LEU B 19 -33.39 -29.57 30.54
C LEU B 19 -34.07 -29.53 31.90
N ALA B 20 -35.03 -28.62 32.05
CA ALA B 20 -35.80 -28.51 33.26
C ALA B 20 -36.48 -29.83 33.60
N LEU B 21 -36.96 -30.54 32.57
CA LEU B 21 -37.58 -31.83 32.75
C LEU B 21 -36.57 -32.87 33.16
N ASN B 22 -35.40 -32.85 32.51
CA ASN B 22 -34.30 -33.72 32.88
C ASN B 22 -33.99 -33.55 34.38
N VAL B 23 -33.75 -32.31 34.80
CA VAL B 23 -33.34 -32.01 36.16
C VAL B 23 -34.41 -32.40 37.14
N GLU B 24 -35.66 -32.05 36.83
CA GLU B 24 -36.78 -32.52 37.63
C GLU B 24 -36.79 -34.04 37.83
N SER B 25 -36.63 -34.80 36.76
CA SER B 25 -36.68 -36.27 36.87
C SER B 25 -35.63 -36.90 37.80
N ARG B 26 -34.56 -36.16 38.11
CA ARG B 26 -33.52 -36.64 39.03
C ARG B 26 -33.83 -36.42 40.53
N GLY B 27 -35.00 -35.89 40.84
CA GLY B 27 -35.48 -35.74 42.21
C GLY B 27 -35.51 -34.35 42.79
N TYR B 28 -35.73 -33.35 41.94
CA TYR B 28 -35.66 -31.96 42.38
C TYR B 28 -36.94 -31.20 42.11
N THR B 29 -37.15 -30.13 42.87
CA THR B 29 -38.14 -29.12 42.51
C THR B 29 -37.40 -28.13 41.64
N VAL B 30 -38.02 -27.73 40.53
CA VAL B 30 -37.35 -26.87 39.57
C VAL B 30 -38.26 -25.74 39.15
N ALA B 31 -37.78 -24.50 39.29
CA ALA B 31 -38.55 -23.34 38.87
C ALA B 31 -38.22 -23.03 37.41
N ILE B 32 -39.28 -22.82 36.64
CA ILE B 32 -39.21 -22.53 35.22
C ILE B 32 -39.75 -21.12 34.99
N TYR B 33 -39.04 -20.34 34.20
CA TYR B 33 -39.50 -19.04 33.77
C TYR B 33 -39.22 -18.83 32.28
N ASN B 34 -40.14 -18.16 31.60
CA ASN B 34 -39.91 -17.70 30.24
C ASN B 34 -40.42 -16.27 30.05
N ARG B 35 -39.78 -15.53 29.14
CA ARG B 35 -40.27 -14.20 28.78
C ARG B 35 -41.72 -14.18 28.29
N THR B 36 -42.11 -15.09 27.39
CA THR B 36 -43.49 -15.15 26.91
C THR B 36 -44.26 -16.15 27.75
N THR B 37 -45.03 -15.65 28.72
CA THR B 37 -45.69 -16.50 29.70
C THR B 37 -46.44 -17.70 29.15
N SER B 38 -47.17 -17.51 28.04
CA SER B 38 -47.96 -18.59 27.45
C SER B 38 -47.12 -19.84 27.12
N LYS B 39 -45.80 -19.68 27.08
CA LYS B 39 -44.90 -20.82 26.88
C LYS B 39 -44.68 -21.56 28.20
N THR B 40 -44.30 -20.80 29.25
CA THR B 40 -44.18 -21.29 30.62
C THR B 40 -45.44 -22.05 31.02
N GLU B 41 -46.57 -21.35 30.92
CA GLU B 41 -47.90 -21.85 31.23
C GLU B 41 -48.20 -23.11 30.41
N GLU B 42 -47.94 -23.05 29.11
CA GLU B 42 -48.12 -24.20 28.24
C GLU B 42 -47.32 -25.40 28.77
N VAL B 43 -46.07 -25.17 29.18
CA VAL B 43 -45.24 -26.21 29.79
C VAL B 43 -45.83 -26.71 31.12
N PHE B 44 -46.30 -25.81 31.96
CA PHE B 44 -46.86 -26.20 33.26
C PHE B 44 -48.03 -27.19 33.18
N LYS B 45 -48.97 -26.92 32.28
CA LYS B 45 -50.14 -27.77 32.11
C LYS B 45 -49.84 -29.16 31.58
N GLU B 46 -48.88 -29.27 30.68
CA GLU B 46 -48.48 -30.57 30.14
C GLU B 46 -47.74 -31.38 31.19
N HIS B 47 -47.13 -30.70 32.17
CA HIS B 47 -46.27 -31.37 33.15
C HIS B 47 -46.56 -31.08 34.63
N GLN B 48 -47.84 -30.89 34.92
CA GLN B 48 -48.42 -30.64 36.25
C GLN B 48 -48.12 -31.72 37.32
N ASP B 49 -47.99 -32.98 36.88
CA ASP B 49 -47.60 -34.12 37.73
C ASP B 49 -46.15 -34.04 38.19
N LYS B 50 -45.33 -33.32 37.43
CA LYS B 50 -43.95 -33.06 37.79
C LYS B 50 -43.90 -31.98 38.86
N ASN B 51 -42.72 -31.83 39.46
CA ASN B 51 -42.47 -30.88 40.52
C ASN B 51 -41.90 -29.57 39.99
N LEU B 52 -42.43 -29.09 38.88
CA LEU B 52 -42.06 -27.79 38.34
C LEU B 52 -42.78 -26.69 39.10
N VAL B 53 -42.11 -25.55 39.33
CA VAL B 53 -42.72 -24.38 39.96
C VAL B 53 -42.97 -23.28 38.92
N PHE B 54 -44.23 -22.91 38.73
CA PHE B 54 -44.63 -21.95 37.70
C PHE B 54 -44.41 -20.51 38.15
N THR B 55 -43.68 -19.71 37.37
CA THR B 55 -43.40 -18.32 37.74
C THR B 55 -43.70 -17.30 36.62
N LYS B 56 -44.35 -16.20 36.98
CA LYS B 56 -44.84 -15.20 36.04
C LYS B 56 -43.87 -14.06 35.78
N THR B 57 -43.11 -13.67 36.81
CA THR B 57 -42.16 -12.57 36.68
C THR B 57 -40.81 -13.02 37.20
N LEU B 58 -39.75 -12.33 36.76
CA LEU B 58 -38.40 -12.54 37.32
C LEU B 58 -38.44 -12.60 38.84
N GLU B 59 -39.04 -11.58 39.46
CA GLU B 59 -39.25 -11.52 40.91
C GLU B 59 -39.69 -12.81 41.59
N GLU B 60 -40.75 -13.43 41.06
CA GLU B 60 -41.34 -14.66 41.60
C GLU B 60 -40.30 -15.77 41.52
N PHE B 61 -39.65 -15.84 40.35
CA PHE B 61 -38.64 -16.83 40.00
C PHE B 61 -37.42 -16.76 40.91
N VAL B 62 -36.75 -15.60 40.93
CA VAL B 62 -35.60 -15.41 41.81
C VAL B 62 -36.02 -15.71 43.24
N GLY B 63 -37.21 -15.24 43.60
CA GLY B 63 -37.75 -15.40 44.95
C GLY B 63 -38.05 -16.83 45.35
N SER B 64 -38.27 -17.69 44.35
CA SER B 64 -38.63 -19.08 44.60
C SER B 64 -37.44 -20.00 44.85
N LEU B 65 -36.22 -19.51 44.62
CA LEU B 65 -35.02 -20.37 44.64
C LEU B 65 -34.17 -20.42 45.94
N GLU B 66 -33.97 -21.63 46.47
CA GLU B 66 -33.04 -21.86 47.59
C GLU B 66 -31.72 -21.17 47.34
N LYS B 67 -31.03 -20.79 48.42
CA LYS B 67 -29.74 -20.12 48.31
C LYS B 67 -28.58 -21.04 48.70
N PRO B 68 -27.43 -20.94 48.00
CA PRO B 68 -27.13 -20.15 46.81
C PRO B 68 -28.03 -20.51 45.61
N ARG B 69 -28.52 -19.52 44.89
CA ARG B 69 -29.42 -19.79 43.78
C ARG B 69 -28.68 -20.34 42.56
N ARG B 70 -29.15 -21.48 42.05
CA ARG B 70 -28.57 -22.10 40.87
C ARG B 70 -29.53 -21.97 39.73
N ILE B 71 -29.22 -21.04 38.83
CA ILE B 71 -30.11 -20.67 37.72
C ILE B 71 -29.43 -20.99 36.41
N MET B 72 -30.07 -21.81 35.59
CA MET B 72 -29.55 -22.07 34.26
C MET B 72 -30.28 -21.24 33.22
N LEU B 73 -29.51 -20.52 32.41
CA LEU B 73 -30.05 -19.74 31.32
C LEU B 73 -29.95 -20.51 30.02
N MET B 74 -31.10 -20.75 29.40
CA MET B 74 -31.19 -21.37 28.08
C MET B 74 -31.92 -20.43 27.11
N VAL B 75 -31.43 -19.21 27.00
CA VAL B 75 -32.02 -18.24 26.08
C VAL B 75 -31.14 -18.06 24.83
N GLN B 76 -31.60 -17.23 23.90
CA GLN B 76 -30.87 -16.98 22.65
C GLN B 76 -29.49 -16.36 22.90
N ALA B 77 -28.47 -16.93 22.25
CA ALA B 77 -27.09 -16.46 22.40
C ALA B 77 -26.95 -15.02 21.89
N GLY B 78 -26.25 -14.18 22.67
CA GLY B 78 -25.97 -12.81 22.26
C GLY B 78 -26.74 -11.75 23.03
N ALA B 79 -27.20 -10.72 22.33
CA ALA B 79 -27.91 -9.61 22.99
C ALA B 79 -28.97 -10.13 23.98
N ALA B 80 -29.61 -11.24 23.64
CA ALA B 80 -30.70 -11.76 24.46
C ALA B 80 -30.22 -12.18 25.83
N THR B 81 -29.06 -12.82 25.87
CA THR B 81 -28.52 -13.39 27.10
C THR B 81 -28.06 -12.27 28.01
N ASP B 82 -27.38 -11.27 27.44
CA ASP B 82 -27.01 -10.07 28.18
C ASP B 82 -28.24 -9.33 28.66
N ALA B 83 -29.28 -9.27 27.84
CA ALA B 83 -30.53 -8.70 28.29
C ALA B 83 -31.02 -9.43 29.52
N THR B 84 -31.08 -10.76 29.44
CA THR B 84 -31.60 -11.59 30.53
C THR B 84 -30.76 -11.45 31.81
N ILE B 85 -29.45 -11.48 31.62
CA ILE B 85 -28.50 -11.30 32.70
C ILE B 85 -28.74 -9.98 33.45
N LYS B 86 -28.89 -8.89 32.68
CA LYS B 86 -29.17 -7.55 33.21
C LYS B 86 -30.48 -7.50 34.02
N SER B 87 -31.47 -8.30 33.61
CA SER B 87 -32.76 -8.33 34.29
C SER B 87 -32.73 -9.05 35.63
N LEU B 88 -31.75 -9.92 35.81
CA LEU B 88 -31.66 -10.76 37.00
C LEU B 88 -30.75 -10.16 38.04
N LEU B 89 -29.74 -9.44 37.57
CA LEU B 89 -28.71 -8.87 38.44
C LEU B 89 -29.27 -8.13 39.65
N PRO B 90 -30.27 -7.24 39.47
CA PRO B 90 -30.77 -6.54 40.64
C PRO B 90 -31.33 -7.51 41.69
N LEU B 91 -32.16 -8.44 41.24
CA LEU B 91 -32.87 -9.38 42.13
C LEU B 91 -31.99 -10.44 42.82
N LEU B 92 -30.80 -10.70 42.28
CA LEU B 92 -29.91 -11.73 42.82
C LEU B 92 -29.19 -11.33 44.10
N ASP B 93 -28.56 -12.30 44.76
CA ASP B 93 -27.72 -12.06 45.95
C ASP B 93 -26.30 -12.55 45.72
N ILE B 94 -25.35 -12.00 46.48
CA ILE B 94 -23.94 -12.43 46.42
C ILE B 94 -23.82 -13.95 46.61
N GLY B 95 -22.97 -14.58 45.81
CA GLY B 95 -22.76 -16.02 45.92
C GLY B 95 -23.69 -16.86 45.06
N ASP B 96 -24.78 -16.27 44.56
CA ASP B 96 -25.66 -16.95 43.60
C ASP B 96 -24.90 -17.33 42.33
N ILE B 97 -25.29 -18.45 41.74
CA ILE B 97 -24.59 -19.03 40.59
C ILE B 97 -25.47 -18.99 39.34
N LEU B 98 -25.16 -18.09 38.39
CA LEU B 98 -25.80 -18.10 37.06
C LEU B 98 -25.11 -19.09 36.11
N ILE B 99 -25.89 -19.80 35.31
CA ILE B 99 -25.33 -20.77 34.36
C ILE B 99 -25.85 -20.50 32.96
N ASP B 100 -24.94 -20.23 32.03
CA ASP B 100 -25.32 -20.10 30.62
C ASP B 100 -25.01 -21.37 29.82
N GLY B 101 -26.05 -22.16 29.54
CA GLY B 101 -25.91 -23.37 28.74
C GLY B 101 -26.27 -23.21 27.27
N GLY B 102 -26.16 -21.98 26.76
CA GLY B 102 -26.40 -21.70 25.34
C GLY B 102 -25.15 -21.93 24.51
N ASN B 103 -25.31 -22.00 23.18
CA ASN B 103 -24.18 -22.14 22.28
C ASN B 103 -23.50 -20.79 22.09
N THR B 104 -22.83 -20.36 23.17
CA THR B 104 -22.25 -19.03 23.35
C THR B 104 -20.82 -18.94 22.81
N HIS B 105 -20.49 -17.80 22.22
CA HIS B 105 -19.15 -17.53 21.73
C HIS B 105 -18.22 -17.20 22.91
N PHE B 106 -17.11 -17.92 23.04
CA PHE B 106 -16.35 -17.86 24.32
C PHE B 106 -16.02 -16.46 24.89
N PRO B 107 -15.59 -15.49 24.06
CA PRO B 107 -15.32 -14.18 24.66
C PRO B 107 -16.52 -13.58 25.42
N ASP B 108 -17.75 -13.76 24.91
CA ASP B 108 -18.98 -13.37 25.62
C ASP B 108 -19.00 -13.88 27.07
N THR B 109 -18.63 -15.14 27.26
CA THR B 109 -18.60 -15.78 28.58
C THR B 109 -17.44 -15.23 29.39
N MET B 110 -16.32 -14.98 28.73
CA MET B 110 -15.15 -14.49 29.44
C MET B 110 -15.43 -13.10 30.02
N ARG B 111 -16.17 -12.30 29.25
CA ARG B 111 -16.57 -10.94 29.61
C ARG B 111 -17.61 -10.96 30.72
N ARG B 112 -18.62 -11.81 30.56
CA ARG B 112 -19.72 -11.88 31.51
C ARG B 112 -19.24 -12.40 32.88
N ASN B 113 -18.50 -13.51 32.86
CA ASN B 113 -17.86 -14.11 34.04
C ASN B 113 -17.19 -13.03 34.89
N ALA B 114 -16.35 -12.21 34.25
CA ALA B 114 -15.60 -11.14 34.90
C ALA B 114 -16.48 -9.99 35.45
N GLU B 115 -17.41 -9.51 34.63
CA GLU B 115 -18.33 -8.45 35.05
C GLU B 115 -19.03 -8.86 36.33
N LEU B 116 -19.64 -10.04 36.31
CA LEU B 116 -20.50 -10.48 37.40
C LEU B 116 -19.73 -10.79 38.69
N ALA B 117 -18.46 -11.18 38.56
CA ALA B 117 -17.61 -11.43 39.72
C ALA B 117 -17.47 -10.17 40.58
N ASP B 118 -17.56 -9.01 39.93
CA ASP B 118 -17.57 -7.73 40.63
C ASP B 118 -18.83 -7.54 41.41
N SER B 119 -19.95 -8.02 40.87
CA SER B 119 -21.23 -7.96 41.57
C SER B 119 -21.44 -9.10 42.59
N GLY B 120 -20.42 -9.95 42.74
CA GLY B 120 -20.46 -11.08 43.67
C GLY B 120 -20.98 -12.39 43.07
N ILE B 121 -21.65 -12.25 41.93
CA ILE B 121 -22.33 -13.35 41.27
C ILE B 121 -21.36 -14.28 40.53
N ASN B 122 -21.54 -15.59 40.73
CA ASN B 122 -20.76 -16.60 40.00
C ASN B 122 -21.40 -16.86 38.63
N PHE B 123 -20.58 -17.22 37.65
CA PHE B 123 -21.07 -17.44 36.29
C PHE B 123 -20.41 -18.66 35.64
N ILE B 124 -21.24 -19.66 35.31
CA ILE B 124 -20.76 -20.89 34.67
C ILE B 124 -21.21 -20.94 33.22
N GLY B 125 -20.30 -20.60 32.30
CA GLY B 125 -20.50 -20.86 30.88
C GLY B 125 -20.37 -22.37 30.62
N THR B 126 -21.43 -22.96 30.09
CA THR B 126 -21.53 -24.40 29.95
C THR B 126 -22.07 -24.79 28.58
N GLY B 127 -21.29 -25.59 27.86
CA GLY B 127 -21.69 -26.11 26.56
C GLY B 127 -22.58 -27.30 26.80
N VAL B 128 -23.68 -27.38 26.05
CA VAL B 128 -24.61 -28.48 26.17
C VAL B 128 -24.80 -29.10 24.79
N SER B 129 -24.15 -30.24 24.54
CA SER B 129 -24.29 -30.94 23.26
C SER B 129 -25.46 -31.92 23.31
N GLY B 130 -25.82 -32.46 22.15
CA GLY B 130 -26.82 -33.53 22.08
C GLY B 130 -28.22 -33.11 21.68
N GLY B 131 -28.42 -31.81 21.46
CA GLY B 131 -29.68 -31.27 20.95
C GLY B 131 -30.83 -31.37 21.91
N GLU B 132 -32.03 -31.40 21.38
CA GLU B 132 -33.22 -31.42 22.23
C GLU B 132 -33.43 -32.76 22.93
N LYS B 133 -33.13 -33.86 22.22
CA LYS B 133 -33.21 -35.19 22.80
C LYS B 133 -32.21 -35.39 23.96
N GLY B 134 -30.96 -34.94 23.79
CA GLY B 134 -29.97 -34.99 24.88
C GLY B 134 -30.34 -34.13 26.09
N ALA B 135 -30.79 -32.90 25.82
CA ALA B 135 -31.24 -31.98 26.85
C ALA B 135 -32.29 -32.62 27.75
N LEU B 136 -33.16 -33.43 27.17
CA LEU B 136 -34.15 -34.19 27.92
C LEU B 136 -33.61 -35.46 28.61
N LEU B 137 -32.71 -36.20 27.96
CA LEU B 137 -32.30 -37.55 28.43
C LEU B 137 -30.86 -37.70 28.94
N GLY B 138 -29.94 -36.88 28.43
CA GLY B 138 -28.54 -37.01 28.76
C GLY B 138 -27.67 -36.22 27.80
N PRO B 139 -27.36 -34.98 28.16
CA PRO B 139 -26.38 -34.26 27.37
C PRO B 139 -24.96 -34.49 27.85
N SER B 140 -24.01 -34.26 26.94
CA SER B 140 -22.59 -34.12 27.25
C SER B 140 -22.42 -32.65 27.59
N MET B 141 -21.71 -32.32 28.66
CA MET B 141 -21.65 -30.91 29.08
C MET B 141 -20.25 -30.39 29.37
N MET B 142 -20.00 -29.16 28.96
CA MET B 142 -18.70 -28.58 29.14
C MET B 142 -18.80 -27.26 29.90
N PRO B 143 -18.84 -27.33 31.26
CA PRO B 143 -18.86 -26.15 32.11
C PRO B 143 -17.50 -25.53 32.37
N GLY B 144 -17.48 -24.21 32.54
CA GLY B 144 -16.32 -23.49 33.00
C GLY B 144 -16.78 -22.32 33.86
N GLY B 145 -15.95 -21.96 34.82
CA GLY B 145 -16.22 -20.82 35.70
C GLY B 145 -15.53 -20.96 37.05
N GLN B 146 -15.98 -20.19 38.04
CA GLN B 146 -15.50 -20.36 39.40
C GLN B 146 -15.67 -21.83 39.79
N LYS B 147 -14.55 -22.45 40.16
CA LYS B 147 -14.49 -23.88 40.53
C LYS B 147 -15.31 -24.22 41.79
N GLU B 148 -15.39 -23.27 42.71
CA GLU B 148 -16.10 -23.43 43.98
C GLU B 148 -17.59 -23.48 43.68
N ALA B 149 -18.04 -22.57 42.81
CA ALA B 149 -19.45 -22.47 42.45
C ALA B 149 -19.87 -23.66 41.63
N TYR B 150 -18.98 -24.08 40.74
CA TYR B 150 -19.24 -25.25 39.94
C TYR B 150 -19.42 -26.51 40.79
N ASP B 151 -18.55 -26.69 41.78
CA ASP B 151 -18.66 -27.85 42.69
C ASP B 151 -20.06 -28.02 43.29
N LEU B 152 -20.76 -26.90 43.49
CA LEU B 152 -22.13 -26.90 44.00
C LEU B 152 -23.16 -27.23 42.92
N VAL B 153 -22.77 -27.07 41.65
CA VAL B 153 -23.65 -27.35 40.52
C VAL B 153 -23.40 -28.77 40.01
N ALA B 154 -22.15 -29.23 40.13
CA ALA B 154 -21.70 -30.52 39.62
C ALA B 154 -22.64 -31.71 39.92
N PRO B 155 -23.10 -31.84 41.18
CA PRO B 155 -23.97 -33.01 41.43
C PRO B 155 -25.16 -33.13 40.44
N ILE B 156 -25.90 -32.04 40.22
CA ILE B 156 -27.03 -32.09 39.30
C ILE B 156 -26.55 -32.43 37.89
N PHE B 157 -25.62 -31.63 37.38
CA PHE B 157 -25.02 -31.87 36.07
C PHE B 157 -24.61 -33.32 35.93
N GLU B 158 -24.07 -33.91 37.00
CA GLU B 158 -23.61 -35.28 36.90
C GLU B 158 -24.72 -36.30 36.88
N GLN B 159 -25.81 -35.98 37.58
CA GLN B 159 -27.00 -36.83 37.55
C GLN B 159 -27.73 -36.74 36.21
N ILE B 160 -27.78 -35.55 35.60
CA ILE B 160 -28.48 -35.39 34.31
C ILE B 160 -27.62 -35.69 33.08
N ALA B 161 -26.30 -35.61 33.20
CA ALA B 161 -25.40 -35.88 32.09
C ALA B 161 -25.62 -37.24 31.46
N ALA B 162 -25.22 -37.38 30.20
CA ALA B 162 -25.24 -38.69 29.54
C ALA B 162 -24.24 -39.59 30.22
N LYS B 163 -24.53 -40.87 30.25
CA LYS B 163 -23.62 -41.85 30.85
C LYS B 163 -22.92 -42.67 29.78
N ALA B 164 -21.60 -42.67 29.80
CA ALA B 164 -20.80 -43.46 28.86
C ALA B 164 -21.10 -44.98 28.96
N PRO B 165 -21.56 -45.59 27.86
CA PRO B 165 -21.89 -47.01 27.92
C PRO B 165 -20.75 -47.96 28.32
N GLN B 166 -19.50 -47.51 28.25
CA GLN B 166 -18.44 -48.41 28.60
C GLN B 166 -18.20 -48.49 30.11
N ASP B 167 -18.60 -47.45 30.84
CA ASP B 167 -18.36 -47.40 32.29
C ASP B 167 -19.33 -46.54 33.09
N GLY B 168 -20.39 -46.05 32.45
CA GLY B 168 -21.39 -45.24 33.13
C GLY B 168 -20.83 -43.96 33.72
N LYS B 169 -19.65 -43.55 33.27
CA LYS B 169 -19.10 -42.28 33.68
C LYS B 169 -19.86 -41.11 33.06
N PRO B 170 -20.29 -40.13 33.88
CA PRO B 170 -21.05 -38.97 33.42
C PRO B 170 -20.27 -38.17 32.41
N CYS B 171 -20.91 -37.80 31.30
CA CYS B 171 -20.23 -36.97 30.31
C CYS B 171 -20.26 -35.48 30.68
N VAL B 172 -19.63 -35.18 31.82
CA VAL B 172 -19.50 -33.83 32.35
C VAL B 172 -18.34 -33.78 33.35
N ALA B 173 -17.56 -32.71 33.26
CA ALA B 173 -16.40 -32.47 34.10
C ALA B 173 -16.04 -31.01 33.96
N TYR B 174 -15.41 -30.47 34.99
CA TYR B 174 -15.03 -29.08 34.99
C TYR B 174 -13.92 -28.82 33.96
N MET B 175 -14.12 -27.84 33.10
CA MET B 175 -13.07 -27.51 32.13
C MET B 175 -11.96 -26.58 32.67
N GLY B 176 -12.35 -25.58 33.45
CA GLY B 176 -11.41 -24.56 33.92
C GLY B 176 -12.19 -23.29 34.18
N ALA B 177 -11.47 -22.19 34.43
CA ALA B 177 -12.08 -20.89 34.79
C ALA B 177 -12.75 -20.15 33.61
N ASN B 178 -13.44 -19.06 33.95
CA ASN B 178 -14.15 -18.21 32.98
C ASN B 178 -14.85 -18.95 31.84
N GLY B 179 -14.25 -18.91 30.64
CA GLY B 179 -14.89 -19.38 29.41
C GLY B 179 -14.39 -20.70 28.84
N ALA B 180 -13.54 -21.40 29.60
CA ALA B 180 -12.96 -22.70 29.19
C ALA B 180 -14.00 -23.73 28.75
N GLY B 181 -15.17 -23.67 29.38
CA GLY B 181 -16.25 -24.58 29.06
C GLY B 181 -16.72 -24.35 27.66
N HIS B 182 -17.10 -23.10 27.37
CA HIS B 182 -17.58 -22.74 26.05
C HIS B 182 -16.55 -22.89 24.93
N TYR B 183 -15.26 -22.73 25.27
CA TYR B 183 -14.19 -22.97 24.30
C TYR B 183 -14.10 -24.45 23.90
N VAL B 184 -14.15 -25.35 24.89
CA VAL B 184 -14.17 -26.80 24.63
C VAL B 184 -15.34 -27.15 23.73
N LYS B 185 -16.48 -26.53 24.00
CA LYS B 185 -17.69 -26.80 23.24
C LYS B 185 -17.50 -26.36 21.79
N MET B 186 -16.77 -25.27 21.60
CA MET B 186 -16.53 -24.76 20.27
C MET B 186 -15.71 -25.78 19.45
N VAL B 187 -14.55 -26.18 19.99
CA VAL B 187 -13.68 -27.13 19.31
C VAL B 187 -14.46 -28.38 18.94
N HIS B 188 -15.25 -28.86 19.90
CA HIS B 188 -16.22 -29.92 19.65
C HIS B 188 -17.03 -29.65 18.36
N ASN B 189 -17.67 -28.48 18.27
CA ASN B 189 -18.46 -28.11 17.07
C ASN B 189 -17.62 -28.03 15.81
N GLY B 190 -16.37 -27.59 15.95
CA GLY B 190 -15.46 -27.56 14.83
C GLY B 190 -15.23 -28.97 14.34
N ILE B 191 -14.83 -29.83 15.29
CA ILE B 191 -14.50 -31.24 15.05
C ILE B 191 -15.62 -31.94 14.29
N GLU B 192 -16.85 -31.62 14.68
CA GLU B 192 -18.09 -32.14 14.07
C GLU B 192 -18.13 -31.83 12.57
N TYR B 193 -17.72 -30.62 12.22
CA TYR B 193 -17.63 -30.18 10.83
C TYR B 193 -16.61 -31.03 10.06
N GLY B 194 -15.54 -31.43 10.75
CA GLY B 194 -14.48 -32.23 10.16
C GLY B 194 -14.97 -33.63 9.81
N ASP B 195 -15.42 -34.36 10.82
CA ASP B 195 -16.02 -35.67 10.67
C ASP B 195 -17.07 -35.69 9.57
N MET B 196 -18.04 -34.78 9.63
CA MET B 196 -19.11 -34.75 8.64
C MET B 196 -18.61 -34.60 7.22
N GLN B 197 -17.61 -33.72 7.03
CA GLN B 197 -16.98 -33.54 5.74
C GLN B 197 -16.19 -34.79 5.32
N LEU B 198 -15.44 -35.35 6.27
CA LEU B 198 -14.66 -36.55 6.00
C LEU B 198 -15.55 -37.72 5.56
N ILE B 199 -16.71 -37.87 6.20
CA ILE B 199 -17.69 -38.88 5.75
C ILE B 199 -18.20 -38.52 4.36
N ALA B 200 -18.60 -37.25 4.16
CA ALA B 200 -19.04 -36.77 2.86
C ALA B 200 -18.07 -37.18 1.74
N GLU B 201 -16.77 -36.93 1.95
CA GLU B 201 -15.74 -37.27 0.96
C GLU B 201 -15.66 -38.77 0.69
N SER B 202 -15.80 -39.58 1.75
CA SER B 202 -15.80 -41.03 1.63
C SER B 202 -16.98 -41.44 0.78
N TYR B 203 -18.17 -41.01 1.18
CA TYR B 203 -19.37 -41.29 0.40
C TYR B 203 -19.16 -40.89 -1.05
N ASP B 204 -18.73 -39.65 -1.30
CA ASP B 204 -18.54 -39.15 -2.67
C ASP B 204 -17.65 -40.06 -3.52
N LEU B 205 -16.57 -40.58 -2.92
CA LEU B 205 -15.64 -41.47 -3.61
C LEU B 205 -16.29 -42.79 -4.04
N LEU B 206 -16.84 -43.53 -3.08
CA LEU B 206 -17.56 -44.76 -3.38
C LEU B 206 -18.69 -44.55 -4.39
N LYS B 207 -19.43 -43.45 -4.27
CA LYS B 207 -20.55 -43.19 -5.17
C LYS B 207 -20.07 -42.93 -6.60
N ARG B 208 -19.02 -42.13 -6.73
CA ARG B 208 -18.62 -41.59 -8.02
C ARG B 208 -17.55 -42.38 -8.71
N ILE B 209 -16.51 -42.75 -7.98
CA ILE B 209 -15.42 -43.52 -8.55
C ILE B 209 -15.83 -44.98 -8.74
N LEU B 210 -16.24 -45.64 -7.66
CA LEU B 210 -16.59 -47.06 -7.72
C LEU B 210 -18.01 -47.32 -8.20
N GLY B 211 -18.68 -46.28 -8.70
CA GLY B 211 -20.06 -46.37 -9.17
C GLY B 211 -20.97 -47.16 -8.24
N LEU B 212 -20.73 -47.07 -6.94
CA LEU B 212 -21.51 -47.83 -5.98
C LEU B 212 -22.93 -47.31 -5.79
N SER B 213 -23.85 -48.21 -5.45
CA SER B 213 -25.25 -47.85 -5.22
C SER B 213 -25.49 -47.51 -3.74
N ASN B 214 -26.52 -46.71 -3.46
CA ASN B 214 -26.82 -46.37 -2.07
C ASN B 214 -26.78 -47.61 -1.19
N ALA B 215 -27.44 -48.67 -1.63
CA ALA B 215 -27.55 -49.93 -0.89
C ALA B 215 -26.17 -50.56 -0.65
N GLU B 216 -25.34 -50.56 -1.68
CA GLU B 216 -23.94 -50.99 -1.59
C GLU B 216 -23.18 -50.10 -0.60
N ILE B 217 -23.42 -48.80 -0.68
CA ILE B 217 -22.73 -47.82 0.18
C ILE B 217 -23.14 -47.99 1.64
N GLN B 218 -24.42 -48.30 1.85
CA GLN B 218 -24.94 -48.62 3.18
C GLN B 218 -24.12 -49.72 3.85
N ALA B 219 -24.07 -50.89 3.17
CA ALA B 219 -23.31 -52.04 3.62
C ALA B 219 -21.88 -51.72 4.05
N ILE B 220 -21.19 -50.86 3.29
CA ILE B 220 -19.81 -50.53 3.60
C ILE B 220 -19.69 -49.79 4.95
N PHE B 221 -20.49 -48.75 5.16
CA PHE B 221 -20.46 -47.97 6.40
C PHE B 221 -20.85 -48.89 7.55
N GLU B 222 -21.90 -49.70 7.32
CA GLU B 222 -22.32 -50.76 8.25
C GLU B 222 -21.16 -51.62 8.74
N GLU B 223 -20.30 -52.03 7.82
CA GLU B 223 -19.15 -52.87 8.15
C GLU B 223 -18.09 -52.06 8.85
N TRP B 224 -17.65 -51.00 8.20
CA TRP B 224 -16.67 -50.07 8.75
C TRP B 224 -16.96 -49.71 10.21
N ASN B 225 -18.24 -49.54 10.54
CA ASN B 225 -18.63 -49.16 11.90
C ASN B 225 -18.40 -50.27 12.93
N GLU B 226 -18.32 -51.53 12.47
CA GLU B 226 -17.96 -52.65 13.37
C GLU B 226 -16.50 -52.55 13.85
N GLY B 227 -15.67 -51.80 13.13
CA GLY B 227 -14.24 -51.78 13.41
C GLY B 227 -13.82 -50.63 14.29
N GLU B 228 -12.61 -50.13 14.03
CA GLU B 228 -12.00 -49.06 14.81
C GLU B 228 -12.66 -47.67 14.62
N LEU B 229 -13.22 -47.43 13.44
CA LEU B 229 -13.92 -46.16 13.14
C LEU B 229 -15.09 -45.91 14.08
N ASP B 230 -15.92 -46.93 14.24
CA ASP B 230 -17.09 -46.97 15.14
C ASP B 230 -17.47 -45.65 15.75
N SER B 231 -18.54 -45.07 15.21
CA SER B 231 -18.93 -43.70 15.48
C SER B 231 -20.40 -43.50 15.15
N TYR B 232 -21.06 -42.66 15.94
CA TYR B 232 -22.49 -42.44 15.78
C TYR B 232 -22.78 -41.82 14.41
N LEU B 233 -21.88 -40.95 13.96
CA LEU B 233 -22.03 -40.31 12.66
C LEU B 233 -22.07 -41.32 11.51
N ILE B 234 -21.21 -42.33 11.57
CA ILE B 234 -21.21 -43.36 10.56
C ILE B 234 -22.52 -44.13 10.68
N GLU B 235 -22.95 -44.39 11.91
CA GLU B 235 -24.25 -45.02 12.14
C GLU B 235 -25.42 -44.19 11.58
N ILE B 236 -25.35 -42.87 11.71
CA ILE B 236 -26.35 -41.98 11.08
C ILE B 236 -26.33 -42.10 9.54
N THR B 237 -25.14 -42.24 8.98
CA THR B 237 -25.02 -42.28 7.54
C THR B 237 -25.69 -43.51 6.95
N LYS B 238 -25.41 -44.68 7.51
CA LYS B 238 -26.05 -45.90 7.04
C LYS B 238 -27.54 -45.88 7.33
N GLU B 239 -27.97 -45.17 8.36
CA GLU B 239 -29.39 -44.99 8.58
C GLU B 239 -30.01 -44.11 7.49
N VAL B 240 -29.39 -42.97 7.17
CA VAL B 240 -29.98 -42.08 6.13
C VAL B 240 -30.01 -42.71 4.73
N LEU B 241 -29.05 -43.60 4.46
CA LEU B 241 -29.00 -44.23 3.15
C LEU B 241 -30.10 -45.29 2.94
N LYS B 242 -30.67 -45.81 4.03
CA LYS B 242 -31.81 -46.71 3.90
C LYS B 242 -33.07 -46.06 3.36
N ARG B 243 -33.29 -44.76 3.66
CA ARG B 243 -34.64 -44.18 3.60
C ARG B 243 -35.14 -43.80 2.22
N LYS B 244 -36.40 -44.14 1.97
CA LYS B 244 -37.08 -43.78 0.71
C LYS B 244 -37.45 -42.33 0.72
N ASP B 245 -37.57 -41.75 -0.47
CA ASP B 245 -38.09 -40.39 -0.62
C ASP B 245 -39.53 -40.39 -0.12
N ASP B 246 -39.91 -39.37 0.65
CA ASP B 246 -41.28 -39.26 1.12
C ASP B 246 -42.21 -38.53 0.13
N GLU B 247 -41.64 -37.93 -0.91
CA GLU B 247 -42.44 -37.15 -1.88
C GLU B 247 -42.23 -37.58 -3.33
N GLY B 248 -41.61 -38.74 -3.51
CA GLY B 248 -41.37 -39.26 -4.86
C GLY B 248 -40.72 -40.62 -4.82
N GLU B 249 -40.17 -41.04 -5.94
CA GLU B 249 -39.47 -42.33 -6.05
C GLU B 249 -38.04 -42.22 -5.58
N GLY B 250 -37.51 -43.29 -4.99
CA GLY B 250 -36.08 -43.37 -4.71
C GLY B 250 -35.65 -43.10 -3.28
N TYR B 251 -34.53 -42.41 -3.14
CA TYR B 251 -33.92 -42.17 -1.83
C TYR B 251 -33.96 -40.70 -1.47
N ILE B 252 -34.35 -40.41 -0.23
CA ILE B 252 -34.37 -39.03 0.24
C ILE B 252 -33.00 -38.38 0.13
N VAL B 253 -31.95 -39.14 0.40
CA VAL B 253 -30.59 -38.63 0.30
C VAL B 253 -30.28 -38.00 -1.08
N ASP B 254 -30.90 -38.51 -2.14
CA ASP B 254 -30.63 -38.02 -3.51
C ASP B 254 -31.52 -36.86 -3.90
N LYS B 255 -32.42 -36.51 -3.01
CA LYS B 255 -33.37 -35.45 -3.28
C LYS B 255 -33.06 -34.18 -2.47
N ILE B 256 -32.11 -34.27 -1.55
CA ILE B 256 -31.78 -33.17 -0.65
C ILE B 256 -30.73 -32.29 -1.29
N LEU B 257 -31.09 -31.05 -1.63
CA LEU B 257 -30.19 -30.14 -2.34
C LEU B 257 -28.82 -30.07 -1.68
N ASP B 258 -27.76 -30.04 -2.48
CA ASP B 258 -26.39 -29.96 -1.95
C ASP B 258 -25.96 -28.52 -1.65
N LYS B 259 -26.69 -27.86 -0.75
CA LYS B 259 -26.37 -26.51 -0.29
C LYS B 259 -26.35 -26.52 1.22
N ALA B 260 -25.19 -26.20 1.80
CA ALA B 260 -24.99 -26.38 3.25
C ALA B 260 -25.49 -25.24 4.13
N GLY B 261 -25.67 -25.61 5.42
CA GLY B 261 -26.43 -24.86 6.40
C GLY B 261 -25.78 -23.59 6.92
N ASN B 262 -26.61 -22.57 7.10
CA ASN B 262 -26.21 -21.20 7.42
C ASN B 262 -25.23 -21.02 8.57
N LYS B 263 -24.09 -20.47 8.18
CA LYS B 263 -23.12 -19.78 9.03
C LYS B 263 -23.77 -18.52 9.60
N GLY B 264 -23.97 -18.48 10.92
CA GLY B 264 -23.72 -19.63 11.77
C GLY B 264 -22.43 -19.59 12.59
N THR B 265 -22.24 -20.65 13.34
CA THR B 265 -21.36 -20.64 14.47
C THR B 265 -20.16 -21.55 14.22
N GLY B 266 -20.24 -22.32 13.14
CA GLY B 266 -19.24 -23.34 12.82
C GLY B 266 -17.88 -22.79 12.44
N LYS B 267 -17.84 -21.49 12.14
CA LYS B 267 -16.60 -20.81 11.75
C LYS B 267 -15.69 -20.46 12.92
N TRP B 268 -16.23 -20.58 14.13
CA TRP B 268 -15.56 -20.08 15.34
C TRP B 268 -14.25 -20.77 15.65
N THR B 269 -14.24 -22.07 15.50
CA THR B 269 -13.05 -22.85 15.81
C THR B 269 -11.89 -22.40 14.94
N SER B 270 -12.15 -22.27 13.65
CA SER B 270 -11.21 -21.69 12.68
C SER B 270 -10.83 -20.24 12.96
N GLU B 271 -11.78 -19.42 13.40
CA GLU B 271 -11.44 -18.05 13.77
C GLU B 271 -10.50 -18.04 14.97
N SER B 272 -10.71 -18.94 15.91
CA SER B 272 -9.86 -18.99 17.08
C SER B 272 -8.46 -19.49 16.73
N ALA B 273 -8.39 -20.43 15.79
CA ALA B 273 -7.12 -21.04 15.41
C ALA B 273 -6.27 -20.05 14.63
N LEU B 274 -6.93 -19.21 13.82
CA LEU B 274 -6.28 -18.11 13.10
C LEU B 274 -5.73 -17.08 14.08
N ASP B 275 -6.52 -16.86 15.13
CA ASP B 275 -6.23 -15.90 16.17
C ASP B 275 -5.07 -16.36 17.06
N LEU B 276 -5.03 -17.64 17.38
CA LEU B 276 -3.97 -18.14 18.26
C LEU B 276 -2.71 -18.56 17.54
N GLY B 277 -2.74 -18.54 16.20
CA GLY B 277 -1.60 -18.99 15.41
C GLY B 277 -1.47 -20.50 15.26
N VAL B 278 -2.59 -21.22 15.39
CA VAL B 278 -2.61 -22.69 15.37
C VAL B 278 -2.98 -23.23 13.98
N PRO B 279 -2.18 -24.17 13.44
CA PRO B 279 -2.53 -24.79 12.16
C PRO B 279 -3.72 -25.72 12.30
N LEU B 280 -4.82 -25.36 11.65
CA LEU B 280 -6.04 -26.16 11.66
C LEU B 280 -6.58 -26.31 10.22
N PRO B 281 -5.75 -26.78 9.29
CA PRO B 281 -6.29 -26.91 7.94
C PRO B 281 -7.60 -27.70 7.86
N LEU B 282 -7.67 -28.88 8.50
CA LEU B 282 -8.78 -29.79 8.20
C LEU B 282 -10.17 -29.20 8.44
N ILE B 283 -10.46 -28.88 9.70
CA ILE B 283 -11.71 -28.24 10.07
C ILE B 283 -11.97 -26.98 9.22
N THR B 284 -10.95 -26.15 8.97
CA THR B 284 -11.17 -24.98 8.13
C THR B 284 -11.52 -25.39 6.68
N GLU B 285 -10.96 -26.52 6.22
CA GLU B 285 -11.28 -27.01 4.88
C GLU B 285 -12.73 -27.46 4.84
N SER B 286 -13.19 -28.03 5.95
CA SER B 286 -14.56 -28.49 6.09
CA SER B 286 -14.56 -28.49 6.03
C SER B 286 -15.54 -27.32 5.96
N VAL B 287 -15.19 -26.21 6.62
CA VAL B 287 -16.07 -25.03 6.62
C VAL B 287 -16.25 -24.50 5.19
N PHE B 288 -15.13 -24.25 4.52
CA PHE B 288 -15.17 -23.77 3.14
C PHE B 288 -15.90 -24.76 2.25
N ALA B 289 -15.71 -26.07 2.49
CA ALA B 289 -16.46 -27.10 1.77
C ALA B 289 -17.94 -26.80 1.88
N ARG B 290 -18.41 -26.49 3.08
CA ARG B 290 -19.79 -26.06 3.27
C ARG B 290 -20.11 -24.84 2.44
N TYR B 291 -19.29 -23.81 2.66
CA TYR B 291 -19.41 -22.53 1.93
C TYR B 291 -19.51 -22.76 0.43
N ILE B 292 -18.47 -23.36 -0.18
CA ILE B 292 -18.48 -23.59 -1.64
C ILE B 292 -19.76 -24.30 -2.10
N SER B 293 -20.28 -25.20 -1.28
CA SER B 293 -21.54 -25.84 -1.63
C SER B 293 -22.73 -24.88 -1.69
N THR B 294 -22.71 -23.80 -0.90
CA THR B 294 -23.80 -22.81 -0.98
C THR B 294 -23.71 -21.97 -2.28
N TYR B 295 -22.64 -22.17 -3.03
CA TYR B 295 -22.51 -21.55 -4.36
C TYR B 295 -23.06 -22.42 -5.50
N LYS B 296 -24.11 -23.18 -5.19
CA LYS B 296 -24.77 -24.11 -6.13
C LYS B 296 -25.05 -23.50 -7.51
N ASP B 297 -25.64 -22.31 -7.52
CA ASP B 297 -25.99 -21.65 -8.79
C ASP B 297 -24.74 -21.49 -9.65
N GLU B 298 -23.65 -21.03 -9.04
CA GLU B 298 -22.38 -20.87 -9.73
C GLU B 298 -21.85 -22.21 -10.23
N ARG B 299 -21.91 -23.23 -9.38
CA ARG B 299 -21.39 -24.56 -9.73
C ARG B 299 -22.08 -25.15 -10.97
N VAL B 300 -23.41 -25.11 -11.01
CA VAL B 300 -24.20 -25.54 -12.17
C VAL B 300 -23.60 -24.95 -13.46
N LYS B 301 -23.44 -23.62 -13.49
CA LYS B 301 -22.87 -22.88 -14.63
C LYS B 301 -21.46 -23.34 -14.97
N ALA B 302 -20.63 -23.50 -13.94
CA ALA B 302 -19.26 -23.95 -14.14
C ALA B 302 -19.23 -25.40 -14.60
N SER B 303 -20.21 -26.20 -14.19
CA SER B 303 -20.22 -27.63 -14.51
C SER B 303 -20.28 -27.81 -16.00
N LYS B 304 -21.00 -26.93 -16.67
CA LYS B 304 -21.14 -26.95 -18.12
C LYS B 304 -19.98 -26.31 -18.92
N VAL B 305 -19.04 -25.60 -18.28
CA VAL B 305 -17.96 -24.92 -19.04
C VAL B 305 -16.52 -25.39 -18.80
N LEU B 306 -16.26 -25.93 -17.62
CA LEU B 306 -14.91 -26.31 -17.19
C LEU B 306 -14.65 -27.80 -17.39
N SER B 307 -13.50 -28.12 -17.95
CA SER B 307 -13.16 -29.49 -18.30
C SER B 307 -12.68 -30.29 -17.11
N GLY B 308 -13.09 -31.54 -17.06
CA GLY B 308 -12.52 -32.46 -16.12
C GLY B 308 -12.31 -33.81 -16.74
N PRO B 309 -11.42 -34.63 -16.17
CA PRO B 309 -11.21 -35.97 -16.67
C PRO B 309 -12.50 -36.77 -16.63
N ALA B 310 -12.69 -37.66 -17.60
CA ALA B 310 -13.84 -38.54 -17.63
C ALA B 310 -13.36 -39.99 -17.53
N LEU B 311 -12.46 -40.22 -16.57
CA LEU B 311 -11.93 -41.55 -16.29
C LEU B 311 -13.01 -42.57 -15.93
N ASP B 312 -12.69 -43.85 -16.11
CA ASP B 312 -13.61 -44.94 -15.80
C ASP B 312 -12.87 -46.03 -15.02
N PHE B 313 -13.34 -46.30 -13.80
CA PHE B 313 -12.60 -47.14 -12.86
C PHE B 313 -12.37 -48.59 -13.31
N SER B 314 -11.14 -49.07 -13.14
CA SER B 314 -10.78 -50.44 -13.52
C SER B 314 -10.02 -51.27 -12.46
N GLY B 315 -9.71 -50.66 -11.31
CA GLY B 315 -8.98 -51.35 -10.24
C GLY B 315 -9.81 -52.40 -9.52
N ASP B 316 -9.41 -52.74 -8.31
CA ASP B 316 -10.19 -53.67 -7.47
C ASP B 316 -11.03 -52.92 -6.44
N LYS B 317 -12.34 -53.13 -6.53
CA LYS B 317 -13.29 -52.48 -5.65
C LYS B 317 -13.00 -52.80 -4.18
N LYS B 318 -12.90 -54.08 -3.86
CA LYS B 318 -12.60 -54.51 -2.49
C LYS B 318 -11.31 -53.90 -1.94
N GLU B 319 -10.29 -53.77 -2.79
CA GLU B 319 -9.03 -53.17 -2.34
CA GLU B 319 -9.04 -53.18 -2.36
C GLU B 319 -9.20 -51.68 -2.05
N VAL B 320 -9.98 -50.98 -2.87
CA VAL B 320 -10.12 -49.52 -2.74
C VAL B 320 -11.04 -49.12 -1.57
N ILE B 321 -12.20 -49.78 -1.48
CA ILE B 321 -13.08 -49.67 -0.32
C ILE B 321 -12.30 -49.78 1.00
N GLU B 322 -11.27 -50.62 1.04
CA GLU B 322 -10.45 -50.76 2.23
C GLU B 322 -9.37 -49.68 2.37
N LYS B 323 -8.92 -49.13 1.25
CA LYS B 323 -7.93 -48.03 1.27
C LYS B 323 -8.59 -46.71 1.71
N ILE B 324 -9.80 -46.48 1.21
CA ILE B 324 -10.58 -45.34 1.63
C ILE B 324 -10.87 -45.45 3.14
N ARG B 325 -11.17 -46.66 3.62
CA ARG B 325 -11.45 -46.85 5.04
C ARG B 325 -10.26 -46.41 5.85
N LYS B 326 -9.06 -46.82 5.42
CA LYS B 326 -7.82 -46.38 6.06
C LYS B 326 -7.65 -44.86 5.92
N ALA B 327 -8.00 -44.33 4.74
CA ALA B 327 -7.87 -42.90 4.48
C ALA B 327 -8.75 -42.12 5.45
N LEU B 328 -10.02 -42.55 5.54
CA LEU B 328 -10.98 -42.00 6.48
C LEU B 328 -10.40 -41.88 7.90
N TYR B 329 -9.90 -42.99 8.45
CA TYR B 329 -9.42 -43.05 9.83
C TYR B 329 -8.16 -42.22 10.05
N PHE B 330 -7.28 -42.26 9.05
CA PHE B 330 -6.03 -41.52 9.11
C PHE B 330 -6.38 -40.02 9.12
N SER B 331 -7.28 -39.63 8.23
CA SER B 331 -7.69 -38.24 8.13
C SER B 331 -8.38 -37.74 9.39
N LYS B 332 -9.30 -38.55 9.90
CA LYS B 332 -9.98 -38.28 11.17
C LYS B 332 -8.96 -38.06 12.28
N ILE B 333 -7.96 -38.94 12.37
CA ILE B 333 -6.87 -38.75 13.30
C ILE B 333 -6.22 -37.38 13.12
N MET B 334 -5.86 -37.02 11.88
CA MET B 334 -5.28 -35.68 11.60
C MET B 334 -6.14 -34.55 12.14
N SER B 335 -7.45 -34.64 11.98
CA SER B 335 -8.31 -33.57 12.44
C SER B 335 -8.23 -33.39 13.97
N TYR B 336 -8.30 -34.49 14.71
CA TYR B 336 -8.28 -34.43 16.16
C TYR B 336 -6.93 -33.92 16.64
N ALA B 337 -5.85 -34.45 16.08
CA ALA B 337 -4.51 -33.95 16.38
C ALA B 337 -4.43 -32.42 16.29
N GLN B 338 -5.08 -31.87 15.27
CA GLN B 338 -5.09 -30.44 15.07
C GLN B 338 -5.96 -29.78 16.12
N GLY B 339 -7.15 -30.33 16.33
CA GLY B 339 -8.10 -29.76 17.26
C GLY B 339 -7.66 -29.85 18.70
N PHE B 340 -6.91 -30.90 19.01
CA PHE B 340 -6.41 -31.04 20.37
C PHE B 340 -5.19 -30.18 20.61
N ALA B 341 -4.48 -29.86 19.52
CA ALA B 341 -3.36 -28.94 19.60
C ALA B 341 -3.87 -27.52 19.74
N GLN B 342 -5.00 -27.22 19.08
CA GLN B 342 -5.64 -25.93 19.30
C GLN B 342 -5.99 -25.72 20.78
N LEU B 343 -6.69 -26.68 21.38
CA LEU B 343 -7.00 -26.64 22.82
C LEU B 343 -5.76 -26.36 23.68
N ARG B 344 -4.70 -27.15 23.47
CA ARG B 344 -3.41 -26.97 24.15
C ARG B 344 -2.87 -25.53 24.07
N LYS B 345 -2.93 -24.91 22.88
CA LYS B 345 -2.53 -23.51 22.71
C LYS B 345 -3.46 -22.54 23.43
N ALA B 346 -4.77 -22.69 23.22
CA ALA B 346 -5.74 -21.84 23.92
C ALA B 346 -5.61 -21.99 25.44
N SER B 347 -5.14 -23.14 25.90
CA SER B 347 -4.97 -23.37 27.32
C SER B 347 -3.80 -22.60 27.92
N GLU B 348 -2.72 -22.43 27.15
CA GLU B 348 -1.64 -21.50 27.53
C GLU B 348 -2.13 -20.05 27.52
N GLU B 349 -2.69 -19.62 26.40
CA GLU B 349 -3.09 -18.23 26.16
C GLU B 349 -3.97 -17.68 27.28
N PHE B 350 -4.93 -18.51 27.70
CA PHE B 350 -5.95 -18.09 28.65
C PHE B 350 -5.70 -18.63 30.07
N ASP B 351 -4.73 -19.54 30.20
CA ASP B 351 -4.36 -20.14 31.49
C ASP B 351 -5.53 -20.94 32.09
N TRP B 352 -5.71 -22.16 31.57
CA TRP B 352 -6.89 -22.96 31.86
C TRP B 352 -6.60 -24.33 32.42
N ASP B 353 -5.39 -24.84 32.19
CA ASP B 353 -5.05 -26.21 32.57
C ASP B 353 -6.18 -27.14 32.14
N LEU B 354 -6.55 -27.09 30.85
CA LEU B 354 -7.62 -27.91 30.29
C LEU B 354 -7.34 -29.41 30.44
N PRO B 355 -8.32 -30.16 31.00
CA PRO B 355 -8.16 -31.59 31.20
C PRO B 355 -8.38 -32.34 29.88
N TYR B 356 -7.34 -32.45 29.06
CA TYR B 356 -7.48 -32.97 27.68
C TYR B 356 -8.06 -34.39 27.59
N GLY B 357 -7.65 -35.26 28.50
CA GLY B 357 -8.08 -36.65 28.49
C GLY B 357 -9.54 -36.84 28.89
N THR B 358 -10.03 -35.94 29.76
CA THR B 358 -11.41 -35.99 30.24
C THR B 358 -12.31 -35.50 29.11
N ILE B 359 -11.90 -34.41 28.44
CA ILE B 359 -12.63 -33.86 27.29
C ILE B 359 -13.02 -35.01 26.38
N ALA B 360 -12.05 -35.88 26.06
CA ALA B 360 -12.32 -37.04 25.24
C ALA B 360 -13.30 -38.00 25.91
N GLN B 361 -13.18 -38.23 27.22
CA GLN B 361 -14.11 -39.09 27.98
C GLN B 361 -15.54 -38.56 27.96
N ILE B 362 -15.70 -37.25 28.18
CA ILE B 362 -17.02 -36.63 28.20
C ILE B 362 -17.60 -36.39 26.79
N TRP B 363 -16.84 -36.74 25.75
CA TRP B 363 -17.38 -36.78 24.39
C TRP B 363 -17.87 -38.18 23.96
N ARG B 364 -17.73 -39.16 24.86
CA ARG B 364 -18.05 -40.57 24.55
C ARG B 364 -19.53 -40.82 24.34
N ALA B 365 -20.37 -39.98 24.93
CA ALA B 365 -21.82 -40.10 24.83
C ALA B 365 -22.49 -38.72 24.87
N GLY B 366 -23.75 -38.67 24.42
CA GLY B 366 -24.56 -37.46 24.52
C GLY B 366 -24.15 -36.36 23.58
N CYS B 367 -23.43 -36.72 22.53
CA CYS B 367 -23.09 -35.78 21.48
C CYS B 367 -22.94 -36.48 20.15
N ILE B 368 -22.81 -35.65 19.13
CA ILE B 368 -22.66 -36.07 17.76
C ILE B 368 -21.38 -36.88 17.51
N ILE B 369 -20.25 -36.34 17.94
CA ILE B 369 -18.95 -36.91 17.59
C ILE B 369 -18.55 -38.11 18.43
N ARG B 370 -19.51 -38.69 19.16
CA ARG B 370 -19.20 -39.84 19.97
C ARG B 370 -18.68 -40.98 19.10
N ALA B 371 -17.60 -41.62 19.57
CA ALA B 371 -16.89 -42.66 18.81
C ALA B 371 -16.03 -43.48 19.75
N GLU B 372 -15.81 -44.74 19.38
CA GLU B 372 -14.98 -45.66 20.16
C GLU B 372 -13.53 -45.23 20.32
N PHE B 373 -12.94 -44.67 19.26
CA PHE B 373 -11.52 -44.28 19.27
C PHE B 373 -11.18 -43.10 20.20
N LEU B 374 -12.20 -42.43 20.73
CA LEU B 374 -11.99 -41.34 21.69
C LEU B 374 -11.16 -41.81 22.89
N GLN B 375 -11.35 -43.08 23.27
CA GLN B 375 -10.54 -43.74 24.28
C GLN B 375 -9.03 -43.60 24.00
N ASN B 376 -8.63 -43.77 22.74
CA ASN B 376 -7.21 -43.68 22.40
C ASN B 376 -6.62 -42.30 22.70
N ILE B 377 -7.43 -41.27 22.49
CA ILE B 377 -7.09 -39.91 22.87
C ILE B 377 -6.88 -39.80 24.40
N THR B 378 -7.79 -40.38 25.19
CA THR B 378 -7.61 -40.42 26.65
C THR B 378 -6.34 -41.19 27.09
N ASP B 379 -6.14 -42.38 26.50
CA ASP B 379 -4.95 -43.20 26.73
C ASP B 379 -3.70 -42.37 26.58
N ALA B 380 -3.62 -41.72 25.43
CA ALA B 380 -2.51 -40.83 25.07
C ALA B 380 -2.23 -39.79 26.14
N PHE B 381 -3.26 -39.09 26.60
CA PHE B 381 -3.06 -38.03 27.58
C PHE B 381 -2.74 -38.60 28.98
N ASP B 382 -3.30 -39.78 29.30
CA ASP B 382 -2.97 -40.49 30.55
C ASP B 382 -1.48 -40.72 30.66
N LYS B 383 -0.90 -41.22 29.57
CA LYS B 383 0.53 -41.48 29.41
C LYS B 383 1.39 -40.24 29.62
N ASP B 384 0.97 -39.11 29.07
CA ASP B 384 1.67 -37.83 29.22
C ASP B 384 0.65 -36.72 29.11
N SER B 385 0.28 -36.13 30.25
CA SER B 385 -0.65 -34.99 30.28
C SER B 385 -0.13 -33.80 29.45
N GLU B 386 1.19 -33.69 29.33
CA GLU B 386 1.81 -32.58 28.62
C GLU B 386 2.05 -32.84 27.12
N LEU B 387 1.53 -33.98 26.63
CA LEU B 387 1.65 -34.38 25.21
C LEU B 387 1.29 -33.25 24.23
N GLU B 388 2.26 -32.84 23.43
CA GLU B 388 2.09 -31.71 22.52
C GLU B 388 1.11 -31.94 21.38
N ASN B 389 1.05 -33.18 20.89
CA ASN B 389 0.27 -33.50 19.72
C ASN B 389 -0.04 -34.99 19.69
N LEU B 390 -1.32 -35.33 19.51
CA LEU B 390 -1.78 -36.73 19.48
C LEU B 390 -0.93 -37.64 18.59
N LEU B 391 -0.39 -37.10 17.50
CA LEU B 391 0.41 -37.91 16.59
C LEU B 391 1.64 -38.59 17.21
N LEU B 392 2.17 -38.02 18.30
CA LEU B 392 3.45 -38.43 18.87
C LEU B 392 3.31 -39.52 19.91
N ASP B 393 2.18 -40.22 19.89
CA ASP B 393 1.89 -41.24 20.91
C ASP B 393 1.77 -42.60 20.26
N ASP B 394 2.25 -43.62 20.97
CA ASP B 394 2.46 -44.94 20.36
C ASP B 394 1.34 -45.42 19.45
N TYR B 395 0.10 -45.18 19.85
CA TYR B 395 -1.06 -45.66 19.09
C TYR B 395 -1.22 -44.98 17.70
N PHE B 396 -1.01 -43.67 17.65
CA PHE B 396 -1.23 -42.93 16.41
C PHE B 396 -0.05 -42.98 15.45
N VAL B 397 1.17 -42.95 16.01
CA VAL B 397 2.38 -43.37 15.30
C VAL B 397 2.18 -44.68 14.47
N ASP B 398 1.62 -45.71 15.10
CA ASP B 398 1.38 -46.99 14.45
C ASP B 398 0.33 -46.90 13.36
N ILE B 399 -0.84 -46.34 13.70
CA ILE B 399 -1.93 -46.23 12.74
C ILE B 399 -1.45 -45.51 11.49
N THR B 400 -0.76 -44.37 11.68
CA THR B 400 -0.28 -43.55 10.57
C THR B 400 0.70 -44.27 9.68
N LYS B 401 1.67 -44.94 10.30
CA LYS B 401 2.64 -45.73 9.57
C LYS B 401 1.99 -46.79 8.68
N ARG B 402 1.15 -47.65 9.25
CA ARG B 402 0.53 -48.74 8.48
C ARG B 402 -0.54 -48.25 7.48
N TYR B 403 -1.03 -47.03 7.69
CA TYR B 403 -2.14 -46.47 6.90
C TYR B 403 -1.77 -45.40 5.85
N GLN B 404 -0.58 -44.82 5.97
CA GLN B 404 -0.23 -43.65 5.15
C GLN B 404 -0.22 -43.95 3.65
N GLU B 405 0.37 -45.09 3.28
CA GLU B 405 0.37 -45.60 1.91
C GLU B 405 -1.01 -45.51 1.25
N ALA B 406 -2.03 -46.02 1.92
CA ALA B 406 -3.39 -46.07 1.37
C ALA B 406 -3.94 -44.67 1.05
N VAL B 407 -3.72 -43.74 1.99
CA VAL B 407 -4.07 -42.33 1.84
C VAL B 407 -3.55 -41.87 0.48
N ARG B 408 -2.24 -42.01 0.29
CA ARG B 408 -1.56 -41.60 -0.94
C ARG B 408 -2.25 -42.11 -2.21
N ASP B 409 -2.63 -43.39 -2.23
CA ASP B 409 -3.27 -43.94 -3.43
C ASP B 409 -4.69 -43.42 -3.54
N VAL B 410 -5.33 -43.26 -2.40
CA VAL B 410 -6.67 -42.67 -2.36
C VAL B 410 -6.58 -41.23 -2.86
N VAL B 411 -5.53 -40.53 -2.44
CA VAL B 411 -5.25 -39.20 -2.96
C VAL B 411 -5.05 -39.22 -4.48
N SER B 412 -4.14 -40.08 -4.97
CA SER B 412 -3.86 -40.14 -6.42
C SER B 412 -5.08 -40.54 -7.21
N LEU B 413 -5.81 -41.53 -6.71
CA LEU B 413 -6.99 -42.02 -7.42
C LEU B 413 -8.04 -40.93 -7.59
N ALA B 414 -8.39 -40.26 -6.48
CA ALA B 414 -9.36 -39.16 -6.48
C ALA B 414 -8.88 -38.03 -7.38
N VAL B 415 -7.67 -37.54 -7.13
CA VAL B 415 -7.10 -36.43 -7.89
C VAL B 415 -7.04 -36.72 -9.40
N GLN B 416 -6.47 -37.88 -9.77
CA GLN B 416 -6.53 -38.34 -11.16
C GLN B 416 -7.97 -38.41 -11.75
N ALA B 417 -8.90 -39.00 -11.02
CA ALA B 417 -10.28 -39.13 -11.50
C ALA B 417 -11.08 -37.82 -11.45
N GLY B 418 -10.54 -36.83 -10.73
CA GLY B 418 -11.14 -35.51 -10.62
C GLY B 418 -12.27 -35.42 -9.62
N THR B 419 -12.26 -36.28 -8.61
CA THR B 419 -13.24 -36.21 -7.53
C THR B 419 -12.67 -35.33 -6.41
N PRO B 420 -13.45 -34.31 -5.96
CA PRO B 420 -12.93 -33.32 -5.02
C PRO B 420 -12.88 -33.86 -3.61
N ILE B 421 -11.67 -33.96 -3.08
CA ILE B 421 -11.46 -34.33 -1.69
C ILE B 421 -10.60 -33.28 -0.94
N PRO B 422 -11.20 -32.13 -0.59
CA PRO B 422 -10.39 -31.08 0.06
C PRO B 422 -9.77 -31.50 1.40
N THR B 423 -10.51 -32.28 2.19
CA THR B 423 -10.07 -32.58 3.57
C THR B 423 -9.11 -33.76 3.60
N PHE B 424 -9.32 -34.72 2.70
CA PHE B 424 -8.41 -35.85 2.57
C PHE B 424 -7.02 -35.34 2.20
N THR B 425 -6.94 -34.62 1.08
CA THR B 425 -5.68 -34.01 0.64
C THR B 425 -5.07 -33.14 1.73
N SER B 426 -5.92 -32.39 2.42
CA SER B 426 -5.44 -31.57 3.52
C SER B 426 -4.82 -32.42 4.65
N ALA B 427 -5.49 -33.49 5.02
CA ALA B 427 -5.02 -34.39 6.08
C ALA B 427 -3.60 -34.86 5.76
N ILE B 428 -3.41 -35.39 4.56
CA ILE B 428 -2.11 -35.87 4.16
C ILE B 428 -1.06 -34.76 4.05
N SER B 429 -1.49 -33.52 3.82
CA SER B 429 -0.54 -32.40 3.79
C SER B 429 -0.12 -31.98 5.19
N TYR B 430 -1.09 -31.93 6.10
CA TYR B 430 -0.80 -31.69 7.51
C TYR B 430 0.23 -32.71 7.98
N TYR B 431 0.00 -33.99 7.62
CA TYR B 431 0.94 -35.08 7.94
C TYR B 431 2.36 -34.74 7.49
N ASP B 432 2.56 -34.70 6.17
CA ASP B 432 3.89 -34.52 5.59
C ASP B 432 4.55 -33.23 6.03
N SER B 433 3.76 -32.23 6.37
CA SER B 433 4.32 -30.97 6.88
C SER B 433 4.82 -31.14 8.32
N TYR B 434 3.99 -31.78 9.14
CA TYR B 434 4.28 -31.85 10.56
C TYR B 434 5.60 -32.60 10.82
N ARG B 435 5.82 -33.65 10.03
CA ARG B 435 7.03 -34.46 10.12
C ARG B 435 8.23 -33.89 9.35
N SER B 436 8.01 -33.05 8.34
CA SER B 436 9.11 -32.38 7.67
C SER B 436 9.94 -31.55 8.65
N GLU B 437 11.18 -31.99 8.89
CA GLU B 437 12.09 -31.30 9.77
C GLU B 437 12.35 -29.86 9.28
N ASN B 438 12.70 -29.73 8.00
CA ASN B 438 12.80 -28.41 7.37
C ASN B 438 11.66 -28.12 6.41
N LEU B 439 11.16 -26.88 6.44
CA LEU B 439 10.12 -26.43 5.51
C LEU B 439 10.60 -25.30 4.61
N PRO B 440 9.97 -25.12 3.42
CA PRO B 440 10.52 -24.11 2.52
C PRO B 440 10.18 -22.70 3.01
N ALA B 441 9.81 -22.59 4.30
CA ALA B 441 9.49 -21.30 4.90
C ALA B 441 10.71 -20.43 4.86
N ASN B 442 11.89 -21.05 4.66
CA ASN B 442 13.11 -20.28 4.55
C ASN B 442 13.03 -19.32 3.38
N LEU B 443 12.49 -19.79 2.25
CA LEU B 443 12.33 -18.95 1.05
C LEU B 443 11.33 -17.82 1.28
N ILE B 444 10.19 -18.13 1.91
CA ILE B 444 9.22 -17.10 2.20
C ILE B 444 9.97 -16.03 2.99
N GLN B 445 10.67 -16.50 4.02
CA GLN B 445 11.39 -15.63 4.95
C GLN B 445 12.34 -14.67 4.22
N ALA B 446 13.09 -15.23 3.27
CA ALA B 446 13.96 -14.46 2.39
C ALA B 446 13.20 -13.43 1.55
N GLN B 447 12.06 -13.84 1.00
CA GLN B 447 11.27 -12.93 0.17
C GLN B 447 10.78 -11.70 0.94
N ARG B 448 10.26 -11.93 2.14
CA ARG B 448 9.73 -10.84 2.96
C ARG B 448 10.81 -9.84 3.36
N ASP B 449 12.00 -10.36 3.68
CA ASP B 449 13.14 -9.53 4.04
C ASP B 449 13.59 -8.73 2.83
N TYR B 450 13.63 -9.41 1.68
CA TYR B 450 13.99 -8.78 0.42
C TYR B 450 13.06 -7.60 0.14
N PHE B 451 11.76 -7.83 0.04
CA PHE B 451 10.86 -6.74 -0.34
C PHE B 451 10.49 -5.73 0.77
N GLY B 452 10.48 -6.19 2.02
CA GLY B 452 10.03 -5.36 3.14
C GLY B 452 10.90 -5.34 4.37
N ALA B 453 12.06 -6.00 4.30
CA ALA B 453 13.05 -5.99 5.40
C ALA B 453 12.43 -6.39 6.72
N HIS B 454 11.58 -7.42 6.69
CA HIS B 454 10.89 -7.87 7.88
C HIS B 454 11.81 -8.64 8.82
N THR B 455 13.07 -8.85 8.41
CA THR B 455 14.12 -9.54 9.22
C THR B 455 13.84 -11.01 9.50
N TYR B 456 14.88 -11.81 9.35
CA TYR B 456 14.77 -13.24 9.56
C TYR B 456 15.68 -13.70 10.71
N GLU B 457 15.56 -14.98 11.06
CA GLU B 457 16.47 -15.62 11.99
C GLU B 457 17.37 -16.51 11.17
N ARG B 458 18.50 -16.90 11.78
CA ARG B 458 19.46 -17.77 11.11
C ARG B 458 19.42 -19.18 11.68
N THR B 459 19.90 -20.14 10.91
CA THR B 459 19.95 -21.52 11.37
C THR B 459 21.19 -21.80 12.23
N ASP B 460 22.19 -20.92 12.17
CA ASP B 460 23.51 -21.19 12.77
C ASP B 460 23.81 -20.47 14.09
N LYS B 461 23.36 -19.22 14.22
CA LYS B 461 23.57 -18.46 15.46
C LYS B 461 22.26 -17.82 15.92
N ALA B 462 22.10 -17.61 17.21
CA ALA B 462 20.91 -16.89 17.69
C ALA B 462 20.91 -15.45 17.15
N GLY B 463 19.75 -14.80 17.24
CA GLY B 463 19.63 -13.36 16.90
C GLY B 463 18.76 -13.02 15.70
N ILE B 464 18.53 -11.72 15.50
CA ILE B 464 17.69 -11.15 14.43
C ILE B 464 18.55 -10.58 13.29
N PHE B 465 18.27 -10.98 12.04
CA PHE B 465 19.11 -10.58 10.89
C PHE B 465 18.38 -9.99 9.69
N HIS B 466 18.98 -8.95 9.12
CA HIS B 466 18.50 -8.37 7.87
C HIS B 466 19.58 -8.36 6.79
N TYR B 467 19.46 -9.25 5.80
CA TYR B 467 20.40 -9.27 4.68
C TYR B 467 20.17 -8.04 3.81
N ASP B 468 21.24 -7.61 3.15
CA ASP B 468 21.21 -6.42 2.34
C ASP B 468 21.08 -6.82 0.86
N TRP B 469 19.83 -6.85 0.42
CA TRP B 469 19.49 -7.38 -0.88
C TRP B 469 19.85 -6.44 -2.06
N TYR B 470 20.19 -5.18 -1.74
CA TYR B 470 20.37 -4.18 -2.79
C TYR B 470 21.83 -3.76 -3.02
N THR B 471 22.42 -2.95 -2.31
N ALA C 3 -5.25 10.34 -25.16
CA ALA C 3 -5.65 11.18 -23.99
C ALA C 3 -5.03 10.66 -22.68
N GLN C 4 -3.76 10.25 -22.77
CA GLN C 4 -3.04 9.63 -21.67
C GLN C 4 -1.74 10.37 -21.31
N ALA C 5 -1.54 11.59 -21.80
CA ALA C 5 -0.35 12.36 -21.43
C ALA C 5 -0.77 13.64 -20.76
N ASN C 6 -0.03 14.06 -19.73
CA ASN C 6 -0.44 15.17 -18.90
C ASN C 6 0.10 16.50 -19.41
N PHE C 7 1.21 16.41 -20.14
CA PHE C 7 1.96 17.59 -20.54
C PHE C 7 2.71 17.16 -21.79
N GLY C 8 2.91 18.10 -22.73
CA GLY C 8 3.56 17.82 -24.00
C GLY C 8 4.60 18.86 -24.39
N VAL C 9 5.75 18.41 -24.89
CA VAL C 9 6.80 19.31 -25.30
C VAL C 9 7.15 19.06 -26.76
N VAL C 10 7.29 20.14 -27.52
CA VAL C 10 7.70 20.08 -28.91
C VAL C 10 9.12 20.60 -28.99
N GLY C 11 9.99 19.87 -29.69
CA GLY C 11 11.38 20.26 -29.83
C GLY C 11 12.29 19.41 -28.97
N MET C 12 12.89 18.38 -29.58
CA MET C 12 13.79 17.50 -28.85
C MET C 12 15.28 17.83 -28.98
N ALA C 13 15.61 19.10 -29.21
CA ALA C 13 16.99 19.56 -28.97
C ALA C 13 17.20 19.54 -27.46
N VAL C 14 18.45 19.53 -27.02
CA VAL C 14 18.75 19.26 -25.60
C VAL C 14 17.84 19.98 -24.60
N MET C 15 17.72 21.30 -24.72
CA MET C 15 16.88 22.08 -23.80
C MET C 15 15.47 21.52 -23.73
N GLY C 16 14.84 21.29 -24.88
CA GLY C 16 13.49 20.75 -24.92
C GLY C 16 13.44 19.37 -24.29
N LYS C 17 14.33 18.50 -24.74
CA LYS C 17 14.47 17.16 -24.20
C LYS C 17 14.58 17.18 -22.67
N ASN C 18 15.62 17.82 -22.15
CA ASN C 18 15.83 17.89 -20.70
C ASN C 18 14.59 18.34 -19.92
N LEU C 19 13.86 19.29 -20.51
CA LEU C 19 12.67 19.85 -19.88
C LEU C 19 11.55 18.81 -19.76
N ALA C 20 11.34 18.06 -20.84
CA ALA C 20 10.46 16.89 -20.83
C ALA C 20 10.91 15.87 -19.77
N LEU C 21 12.22 15.55 -19.74
CA LEU C 21 12.73 14.63 -18.74
C LEU C 21 12.49 15.17 -17.34
N ASN C 22 12.70 16.47 -17.15
CA ASN C 22 12.44 17.09 -15.86
C ASN C 22 11.00 16.85 -15.43
N VAL C 23 10.07 17.17 -16.34
CA VAL C 23 8.63 17.02 -16.10
C VAL C 23 8.29 15.57 -15.74
N GLU C 24 8.80 14.65 -16.56
CA GLU C 24 8.68 13.22 -16.37
C GLU C 24 9.07 12.76 -14.96
N SER C 25 10.23 13.22 -14.47
CA SER C 25 10.74 12.76 -13.18
C SER C 25 9.82 13.16 -12.04
N ARG C 26 8.88 14.05 -12.32
CA ARG C 26 7.94 14.52 -11.30
C ARG C 26 6.62 13.73 -11.25
N GLY C 27 6.55 12.62 -11.96
CA GLY C 27 5.39 11.73 -11.86
C GLY C 27 4.30 11.92 -12.88
N TYR C 28 4.65 12.50 -14.02
CA TYR C 28 3.70 12.75 -15.10
C TYR C 28 4.11 11.94 -16.31
N THR C 29 3.15 11.59 -17.17
CA THR C 29 3.47 11.05 -18.49
C THR C 29 3.54 12.25 -19.42
N VAL C 30 4.52 12.25 -20.32
CA VAL C 30 4.81 13.42 -21.14
C VAL C 30 4.97 13.03 -22.59
N ALA C 31 4.16 13.63 -23.45
CA ALA C 31 4.32 13.44 -24.88
C ALA C 31 5.53 14.24 -25.40
N ILE C 32 6.25 13.64 -26.35
CA ILE C 32 7.36 14.34 -26.97
C ILE C 32 7.18 14.37 -28.47
N TYR C 33 7.59 15.47 -29.09
CA TYR C 33 7.54 15.61 -30.54
C TYR C 33 8.68 16.48 -31.08
N ASN C 34 9.15 16.15 -32.28
CA ASN C 34 10.14 16.97 -32.98
C ASN C 34 9.82 17.01 -34.48
N ARG C 35 10.11 18.14 -35.12
CA ARG C 35 9.95 18.25 -36.57
C ARG C 35 10.72 17.11 -37.25
N THR C 36 12.03 17.01 -37.00
CA THR C 36 12.83 15.89 -37.52
C THR C 36 12.67 14.70 -36.60
N THR C 37 12.10 13.63 -37.14
CA THR C 37 11.69 12.47 -36.34
C THR C 37 12.83 11.70 -35.67
N SER C 38 13.96 11.55 -36.35
CA SER C 38 15.08 10.76 -35.82
C SER C 38 15.57 11.21 -34.44
N LYS C 39 15.46 12.52 -34.14
CA LYS C 39 15.80 13.01 -32.81
C LYS C 39 14.82 12.49 -31.75
N THR C 40 13.51 12.57 -32.02
CA THR C 40 12.48 11.99 -31.16
C THR C 40 12.71 10.50 -30.99
N GLU C 41 13.09 9.84 -32.08
CA GLU C 41 13.45 8.42 -32.07
C GLU C 41 14.59 8.21 -31.11
N GLU C 42 15.71 8.90 -31.37
CA GLU C 42 16.91 8.83 -30.54
C GLU C 42 16.58 9.09 -29.05
N VAL C 43 15.70 10.06 -28.78
CA VAL C 43 15.30 10.40 -27.41
C VAL C 43 14.46 9.28 -26.74
N PHE C 44 13.83 8.44 -27.56
CA PHE C 44 13.06 7.31 -27.05
C PHE C 44 13.92 6.07 -26.72
N LYS C 45 14.75 5.61 -27.66
CA LYS C 45 15.71 4.53 -27.41
C LYS C 45 16.49 4.71 -26.10
N GLU C 46 16.88 5.94 -25.83
CA GLU C 46 17.71 6.26 -24.69
C GLU C 46 16.92 6.21 -23.40
N HIS C 47 15.68 6.66 -23.46
CA HIS C 47 14.85 6.84 -22.28
C HIS C 47 13.59 6.02 -22.39
N GLN C 48 13.75 4.78 -22.84
CA GLN C 48 12.63 3.85 -22.93
C GLN C 48 12.06 3.46 -21.56
N ASP C 49 12.87 3.56 -20.52
CA ASP C 49 12.43 3.21 -19.17
C ASP C 49 11.57 4.30 -18.49
N LYS C 50 11.36 5.43 -19.17
CA LYS C 50 10.63 6.57 -18.58
C LYS C 50 9.26 6.72 -19.22
N ASN C 51 8.38 7.44 -18.55
CA ASN C 51 7.03 7.67 -19.06
C ASN C 51 6.99 8.76 -20.11
N LEU C 52 7.65 8.50 -21.23
CA LEU C 52 7.58 9.40 -22.38
C LEU C 52 6.72 8.75 -23.45
N VAL C 53 5.90 9.54 -24.14
CA VAL C 53 5.14 9.03 -25.29
C VAL C 53 5.70 9.53 -26.64
N PHE C 54 6.20 8.58 -27.40
CA PHE C 54 6.78 8.85 -28.70
C PHE C 54 5.67 9.27 -29.65
N THR C 55 5.89 10.35 -30.38
CA THR C 55 4.96 10.79 -31.41
C THR C 55 5.74 11.20 -32.66
N LYS C 56 5.23 10.80 -33.82
CA LYS C 56 5.88 11.05 -35.10
C LYS C 56 5.16 12.11 -35.94
N THR C 57 3.86 12.28 -35.71
CA THR C 57 3.08 13.35 -36.34
C THR C 57 2.49 14.29 -35.31
N LEU C 58 2.14 15.49 -35.76
CA LEU C 58 1.44 16.47 -34.93
C LEU C 58 0.07 15.98 -34.47
N GLU C 59 -0.62 15.21 -35.31
CA GLU C 59 -1.96 14.70 -34.98
C GLU C 59 -1.89 13.71 -33.82
N GLU C 60 -0.95 12.77 -33.92
CA GLU C 60 -0.63 11.84 -32.85
C GLU C 60 -0.27 12.59 -31.58
N PHE C 61 0.43 13.71 -31.73
CA PHE C 61 0.92 14.45 -30.58
C PHE C 61 -0.21 15.11 -29.78
N VAL C 62 -1.07 15.89 -30.43
CA VAL C 62 -2.18 16.53 -29.68
C VAL C 62 -3.28 15.55 -29.28
N GLY C 63 -3.44 14.48 -30.05
CA GLY C 63 -4.40 13.42 -29.70
C GLY C 63 -4.08 12.79 -28.36
N SER C 64 -2.78 12.62 -28.10
CA SER C 64 -2.26 11.92 -26.93
C SER C 64 -2.44 12.68 -25.61
N LEU C 65 -2.75 13.97 -25.71
CA LEU C 65 -2.78 14.84 -24.52
C LEU C 65 -4.17 15.02 -23.95
N GLU C 66 -4.26 14.88 -22.63
CA GLU C 66 -5.51 15.18 -21.93
C GLU C 66 -5.82 16.68 -22.01
N LYS C 67 -7.11 16.99 -22.16
CA LYS C 67 -7.57 18.36 -22.27
C LYS C 67 -7.87 18.91 -20.88
N PRO C 68 -7.71 20.24 -20.67
CA PRO C 68 -7.11 21.23 -21.57
C PRO C 68 -5.65 20.89 -21.80
N ARG C 69 -5.22 20.95 -23.05
CA ARG C 69 -3.88 20.53 -23.41
C ARG C 69 -2.84 21.49 -22.89
N ARG C 70 -1.75 20.97 -22.34
CA ARG C 70 -0.62 21.78 -21.88
C ARG C 70 0.57 21.42 -22.73
N ILE C 71 0.90 22.31 -23.67
CA ILE C 71 1.93 22.03 -24.67
C ILE C 71 3.01 23.09 -24.59
N MET C 72 4.24 22.63 -24.44
CA MET C 72 5.36 23.55 -24.29
C MET C 72 6.27 23.48 -25.51
N LEU C 73 6.32 24.56 -26.28
CA LEU C 73 7.27 24.66 -27.39
C LEU C 73 8.66 24.95 -26.86
N MET C 74 9.64 24.26 -27.42
CA MET C 74 11.03 24.52 -27.10
C MET C 74 11.78 24.48 -28.41
N VAL C 75 11.36 25.34 -29.32
CA VAL C 75 11.96 25.36 -30.63
C VAL C 75 12.68 26.70 -30.87
N GLN C 76 13.49 26.73 -31.93
CA GLN C 76 14.20 27.93 -32.36
C GLN C 76 13.26 29.14 -32.26
N ALA C 77 13.79 30.28 -31.80
CA ALA C 77 12.99 31.51 -31.69
C ALA C 77 12.66 32.14 -33.05
N GLY C 78 11.65 33.00 -33.07
CA GLY C 78 11.21 33.68 -34.29
C GLY C 78 10.36 32.81 -35.22
N ALA C 79 10.64 32.94 -36.52
CA ALA C 79 9.86 32.31 -37.59
C ALA C 79 9.49 30.83 -37.32
N ALA C 80 10.51 30.07 -36.90
CA ALA C 80 10.38 28.65 -36.59
C ALA C 80 9.32 28.35 -35.52
N THR C 81 9.16 29.28 -34.58
CA THR C 81 8.16 29.18 -33.52
C THR C 81 6.78 29.55 -34.06
N ASP C 82 6.73 30.56 -34.92
CA ASP C 82 5.46 31.02 -35.50
C ASP C 82 4.87 29.97 -36.44
N ALA C 83 5.74 29.25 -37.15
CA ALA C 83 5.35 28.09 -37.94
C ALA C 83 4.86 26.94 -37.06
N THR C 84 5.59 26.64 -35.98
CA THR C 84 5.21 25.59 -35.04
C THR C 84 3.83 25.85 -34.42
N ILE C 85 3.64 27.05 -33.85
CA ILE C 85 2.31 27.50 -33.44
C ILE C 85 1.31 27.24 -34.57
N LYS C 86 1.52 27.89 -35.72
CA LYS C 86 0.63 27.81 -36.88
C LYS C 86 0.11 26.42 -37.20
N SER C 87 1.03 25.47 -37.25
CA SER C 87 0.73 24.10 -37.66
C SER C 87 -0.01 23.35 -36.55
N LEU C 88 0.04 23.88 -35.34
CA LEU C 88 -0.71 23.31 -34.24
C LEU C 88 -2.11 23.90 -34.15
N LEU C 89 -2.29 25.10 -34.67
CA LEU C 89 -3.57 25.81 -34.55
C LEU C 89 -4.78 24.94 -34.93
N PRO C 90 -4.78 24.34 -36.15
CA PRO C 90 -5.92 23.52 -36.60
C PRO C 90 -6.29 22.30 -35.72
N LEU C 91 -5.34 21.80 -34.94
CA LEU C 91 -5.57 20.56 -34.19
C LEU C 91 -5.99 20.82 -32.74
N LEU C 92 -6.07 22.10 -32.36
CA LEU C 92 -6.33 22.48 -30.98
C LEU C 92 -7.77 22.92 -30.76
N ASP C 93 -8.28 22.65 -29.56
CA ASP C 93 -9.63 23.04 -29.14
C ASP C 93 -9.55 24.23 -28.21
N ILE C 94 -10.63 25.02 -28.20
CA ILE C 94 -10.77 26.16 -27.30
C ILE C 94 -10.48 25.82 -25.83
N GLY C 95 -9.70 26.67 -25.17
CA GLY C 95 -9.33 26.49 -23.78
C GLY C 95 -7.98 25.83 -23.56
N ASP C 96 -7.36 25.36 -24.63
CA ASP C 96 -6.04 24.73 -24.56
C ASP C 96 -4.95 25.74 -24.20
N ILE C 97 -3.78 25.22 -23.81
CA ILE C 97 -2.68 26.03 -23.28
C ILE C 97 -1.35 25.75 -23.98
N LEU C 98 -0.97 26.65 -24.89
CA LEU C 98 0.37 26.67 -25.47
C LEU C 98 1.34 27.43 -24.56
N ILE C 99 2.59 26.98 -24.54
CA ILE C 99 3.64 27.60 -23.73
C ILE C 99 4.91 27.74 -24.57
N ASP C 100 5.38 28.96 -24.79
CA ASP C 100 6.65 29.14 -25.50
C ASP C 100 7.78 29.27 -24.49
N GLY C 101 8.65 28.26 -24.45
CA GLY C 101 9.75 28.30 -23.52
C GLY C 101 11.12 28.72 -24.05
N GLY C 102 11.16 29.32 -25.23
CA GLY C 102 12.42 29.81 -25.79
C GLY C 102 12.81 31.17 -25.26
N ASN C 103 13.99 31.64 -25.66
CA ASN C 103 14.41 32.99 -25.31
C ASN C 103 13.84 33.92 -26.37
N THR C 104 12.58 34.32 -26.17
CA THR C 104 11.79 35.05 -27.14
C THR C 104 11.81 36.56 -26.89
N HIS C 105 11.82 37.36 -27.94
CA HIS C 105 11.73 38.80 -27.77
C HIS C 105 10.31 39.14 -27.34
N PHE C 106 10.17 39.95 -26.29
CA PHE C 106 8.85 40.17 -25.68
C PHE C 106 7.72 40.64 -26.61
N PRO C 107 8.00 41.52 -27.61
CA PRO C 107 6.93 41.90 -28.54
C PRO C 107 6.30 40.70 -29.26
N ASP C 108 7.12 39.70 -29.59
CA ASP C 108 6.63 38.53 -30.30
C ASP C 108 5.58 37.83 -29.48
N THR C 109 5.86 37.66 -28.20
CA THR C 109 4.92 37.05 -27.27
C THR C 109 3.61 37.81 -27.17
N MET C 110 3.69 39.13 -27.18
CA MET C 110 2.48 39.95 -27.10
C MET C 110 1.58 39.75 -28.33
N ARG C 111 2.19 39.78 -29.51
CA ARG C 111 1.46 39.52 -30.74
C ARG C 111 0.83 38.13 -30.79
N ARG C 112 1.49 37.15 -30.20
CA ARG C 112 1.01 35.77 -30.25
C ARG C 112 -0.12 35.57 -29.26
N ASN C 113 0.05 36.06 -28.04
CA ASN C 113 -0.99 35.99 -27.03
C ASN C 113 -2.31 36.58 -27.56
N ALA C 114 -2.21 37.72 -28.24
CA ALA C 114 -3.35 38.39 -28.84
C ALA C 114 -4.01 37.58 -29.96
N GLU C 115 -3.24 37.25 -31.01
CA GLU C 115 -3.73 36.40 -32.12
C GLU C 115 -4.45 35.17 -31.59
N LEU C 116 -3.76 34.41 -30.75
CA LEU C 116 -4.26 33.12 -30.26
C LEU C 116 -5.44 33.24 -29.32
N ALA C 117 -5.58 34.39 -28.67
CA ALA C 117 -6.70 34.58 -27.76
C ALA C 117 -8.02 34.69 -28.52
N ASP C 118 -7.97 35.18 -29.76
CA ASP C 118 -9.13 35.23 -30.66
C ASP C 118 -9.64 33.86 -31.06
N SER C 119 -8.73 32.88 -31.08
CA SER C 119 -9.11 31.48 -31.26
C SER C 119 -9.29 30.76 -29.92
N GLY C 120 -9.35 31.54 -28.85
CA GLY C 120 -9.51 31.03 -27.49
C GLY C 120 -8.42 30.06 -27.04
N ILE C 121 -7.26 30.16 -27.67
CA ILE C 121 -6.08 29.37 -27.30
C ILE C 121 -5.21 30.18 -26.36
N ASN C 122 -5.04 29.72 -25.13
CA ASN C 122 -4.19 30.41 -24.17
C ASN C 122 -2.74 30.31 -24.57
N PHE C 123 -2.02 31.43 -24.40
CA PHE C 123 -0.58 31.46 -24.64
C PHE C 123 0.23 31.90 -23.42
N ILE C 124 1.08 31.00 -22.91
CA ILE C 124 2.00 31.34 -21.82
C ILE C 124 3.44 31.53 -22.30
N GLY C 125 3.83 32.77 -22.61
CA GLY C 125 5.22 33.10 -22.95
C GLY C 125 6.11 33.03 -21.73
N THR C 126 7.10 32.13 -21.75
CA THR C 126 7.90 31.81 -20.55
C THR C 126 9.43 31.95 -20.70
N GLY C 127 10.04 32.60 -19.71
CA GLY C 127 11.49 32.66 -19.60
C GLY C 127 12.01 31.43 -18.89
N VAL C 128 13.09 30.86 -19.41
CA VAL C 128 13.65 29.61 -18.88
C VAL C 128 15.16 29.71 -18.74
N SER C 129 15.59 29.77 -17.48
CA SER C 129 16.98 30.00 -17.13
C SER C 129 17.79 28.73 -16.89
N GLY C 130 19.04 28.90 -16.47
CA GLY C 130 19.90 27.80 -16.03
C GLY C 130 20.42 26.89 -17.12
N GLY C 131 20.29 27.29 -18.38
CA GLY C 131 20.77 26.49 -19.51
C GLY C 131 20.28 25.05 -19.54
N GLU C 132 21.04 24.19 -20.21
CA GLU C 132 20.66 22.80 -20.38
C GLU C 132 20.55 22.12 -19.02
N LYS C 133 21.65 22.08 -18.28
CA LYS C 133 21.70 21.46 -16.95
C LYS C 133 20.56 21.97 -16.06
N GLY C 134 20.23 23.25 -16.24
CA GLY C 134 19.11 23.86 -15.54
C GLY C 134 17.75 23.31 -15.92
N ALA C 135 17.54 23.11 -17.23
CA ALA C 135 16.26 22.57 -17.73
C ALA C 135 15.99 21.17 -17.19
N LEU C 136 17.04 20.40 -16.94
CA LEU C 136 16.93 19.03 -16.47
C LEU C 136 16.68 18.90 -14.96
N LEU C 137 17.31 19.74 -14.16
CA LEU C 137 17.24 19.62 -12.71
C LEU C 137 16.47 20.77 -12.07
N GLY C 138 16.42 21.93 -12.71
CA GLY C 138 15.76 23.05 -12.06
C GLY C 138 16.07 24.43 -12.64
N PRO C 139 15.17 24.93 -13.51
CA PRO C 139 15.32 26.26 -14.04
C PRO C 139 14.69 27.33 -13.14
N SER C 140 15.10 28.59 -13.35
CA SER C 140 14.36 29.75 -12.88
C SER C 140 13.38 30.07 -13.98
N MET C 141 12.08 30.12 -13.66
CA MET C 141 11.09 30.27 -14.72
C MET C 141 10.28 31.55 -14.57
N MET C 142 10.03 32.19 -15.70
CA MET C 142 9.40 33.51 -15.69
C MET C 142 8.22 33.53 -16.65
N PRO C 143 7.07 33.01 -16.21
CA PRO C 143 5.89 32.83 -17.04
C PRO C 143 4.98 34.05 -17.11
N GLY C 144 4.36 34.26 -18.27
CA GLY C 144 3.47 35.40 -18.50
C GLY C 144 2.39 35.07 -19.51
N GLY C 145 1.19 35.60 -19.30
CA GLY C 145 0.03 35.29 -20.14
C GLY C 145 -1.20 35.14 -19.30
N GLN C 146 -2.26 34.57 -19.86
CA GLN C 146 -3.54 34.46 -19.14
C GLN C 146 -3.42 33.76 -17.80
N LYS C 147 -3.71 34.50 -16.73
CA LYS C 147 -3.60 34.06 -15.33
C LYS C 147 -4.29 32.72 -15.00
N GLU C 148 -5.54 32.54 -15.46
CA GLU C 148 -6.34 31.30 -15.24
C GLU C 148 -5.66 30.10 -15.87
N ALA C 149 -5.19 30.29 -17.10
CA ALA C 149 -4.47 29.25 -17.83
C ALA C 149 -3.18 28.88 -17.12
N TYR C 150 -2.41 29.88 -16.71
CA TYR C 150 -1.17 29.64 -15.99
C TYR C 150 -1.38 28.78 -14.74
N ASP C 151 -2.45 29.06 -13.99
CA ASP C 151 -2.76 28.35 -12.75
C ASP C 151 -2.88 26.85 -12.98
N LEU C 152 -3.36 26.46 -14.16
CA LEU C 152 -3.41 25.05 -14.52
C LEU C 152 -2.02 24.48 -14.86
N VAL C 153 -1.08 25.34 -15.23
CA VAL C 153 0.28 24.91 -15.53
C VAL C 153 1.16 24.95 -14.28
N ALA C 154 0.86 25.89 -13.39
CA ALA C 154 1.67 26.11 -12.19
C ALA C 154 2.18 24.87 -11.40
N PRO C 155 1.32 23.88 -11.09
CA PRO C 155 1.86 22.80 -10.25
C PRO C 155 3.11 22.18 -10.87
N ILE C 156 3.03 21.93 -12.18
CA ILE C 156 4.15 21.34 -12.91
C ILE C 156 5.36 22.29 -12.86
N PHE C 157 5.13 23.55 -13.22
CA PHE C 157 6.18 24.54 -13.18
C PHE C 157 6.80 24.66 -11.79
N GLU C 158 5.98 24.62 -10.74
CA GLU C 158 6.49 24.69 -9.37
C GLU C 158 7.22 23.44 -8.95
N GLN C 159 6.94 22.33 -9.64
CA GLN C 159 7.52 21.04 -9.30
C GLN C 159 8.87 20.86 -9.94
N ILE C 160 9.06 21.46 -11.10
CA ILE C 160 10.31 21.27 -11.87
C ILE C 160 11.36 22.37 -11.66
N ALA C 161 10.92 23.54 -11.18
CA ALA C 161 11.79 24.69 -10.98
C ALA C 161 12.83 24.46 -9.90
N ALA C 162 14.03 24.97 -10.10
CA ALA C 162 15.03 25.03 -9.03
C ALA C 162 14.33 25.51 -7.76
N LYS C 163 14.77 25.00 -6.62
CA LYS C 163 14.22 25.41 -5.32
C LYS C 163 15.26 26.25 -4.60
N ALA C 164 14.87 27.46 -4.18
CA ALA C 164 15.77 28.36 -3.45
C ALA C 164 16.38 27.63 -2.25
N PRO C 165 17.73 27.57 -2.17
CA PRO C 165 18.43 26.84 -1.08
C PRO C 165 18.07 27.33 0.32
N GLN C 166 17.66 28.59 0.40
CA GLN C 166 17.30 29.26 1.66
C GLN C 166 16.07 28.64 2.34
N ASP C 167 14.96 28.52 1.60
CA ASP C 167 13.68 28.16 2.19
C ASP C 167 12.90 27.11 1.39
N GLY C 168 13.44 26.70 0.25
CA GLY C 168 12.79 25.69 -0.60
C GLY C 168 11.78 26.20 -1.62
N LYS C 169 11.53 27.51 -1.64
CA LYS C 169 10.52 28.06 -2.56
C LYS C 169 10.88 27.79 -4.01
N PRO C 170 9.86 27.41 -4.82
CA PRO C 170 10.06 27.22 -6.26
C PRO C 170 10.49 28.54 -6.89
N CYS C 171 11.54 28.51 -7.69
CA CYS C 171 11.97 29.68 -8.44
C CYS C 171 11.11 29.85 -9.68
N VAL C 172 9.80 30.01 -9.47
CA VAL C 172 8.88 30.35 -10.54
C VAL C 172 7.71 31.09 -9.95
N ALA C 173 7.21 32.10 -10.65
CA ALA C 173 5.98 32.76 -10.27
C ALA C 173 5.37 33.45 -11.46
N TYR C 174 4.05 33.61 -11.43
CA TYR C 174 3.32 34.42 -12.41
C TYR C 174 3.82 35.88 -12.39
N MET C 175 4.23 36.37 -13.56
CA MET C 175 4.71 37.75 -13.69
C MET C 175 3.61 38.73 -14.16
N GLY C 176 2.70 38.26 -15.01
CA GLY C 176 1.60 39.10 -15.50
C GLY C 176 1.07 38.68 -16.88
N ALA C 177 0.18 39.50 -17.43
CA ALA C 177 -0.47 39.24 -18.72
C ALA C 177 0.50 39.11 -19.92
N ASN C 178 -0.04 38.66 -21.05
CA ASN C 178 0.71 38.58 -22.32
C ASN C 178 2.22 38.37 -22.20
N GLY C 179 3.02 39.38 -22.54
CA GLY C 179 4.48 39.27 -22.61
C GLY C 179 5.31 39.71 -21.40
N ALA C 180 4.72 39.62 -20.21
CA ALA C 180 5.37 40.02 -18.97
C ALA C 180 6.47 39.06 -18.58
N GLY C 181 6.24 37.77 -18.81
CA GLY C 181 7.17 36.73 -18.45
C GLY C 181 8.47 36.89 -19.19
N HIS C 182 8.36 37.02 -20.51
CA HIS C 182 9.55 37.14 -21.35
C HIS C 182 10.26 38.47 -21.15
N TYR C 183 9.50 39.51 -20.80
CA TYR C 183 10.09 40.79 -20.49
C TYR C 183 11.08 40.71 -19.32
N VAL C 184 10.67 40.01 -18.27
CA VAL C 184 11.47 39.89 -17.07
C VAL C 184 12.71 39.08 -17.43
N LYS C 185 12.50 37.95 -18.09
CA LYS C 185 13.62 37.11 -18.49
C LYS C 185 14.64 37.92 -19.32
N MET C 186 14.15 38.88 -20.09
CA MET C 186 15.04 39.73 -20.85
C MET C 186 15.93 40.49 -19.88
N VAL C 187 15.31 41.18 -18.92
CA VAL C 187 16.02 42.00 -17.96
C VAL C 187 17.05 41.19 -17.21
N HIS C 188 16.69 39.95 -16.89
CA HIS C 188 17.63 39.03 -16.29
C HIS C 188 18.90 38.89 -17.14
N ASN C 189 18.74 38.62 -18.44
CA ASN C 189 19.87 38.59 -19.36
C ASN C 189 20.67 39.91 -19.46
N GLY C 190 19.99 41.04 -19.47
CA GLY C 190 20.67 42.34 -19.49
C GLY C 190 21.54 42.50 -18.26
N ILE C 191 20.95 42.26 -17.09
CA ILE C 191 21.66 42.31 -15.82
C ILE C 191 22.89 41.39 -15.84
N GLU C 192 22.73 40.18 -16.40
CA GLU C 192 23.84 39.21 -16.56
C GLU C 192 25.04 39.81 -17.28
N TYR C 193 24.81 40.66 -18.28
CA TYR C 193 25.88 41.33 -19.00
C TYR C 193 26.57 42.35 -18.10
N GLY C 194 25.77 43.04 -17.29
CA GLY C 194 26.29 44.07 -16.40
C GLY C 194 27.21 43.45 -15.38
N ASP C 195 26.70 42.44 -14.67
CA ASP C 195 27.46 41.71 -13.68
C ASP C 195 28.76 41.24 -14.29
N MET C 196 28.66 40.61 -15.44
CA MET C 196 29.83 40.08 -16.14
C MET C 196 30.89 41.13 -16.45
N GLN C 197 30.49 42.29 -16.95
CA GLN C 197 31.47 43.35 -17.23
C GLN C 197 32.11 43.93 -15.96
N LEU C 198 31.28 44.21 -14.94
CA LEU C 198 31.77 44.66 -13.64
C LEU C 198 32.86 43.75 -13.06
N ILE C 199 32.63 42.44 -13.12
CA ILE C 199 33.66 41.50 -12.71
C ILE C 199 34.92 41.66 -13.60
N ALA C 200 34.74 41.81 -14.91
CA ALA C 200 35.86 41.98 -15.84
C ALA C 200 36.75 43.20 -15.48
N GLU C 201 36.12 44.31 -15.13
CA GLU C 201 36.86 45.48 -14.69
C GLU C 201 37.57 45.22 -13.35
N SER C 202 36.81 44.72 -12.37
CA SER C 202 37.37 44.30 -11.09
C SER C 202 38.66 43.53 -11.31
N TYR C 203 38.62 42.56 -12.22
CA TYR C 203 39.75 41.69 -12.55
C TYR C 203 40.88 42.47 -13.22
N ASP C 204 40.54 43.18 -14.30
CA ASP C 204 41.50 44.01 -15.07
C ASP C 204 42.31 44.97 -14.17
N LEU C 205 41.66 45.61 -13.19
CA LEU C 205 42.34 46.48 -12.24
C LEU C 205 43.35 45.73 -11.38
N LEU C 206 42.93 44.60 -10.79
CA LEU C 206 43.81 43.74 -9.99
C LEU C 206 45.03 43.27 -10.79
N LYS C 207 44.82 43.00 -12.08
CA LYS C 207 45.85 42.44 -12.94
C LYS C 207 46.78 43.53 -13.41
N ARG C 208 46.21 44.58 -13.98
CA ARG C 208 47.00 45.63 -14.63
C ARG C 208 47.58 46.68 -13.69
N ILE C 209 46.84 47.09 -12.66
CA ILE C 209 47.36 48.11 -11.76
C ILE C 209 48.17 47.49 -10.63
N LEU C 210 47.64 46.43 -10.02
CA LEU C 210 48.28 45.78 -8.87
C LEU C 210 49.32 44.68 -9.21
N GLY C 211 49.45 44.35 -10.49
CA GLY C 211 50.38 43.32 -10.96
C GLY C 211 50.15 41.97 -10.32
N LEU C 212 48.90 41.66 -10.01
CA LEU C 212 48.55 40.41 -9.33
C LEU C 212 48.41 39.21 -10.27
N SER C 213 48.81 38.03 -9.81
CA SER C 213 48.72 36.83 -10.64
C SER C 213 47.34 36.18 -10.55
N ASN C 214 47.11 35.18 -11.40
CA ASN C 214 45.83 34.48 -11.43
C ASN C 214 45.48 33.89 -10.06
N ALA C 215 46.45 33.16 -9.49
CA ALA C 215 46.33 32.51 -8.18
C ALA C 215 45.97 33.49 -7.07
N GLU C 216 46.51 34.69 -7.12
CA GLU C 216 46.23 35.69 -6.11
C GLU C 216 44.83 36.25 -6.29
N ILE C 217 44.52 36.68 -7.51
CA ILE C 217 43.19 37.19 -7.90
C ILE C 217 42.07 36.18 -7.56
N GLN C 218 42.30 34.92 -7.88
CA GLN C 218 41.43 33.82 -7.47
C GLN C 218 41.07 33.91 -5.98
N ALA C 219 42.08 33.97 -5.12
CA ALA C 219 41.89 34.00 -3.67
C ALA C 219 41.15 35.26 -3.23
N ILE C 220 41.33 36.35 -3.96
CA ILE C 220 40.62 37.55 -3.66
C ILE C 220 39.12 37.30 -3.88
N PHE C 221 38.75 36.90 -5.09
CA PHE C 221 37.34 36.64 -5.36
C PHE C 221 36.78 35.60 -4.39
N GLU C 222 37.62 34.66 -3.97
CA GLU C 222 37.21 33.65 -2.98
C GLU C 222 36.80 34.31 -1.67
N GLU C 223 37.65 35.20 -1.17
CA GLU C 223 37.37 35.86 0.12
CA GLU C 223 37.43 35.92 0.09
C GLU C 223 36.19 36.80 -0.01
N TRP C 224 36.06 37.46 -1.17
CA TRP C 224 34.94 38.36 -1.44
C TRP C 224 33.62 37.59 -1.43
N ASN C 225 33.65 36.40 -2.02
CA ASN C 225 32.46 35.55 -2.10
C ASN C 225 31.93 35.10 -0.74
N GLU C 226 32.73 35.31 0.30
CA GLU C 226 32.32 35.05 1.66
C GLU C 226 31.43 36.16 2.18
N GLY C 227 31.51 37.32 1.54
CA GLY C 227 30.84 38.51 2.03
C GLY C 227 29.46 38.76 1.46
N GLU C 228 29.07 40.04 1.47
CA GLU C 228 27.80 40.50 0.93
C GLU C 228 27.75 40.32 -0.59
N LEU C 229 28.91 40.13 -1.21
CA LEU C 229 29.02 39.97 -2.66
C LEU C 229 28.67 38.56 -3.12
N ASP C 230 28.51 37.65 -2.16
CA ASP C 230 28.18 36.25 -2.43
C ASP C 230 27.36 36.11 -3.71
N SER C 231 27.88 35.35 -4.67
CA SER C 231 27.27 35.23 -5.98
C SER C 231 27.89 34.13 -6.83
N TYR C 232 27.03 33.37 -7.48
CA TYR C 232 27.47 32.26 -8.29
C TYR C 232 28.43 32.73 -9.38
N LEU C 233 28.21 33.91 -9.94
CA LEU C 233 29.13 34.41 -10.96
C LEU C 233 30.54 34.55 -10.44
N ILE C 234 30.70 35.09 -9.22
CA ILE C 234 32.01 35.19 -8.57
C ILE C 234 32.60 33.78 -8.29
N GLU C 235 31.75 32.86 -7.86
CA GLU C 235 32.13 31.45 -7.73
C GLU C 235 32.69 30.91 -9.06
N ILE C 236 31.98 31.17 -10.16
CA ILE C 236 32.44 30.82 -11.50
C ILE C 236 33.82 31.39 -11.83
N THR C 237 34.07 32.63 -11.40
CA THR C 237 35.31 33.34 -11.70
C THR C 237 36.54 32.69 -11.03
N LYS C 238 36.47 32.45 -9.73
CA LYS C 238 37.57 31.80 -9.02
C LYS C 238 37.85 30.42 -9.59
N GLU C 239 36.77 29.76 -10.04
CA GLU C 239 36.86 28.48 -10.73
C GLU C 239 37.67 28.55 -12.02
N VAL C 240 37.25 29.39 -12.96
CA VAL C 240 37.99 29.54 -14.23
C VAL C 240 39.49 29.84 -13.99
N LEU C 241 39.77 30.74 -13.04
CA LEU C 241 41.15 31.13 -12.71
C LEU C 241 42.08 29.98 -12.30
N LYS C 242 41.51 28.85 -11.87
CA LYS C 242 42.30 27.73 -11.39
C LYS C 242 42.85 26.91 -12.55
N ARG C 243 42.19 26.99 -13.69
CA ARG C 243 42.32 25.93 -14.67
C ARG C 243 43.52 26.11 -15.61
N LYS C 244 44.25 25.03 -15.80
CA LYS C 244 45.39 24.98 -16.72
C LYS C 244 44.93 24.92 -18.15
N ASP C 245 45.69 25.55 -19.02
CA ASP C 245 45.46 25.45 -20.45
C ASP C 245 45.57 23.98 -20.87
N ASP C 246 44.56 23.50 -21.60
CA ASP C 246 44.50 22.09 -21.95
C ASP C 246 45.25 21.77 -23.20
N GLU C 247 45.89 22.78 -23.80
CA GLU C 247 46.56 22.56 -25.06
C GLU C 247 47.99 23.11 -25.06
N GLY C 248 48.35 23.84 -24.01
CA GLY C 248 49.69 24.38 -23.89
C GLY C 248 50.02 24.67 -22.43
N GLU C 249 50.83 25.71 -22.22
CA GLU C 249 51.32 26.06 -20.89
C GLU C 249 50.44 27.08 -20.21
N GLY C 250 50.53 27.11 -18.89
CA GLY C 250 49.83 28.09 -18.09
C GLY C 250 48.34 27.92 -17.96
N TYR C 251 47.64 29.05 -18.03
CA TYR C 251 46.22 29.13 -17.73
C TYR C 251 45.34 29.28 -18.97
N ILE C 252 44.18 28.64 -18.95
CA ILE C 252 43.28 28.73 -20.10
C ILE C 252 42.69 30.14 -20.23
N VAL C 253 42.37 30.78 -19.10
CA VAL C 253 41.89 32.16 -19.12
C VAL C 253 42.86 33.10 -19.86
N ASP C 254 44.14 32.73 -19.91
CA ASP C 254 45.15 33.56 -20.58
C ASP C 254 45.32 33.22 -22.07
N LYS C 255 44.75 32.10 -22.49
CA LYS C 255 44.86 31.66 -23.87
C LYS C 255 43.54 31.88 -24.62
N ILE C 256 42.50 32.32 -23.90
CA ILE C 256 41.23 32.68 -24.51
C ILE C 256 41.34 34.05 -25.19
N LEU C 257 40.97 34.12 -26.47
CA LEU C 257 40.92 35.41 -27.21
C LEU C 257 39.84 36.35 -26.69
N ASP C 258 40.26 37.59 -26.39
CA ASP C 258 39.39 38.62 -25.80
C ASP C 258 38.46 39.30 -26.82
N LYS C 259 37.72 38.47 -27.56
CA LYS C 259 36.64 38.90 -28.44
C LYS C 259 35.33 38.27 -27.94
N ALA C 260 34.42 39.11 -27.44
CA ALA C 260 33.13 38.61 -26.96
C ALA C 260 32.21 38.17 -28.11
N GLY C 261 31.88 36.88 -28.09
CA GLY C 261 30.88 36.35 -29.00
C GLY C 261 29.53 37.01 -28.72
N ASN C 262 28.73 37.11 -29.77
CA ASN C 262 27.37 37.60 -29.65
C ASN C 262 26.46 36.66 -30.40
N LYS C 263 25.28 36.43 -29.84
CA LYS C 263 24.23 35.66 -30.52
C LYS C 263 23.07 36.59 -30.88
N GLY C 264 23.28 37.86 -30.56
CA GLY C 264 22.37 38.96 -30.92
C GLY C 264 21.03 38.99 -30.22
N THR C 265 21.00 38.64 -28.94
CA THR C 265 19.79 38.89 -28.13
C THR C 265 20.10 39.80 -26.94
N GLY C 266 21.38 40.00 -26.65
CA GLY C 266 21.80 40.78 -25.48
C GLY C 266 21.44 42.25 -25.59
N LYS C 267 21.21 42.71 -26.81
CA LYS C 267 20.91 44.10 -27.06
C LYS C 267 19.54 44.49 -26.51
N TRP C 268 18.67 43.50 -26.32
CA TRP C 268 17.25 43.74 -26.12
C TRP C 268 16.89 44.65 -24.95
N THR C 269 17.40 44.33 -23.77
CA THR C 269 17.12 45.14 -22.59
C THR C 269 17.43 46.60 -22.89
N SER C 270 18.56 46.82 -23.53
CA SER C 270 18.99 48.16 -23.88
C SER C 270 18.05 48.90 -24.81
N GLU C 271 17.55 48.20 -25.84
CA GLU C 271 16.64 48.80 -26.81
C GLU C 271 15.29 49.14 -26.18
N SER C 272 14.84 48.32 -25.23
CA SER C 272 13.64 48.59 -24.47
C SER C 272 13.85 49.87 -23.64
N ALA C 273 14.98 49.92 -22.93
CA ALA C 273 15.40 51.11 -22.22
C ALA C 273 15.32 52.33 -23.12
N LEU C 274 15.80 52.21 -24.35
CA LEU C 274 15.74 53.35 -25.27
C LEU C 274 14.31 53.69 -25.69
N ASP C 275 13.43 52.70 -25.72
CA ASP C 275 12.09 52.90 -26.21
C ASP C 275 11.26 53.47 -25.11
N LEU C 276 11.56 53.02 -23.91
CA LEU C 276 10.79 53.40 -22.74
C LEU C 276 11.17 54.77 -22.15
N GLY C 277 12.41 55.21 -22.38
CA GLY C 277 12.90 56.49 -21.85
C GLY C 277 13.52 56.25 -20.49
N VAL C 278 13.91 55.01 -20.25
CA VAL C 278 14.56 54.62 -19.01
C VAL C 278 16.07 54.72 -19.15
N PRO C 279 16.73 55.42 -18.19
CA PRO C 279 18.19 55.51 -18.20
C PRO C 279 18.80 54.22 -17.71
N LEU C 280 19.54 53.57 -18.60
CA LEU C 280 20.17 52.28 -18.29
C LEU C 280 21.65 52.32 -18.69
N PRO C 281 22.43 53.29 -18.15
CA PRO C 281 23.79 53.42 -18.64
C PRO C 281 24.63 52.15 -18.42
N LEU C 282 24.53 51.53 -17.24
CA LEU C 282 25.44 50.44 -16.87
C LEU C 282 25.33 49.25 -17.82
N ILE C 283 24.16 48.62 -17.84
CA ILE C 283 23.96 47.46 -18.72
C ILE C 283 24.33 47.79 -20.16
N THR C 284 23.95 48.98 -20.64
CA THR C 284 24.24 49.36 -22.02
C THR C 284 25.76 49.51 -22.25
N GLU C 285 26.47 50.02 -21.26
CA GLU C 285 27.91 50.12 -21.36
C GLU C 285 28.53 48.72 -21.43
N SER C 286 27.91 47.77 -20.74
CA SER C 286 28.37 46.39 -20.77
C SER C 286 28.24 45.79 -22.18
N VAL C 287 27.19 46.18 -22.90
CA VAL C 287 26.98 45.72 -24.28
C VAL C 287 28.08 46.29 -25.18
N PHE C 288 28.22 47.61 -25.16
CA PHE C 288 29.25 48.32 -25.90
C PHE C 288 30.66 47.83 -25.60
N ALA C 289 30.88 47.34 -24.38
CA ALA C 289 32.14 46.68 -24.01
C ALA C 289 32.32 45.32 -24.71
N ARG C 290 31.27 44.50 -24.78
CA ARG C 290 31.40 43.30 -25.59
C ARG C 290 31.71 43.68 -27.03
N TYR C 291 31.07 44.73 -27.55
CA TYR C 291 31.24 45.10 -28.96
C TYR C 291 32.68 45.50 -29.26
N ILE C 292 33.19 46.49 -28.56
CA ILE C 292 34.54 46.98 -28.85
C ILE C 292 35.58 45.85 -28.73
N SER C 293 35.32 44.89 -27.84
CA SER C 293 36.23 43.76 -27.69
C SER C 293 36.32 42.96 -28.99
N THR C 294 35.26 42.98 -29.81
CA THR C 294 35.33 42.28 -31.11
C THR C 294 36.12 43.09 -32.14
N TYR C 295 36.27 44.40 -31.89
CA TYR C 295 37.16 45.25 -32.68
C TYR C 295 38.64 44.99 -32.35
N LYS C 296 39.00 43.71 -32.23
CA LYS C 296 40.38 43.33 -31.90
C LYS C 296 41.40 43.85 -32.90
N ASP C 297 41.27 43.48 -34.18
CA ASP C 297 42.23 43.89 -35.20
C ASP C 297 42.62 45.36 -35.06
N GLU C 298 41.61 46.21 -34.82
CA GLU C 298 41.82 47.66 -34.64
C GLU C 298 42.50 48.03 -33.34
N ARG C 299 42.09 47.38 -32.25
CA ARG C 299 42.72 47.64 -30.95
C ARG C 299 44.21 47.31 -30.96
N VAL C 300 44.61 46.23 -31.64
CA VAL C 300 46.01 45.88 -31.81
C VAL C 300 46.74 47.05 -32.47
N LYS C 301 46.26 47.49 -33.64
CA LYS C 301 46.89 48.61 -34.35
C LYS C 301 46.89 49.87 -33.49
N ALA C 302 45.81 50.06 -32.72
CA ALA C 302 45.65 51.23 -31.84
C ALA C 302 46.67 51.27 -30.69
N SER C 303 46.95 50.10 -30.13
CA SER C 303 47.91 50.02 -29.02
C SER C 303 49.30 50.50 -29.44
N LYS C 304 49.61 50.38 -30.72
CA LYS C 304 50.92 50.79 -31.22
C LYS C 304 51.11 52.29 -31.49
N VAL C 305 50.02 53.04 -31.71
CA VAL C 305 50.15 54.48 -32.04
C VAL C 305 49.54 55.46 -31.03
N LEU C 306 48.69 54.96 -30.14
CA LEU C 306 48.07 55.84 -29.16
C LEU C 306 48.82 55.85 -27.82
N SER C 307 49.02 57.04 -27.26
CA SER C 307 49.75 57.19 -25.97
C SER C 307 48.83 57.11 -24.74
N GLY C 308 49.44 56.83 -23.59
CA GLY C 308 48.71 56.85 -22.31
C GLY C 308 49.66 56.67 -21.14
N PRO C 309 49.17 56.86 -19.91
CA PRO C 309 49.98 56.67 -18.71
C PRO C 309 50.63 55.29 -18.63
N ALA C 310 51.91 55.25 -18.24
CA ALA C 310 52.63 53.99 -17.98
C ALA C 310 52.99 53.85 -16.51
N LEU C 311 52.23 54.54 -15.64
CA LEU C 311 52.40 54.52 -14.20
C LEU C 311 52.61 53.14 -13.57
N ASP C 312 53.53 53.09 -12.60
CA ASP C 312 53.80 51.91 -11.77
C ASP C 312 53.17 52.08 -10.39
N PHE C 313 52.21 51.23 -10.05
CA PHE C 313 51.50 51.35 -8.76
C PHE C 313 52.44 51.24 -7.55
N SER C 314 52.16 52.03 -6.50
CA SER C 314 53.01 52.06 -5.30
C SER C 314 52.30 52.29 -3.94
N GLY C 315 50.96 52.24 -3.90
CA GLY C 315 50.21 52.38 -2.64
C GLY C 315 50.04 51.06 -1.89
N ASP C 316 49.08 51.03 -0.97
CA ASP C 316 48.79 49.82 -0.19
C ASP C 316 47.89 48.88 -1.01
N LYS C 317 48.48 47.78 -1.49
CA LYS C 317 47.74 46.79 -2.28
C LYS C 317 46.47 46.36 -1.56
N LYS C 318 46.63 45.90 -0.32
CA LYS C 318 45.53 45.37 0.48
C LYS C 318 44.35 46.34 0.71
N GLU C 319 44.65 47.63 0.89
CA GLU C 319 43.60 48.65 1.02
C GLU C 319 42.89 48.97 -0.28
N VAL C 320 43.59 48.78 -1.38
CA VAL C 320 43.05 49.01 -2.71
C VAL C 320 42.06 47.89 -3.06
N ILE C 321 42.45 46.65 -2.76
CA ILE C 321 41.61 45.49 -2.98
C ILE C 321 40.28 45.70 -2.30
N GLU C 322 40.33 46.22 -1.07
CA GLU C 322 39.12 46.50 -0.34
C GLU C 322 38.25 47.58 -1.01
N LYS C 323 38.91 48.59 -1.58
CA LYS C 323 38.20 49.68 -2.26
C LYS C 323 37.50 49.21 -3.54
N ILE C 324 38.20 48.40 -4.32
CA ILE C 324 37.64 47.76 -5.50
C ILE C 324 36.45 46.84 -5.13
N ARG C 325 36.54 46.17 -3.98
CA ARG C 325 35.45 45.30 -3.49
C ARG C 325 34.19 46.11 -3.24
N LYS C 326 34.33 47.24 -2.56
CA LYS C 326 33.22 48.17 -2.34
C LYS C 326 32.70 48.73 -3.67
N ALA C 327 33.61 49.17 -4.52
CA ALA C 327 33.25 49.66 -5.84
C ALA C 327 32.43 48.62 -6.60
N LEU C 328 32.86 47.36 -6.56
CA LEU C 328 32.13 46.30 -7.26
C LEU C 328 30.69 46.16 -6.76
N TYR C 329 30.51 46.02 -5.44
CA TYR C 329 29.19 45.89 -4.85
C TYR C 329 28.36 47.16 -5.06
N PHE C 330 29.05 48.31 -5.11
CA PHE C 330 28.39 49.60 -5.28
C PHE C 330 27.85 49.73 -6.69
N SER C 331 28.69 49.39 -7.65
CA SER C 331 28.32 49.45 -9.06
C SER C 331 27.19 48.48 -9.35
N LYS C 332 27.32 47.25 -8.86
CA LYS C 332 26.33 46.20 -9.01
C LYS C 332 24.97 46.72 -8.57
N ILE C 333 24.96 47.49 -7.47
CA ILE C 333 23.73 48.05 -6.91
C ILE C 333 23.18 49.09 -7.87
N MET C 334 24.02 50.01 -8.33
CA MET C 334 23.61 50.93 -9.39
C MET C 334 22.93 50.15 -10.51
N SER C 335 23.51 49.01 -10.89
CA SER C 335 23.01 48.27 -12.04
C SER C 335 21.67 47.59 -11.77
N TYR C 336 21.48 47.11 -10.55
CA TYR C 336 20.22 46.52 -10.18
C TYR C 336 19.17 47.60 -9.94
N ALA C 337 19.62 48.77 -9.48
CA ALA C 337 18.71 49.91 -9.31
C ALA C 337 18.15 50.34 -10.64
N GLN C 338 18.99 50.31 -11.67
CA GLN C 338 18.55 50.66 -13.01
C GLN C 338 17.66 49.58 -13.63
N GLY C 339 18.07 48.32 -13.49
CA GLY C 339 17.32 47.20 -14.02
C GLY C 339 15.90 47.17 -13.49
N PHE C 340 15.74 47.44 -12.19
CA PHE C 340 14.40 47.45 -11.60
C PHE C 340 13.60 48.70 -11.94
N ALA C 341 14.27 49.84 -12.03
CA ALA C 341 13.64 51.05 -12.54
C ALA C 341 13.06 50.85 -13.94
N GLN C 342 13.70 49.98 -14.74
CA GLN C 342 13.22 49.66 -16.08
C GLN C 342 11.98 48.79 -16.02
N LEU C 343 12.00 47.75 -15.18
CA LEU C 343 10.85 46.87 -14.95
C LEU C 343 9.62 47.62 -14.47
N ARG C 344 9.84 48.68 -13.69
CA ARG C 344 8.76 49.52 -13.24
C ARG C 344 8.12 50.27 -14.40
N LYS C 345 8.95 50.80 -15.30
CA LYS C 345 8.42 51.56 -16.44
C LYS C 345 7.64 50.64 -17.36
N ALA C 346 8.26 49.52 -17.69
CA ALA C 346 7.62 48.49 -18.50
C ALA C 346 6.27 48.10 -17.93
N SER C 347 6.21 47.88 -16.62
CA SER C 347 5.00 47.43 -15.92
C SER C 347 3.84 48.41 -16.02
N GLU C 348 4.16 49.70 -16.16
CA GLU C 348 3.15 50.75 -16.27
C GLU C 348 2.78 51.03 -17.73
N GLU C 349 3.76 50.95 -18.61
CA GLU C 349 3.54 51.09 -20.04
C GLU C 349 2.70 49.97 -20.62
N PHE C 350 2.83 48.76 -20.05
CA PHE C 350 2.18 47.57 -20.59
C PHE C 350 1.14 46.96 -19.66
N ASP C 351 0.85 47.65 -18.57
CA ASP C 351 -0.19 47.27 -17.64
C ASP C 351 0.02 45.85 -17.13
N TRP C 352 1.20 45.59 -16.56
CA TRP C 352 1.57 44.24 -16.10
C TRP C 352 1.50 44.05 -14.61
N ASP C 353 1.71 45.11 -13.84
CA ASP C 353 1.70 44.98 -12.38
C ASP C 353 2.69 43.87 -11.94
N LEU C 354 3.94 44.00 -12.40
CA LEU C 354 4.99 43.03 -12.09
C LEU C 354 5.30 42.92 -10.60
N PRO C 355 5.33 41.69 -10.08
CA PRO C 355 5.79 41.53 -8.69
C PRO C 355 7.32 41.64 -8.58
N TYR C 356 7.82 42.85 -8.43
CA TYR C 356 9.26 43.10 -8.40
C TYR C 356 9.90 42.35 -7.25
N GLY C 357 9.16 42.27 -6.14
CA GLY C 357 9.67 41.64 -4.92
C GLY C 357 9.89 40.18 -5.21
N THR C 358 8.86 39.55 -5.78
CA THR C 358 8.90 38.14 -6.17
C THR C 358 9.93 37.85 -7.28
N ILE C 359 10.07 38.78 -8.24
CA ILE C 359 11.07 38.66 -9.31
C ILE C 359 12.45 38.29 -8.75
N ALA C 360 12.90 39.03 -7.75
CA ALA C 360 14.18 38.80 -7.08
C ALA C 360 14.24 37.43 -6.44
N GLN C 361 13.17 37.06 -5.74
CA GLN C 361 13.07 35.74 -5.08
C GLN C 361 13.29 34.59 -6.04
N ILE C 362 12.70 34.69 -7.23
CA ILE C 362 12.80 33.58 -8.19
C ILE C 362 14.11 33.59 -8.97
N TRP C 363 14.94 34.61 -8.72
CA TRP C 363 16.30 34.63 -9.24
C TRP C 363 17.35 34.06 -8.27
N ARG C 364 16.90 33.52 -7.13
CA ARG C 364 17.80 33.03 -6.06
C ARG C 364 18.47 31.71 -6.40
N ALA C 365 17.89 30.95 -7.32
CA ALA C 365 18.42 29.66 -7.70
C ALA C 365 18.20 29.33 -9.17
N GLY C 366 19.10 28.49 -9.70
CA GLY C 366 18.92 27.92 -11.04
C GLY C 366 18.96 28.92 -12.18
N CYS C 367 19.78 29.95 -12.01
CA CYS C 367 20.08 30.93 -13.04
C CYS C 367 21.40 31.58 -12.64
N ILE C 368 22.13 32.12 -13.60
CA ILE C 368 23.52 32.47 -13.32
C ILE C 368 23.72 33.78 -12.51
N ILE C 369 22.71 34.64 -12.45
CA ILE C 369 22.84 35.87 -11.68
C ILE C 369 22.47 35.68 -10.20
N ARG C 370 22.27 34.44 -9.79
CA ARG C 370 21.91 34.16 -8.41
C ARG C 370 22.96 34.71 -7.43
N ALA C 371 22.48 35.41 -6.41
CA ALA C 371 23.31 36.04 -5.42
C ALA C 371 22.55 36.23 -4.11
N GLU C 372 23.29 36.35 -3.01
CA GLU C 372 22.69 36.51 -1.69
C GLU C 372 21.99 37.85 -1.54
N PHE C 373 22.46 38.87 -2.25
CA PHE C 373 21.93 40.25 -2.07
C PHE C 373 20.54 40.46 -2.67
N LEU C 374 20.11 39.54 -3.53
CA LEU C 374 18.73 39.50 -3.99
C LEU C 374 17.73 39.64 -2.83
N GLN C 375 18.05 39.02 -1.69
CA GLN C 375 17.20 39.13 -0.51
C GLN C 375 16.91 40.57 -0.09
N ASN C 376 17.93 41.43 -0.20
CA ASN C 376 17.79 42.87 0.08
C ASN C 376 16.87 43.59 -0.90
N ILE C 377 16.94 43.21 -2.16
CA ILE C 377 16.01 43.70 -3.15
C ILE C 377 14.60 43.33 -2.70
N THR C 378 14.39 42.04 -2.39
CA THR C 378 13.11 41.55 -1.90
C THR C 378 12.67 42.31 -0.64
N ASP C 379 13.59 42.53 0.30
CA ASP C 379 13.23 43.24 1.53
C ASP C 379 12.70 44.64 1.21
N ALA C 380 13.49 45.40 0.46
CA ALA C 380 13.08 46.70 -0.06
C ALA C 380 11.64 46.73 -0.59
N PHE C 381 11.29 45.77 -1.44
CA PHE C 381 9.94 45.73 -2.02
C PHE C 381 8.83 45.21 -1.09
N ASP C 382 9.18 44.37 -0.11
CA ASP C 382 8.22 43.95 0.90
C ASP C 382 7.71 45.16 1.67
N LYS C 383 8.65 46.05 2.01
CA LYS C 383 8.39 47.24 2.81
C LYS C 383 7.57 48.27 2.03
N ASP C 384 7.97 48.51 0.78
CA ASP C 384 7.17 49.33 -0.14
C ASP C 384 7.16 48.69 -1.53
N SER C 385 6.05 48.04 -1.87
CA SER C 385 5.87 47.40 -3.19
C SER C 385 5.89 48.44 -4.30
N GLU C 386 5.70 49.70 -3.90
CA GLU C 386 5.64 50.86 -4.81
C GLU C 386 6.92 51.71 -4.78
N LEU C 387 8.02 51.10 -4.35
CA LEU C 387 9.31 51.76 -4.38
C LEU C 387 9.64 52.14 -5.81
N GLU C 388 10.36 53.25 -5.96
CA GLU C 388 10.62 53.83 -7.26
C GLU C 388 11.98 53.39 -7.80
N ASN C 389 12.98 53.54 -6.94
CA ASN C 389 14.35 53.10 -7.21
C ASN C 389 14.85 52.42 -5.95
N LEU C 390 15.65 51.37 -6.10
CA LEU C 390 16.22 50.67 -4.95
C LEU C 390 17.06 51.61 -4.11
N LEU C 391 17.63 52.61 -4.76
CA LEU C 391 18.51 53.58 -4.11
C LEU C 391 17.87 54.31 -2.91
N LEU C 392 16.54 54.40 -2.92
CA LEU C 392 15.82 55.09 -1.86
C LEU C 392 15.47 54.19 -0.68
N ASP C 393 15.84 52.91 -0.74
CA ASP C 393 15.55 52.04 0.38
C ASP C 393 16.72 52.03 1.34
N ASP C 394 16.40 52.06 2.63
CA ASP C 394 17.36 52.16 3.73
C ASP C 394 18.63 51.31 3.62
N TYR C 395 18.50 50.05 3.21
CA TYR C 395 19.68 49.22 3.01
C TYR C 395 20.68 49.89 2.05
N PHE C 396 20.19 50.26 0.87
CA PHE C 396 21.03 50.77 -0.21
C PHE C 396 21.48 52.21 0.03
N VAL C 397 20.61 53.01 0.64
CA VAL C 397 20.94 54.34 1.16
C VAL C 397 22.24 54.25 1.97
N ASP C 398 22.28 53.24 2.84
CA ASP C 398 23.40 52.98 3.76
C ASP C 398 24.65 52.44 3.06
N ILE C 399 24.48 51.56 2.07
CA ILE C 399 25.64 51.01 1.36
C ILE C 399 26.30 52.09 0.51
N THR C 400 25.47 52.99 -0.03
CA THR C 400 25.95 54.05 -0.91
C THR C 400 26.54 55.20 -0.11
N LYS C 401 26.03 55.43 1.10
CA LYS C 401 26.59 56.47 1.95
C LYS C 401 28.03 56.14 2.36
N ARG C 402 28.24 54.86 2.70
CA ARG C 402 29.52 54.38 3.21
C ARG C 402 30.56 54.04 2.14
N TYR C 403 30.12 53.67 0.94
CA TYR C 403 31.03 53.11 -0.07
C TYR C 403 31.45 54.08 -1.17
N GLN C 404 30.66 55.13 -1.41
CA GLN C 404 30.92 56.06 -2.53
C GLN C 404 32.35 56.56 -2.52
N GLU C 405 32.78 57.05 -1.36
CA GLU C 405 34.13 57.55 -1.19
C GLU C 405 35.17 56.57 -1.80
N ALA C 406 35.02 55.27 -1.57
CA ALA C 406 35.92 54.26 -2.17
C ALA C 406 35.77 54.12 -3.68
N VAL C 407 34.54 54.21 -4.18
CA VAL C 407 34.30 54.21 -5.63
C VAL C 407 35.14 55.30 -6.30
N ARG C 408 34.91 56.55 -5.87
CA ARG C 408 35.62 57.72 -6.38
C ARG C 408 37.14 57.50 -6.40
N ASP C 409 37.66 56.85 -5.37
CA ASP C 409 39.09 56.58 -5.27
C ASP C 409 39.53 55.60 -6.34
N VAL C 410 38.75 54.54 -6.57
CA VAL C 410 39.16 53.62 -7.63
C VAL C 410 38.89 54.18 -9.04
N VAL C 411 37.93 55.11 -9.16
CA VAL C 411 37.69 55.79 -10.44
C VAL C 411 38.90 56.64 -10.81
N SER C 412 39.30 57.53 -9.89
CA SER C 412 40.56 58.30 -10.02
C SER C 412 41.76 57.38 -10.22
N LEU C 413 41.87 56.33 -9.42
CA LEU C 413 43.02 55.45 -9.52
C LEU C 413 43.12 54.87 -10.94
N ALA C 414 42.00 54.32 -11.40
CA ALA C 414 41.94 53.67 -12.70
C ALA C 414 42.23 54.68 -13.81
N VAL C 415 41.48 55.78 -13.80
CA VAL C 415 41.58 56.76 -14.88
C VAL C 415 43.01 57.25 -15.01
N GLN C 416 43.61 57.68 -13.91
CA GLN C 416 45.01 58.17 -13.88
C GLN C 416 46.02 57.12 -14.34
N ALA C 417 45.69 55.84 -14.17
CA ALA C 417 46.55 54.77 -14.63
C ALA C 417 46.37 54.48 -16.14
N GLY C 418 45.18 54.75 -16.67
CA GLY C 418 44.84 54.41 -18.05
C GLY C 418 44.12 53.08 -18.24
N THR C 419 43.67 52.48 -17.15
CA THR C 419 42.90 51.24 -17.20
C THR C 419 41.41 51.52 -17.43
N PRO C 420 40.87 50.98 -18.56
CA PRO C 420 39.46 51.14 -18.94
C PRO C 420 38.50 50.56 -17.90
N ILE C 421 37.57 51.40 -17.45
CA ILE C 421 36.53 51.01 -16.52
C ILE C 421 35.18 51.66 -16.92
N PRO C 422 34.61 51.29 -18.08
CA PRO C 422 33.36 51.94 -18.49
C PRO C 422 32.20 51.78 -17.49
N THR C 423 32.05 50.60 -16.91
CA THR C 423 30.90 50.38 -16.01
C THR C 423 31.05 50.97 -14.60
N PHE C 424 32.27 50.93 -14.03
CA PHE C 424 32.55 51.63 -12.76
C PHE C 424 32.30 53.13 -12.86
N THR C 425 32.84 53.78 -13.91
CA THR C 425 32.64 55.22 -14.09
C THR C 425 31.16 55.55 -14.26
N SER C 426 30.45 54.73 -15.05
CA SER C 426 29.02 54.94 -15.27
CA SER C 426 29.01 54.93 -15.27
C SER C 426 28.24 54.81 -13.96
N ALA C 427 28.64 53.84 -13.14
CA ALA C 427 28.03 53.58 -11.84
C ALA C 427 28.07 54.83 -10.96
N ILE C 428 29.21 55.49 -10.91
CA ILE C 428 29.37 56.68 -10.10
C ILE C 428 28.70 57.89 -10.75
N SER C 429 28.55 57.88 -12.07
CA SER C 429 27.93 58.98 -12.79
C SER C 429 26.42 58.91 -12.63
N TYR C 430 25.89 57.70 -12.76
CA TYR C 430 24.46 57.46 -12.48
C TYR C 430 24.11 57.93 -11.05
N TYR C 431 24.97 57.54 -10.10
CA TYR C 431 24.74 57.83 -8.70
C TYR C 431 24.69 59.35 -8.45
N ASP C 432 25.62 60.05 -9.09
CA ASP C 432 25.75 61.50 -8.91
C ASP C 432 24.70 62.31 -9.69
N SER C 433 24.17 61.74 -10.77
CA SER C 433 23.06 62.34 -11.48
C SER C 433 21.78 62.07 -10.72
N TYR C 434 21.59 60.83 -10.29
CA TYR C 434 20.34 60.46 -9.66
C TYR C 434 19.97 61.39 -8.48
N ARG C 435 20.98 61.75 -7.68
CA ARG C 435 20.81 62.58 -6.45
C ARG C 435 20.90 64.10 -6.68
N SER C 436 21.22 64.54 -7.89
CA SER C 436 21.28 65.97 -8.18
C SER C 436 19.87 66.52 -8.34
N GLU C 437 19.52 67.48 -7.50
CA GLU C 437 18.22 68.14 -7.63
C GLU C 437 18.13 68.86 -8.96
N ASN C 438 19.26 69.47 -9.36
CA ASN C 438 19.33 70.12 -10.65
C ASN C 438 20.38 69.49 -11.57
N LEU C 439 19.99 69.31 -12.82
CA LEU C 439 20.90 68.80 -13.82
C LEU C 439 21.09 69.83 -14.93
N PRO C 440 22.25 69.79 -15.64
CA PRO C 440 22.55 70.80 -16.65
C PRO C 440 21.62 70.75 -17.84
N ALA C 441 20.51 70.02 -17.68
CA ALA C 441 19.51 69.84 -18.71
C ALA C 441 18.77 71.14 -19.05
N ASN C 442 18.69 72.06 -18.10
CA ASN C 442 18.14 73.38 -18.38
C ASN C 442 18.82 73.99 -19.62
N LEU C 443 20.14 73.80 -19.74
CA LEU C 443 20.87 74.35 -20.87
C LEU C 443 20.48 73.69 -22.21
N ILE C 444 20.32 72.37 -22.20
CA ILE C 444 19.88 71.64 -23.38
C ILE C 444 18.50 72.20 -23.82
N GLN C 445 17.52 72.16 -22.93
CA GLN C 445 16.23 72.73 -23.22
C GLN C 445 16.32 74.14 -23.80
N ALA C 446 17.25 74.94 -23.27
CA ALA C 446 17.46 76.32 -23.73
C ALA C 446 17.97 76.32 -25.18
N GLN C 447 19.04 75.56 -25.41
CA GLN C 447 19.59 75.37 -26.72
C GLN C 447 18.51 74.86 -27.68
N ARG C 448 17.73 73.89 -27.27
CA ARG C 448 16.65 73.35 -28.11
C ARG C 448 15.61 74.39 -28.49
N ASP C 449 15.21 75.20 -27.51
CA ASP C 449 14.23 76.24 -27.75
C ASP C 449 14.79 77.31 -28.68
N TYR C 450 16.07 77.63 -28.52
CA TYR C 450 16.70 78.70 -29.24
C TYR C 450 16.80 78.33 -30.69
N PHE C 451 17.42 77.19 -30.95
CA PHE C 451 17.65 76.75 -32.33
C PHE C 451 16.47 76.05 -32.99
N GLY C 452 15.46 75.65 -32.23
CA GLY C 452 14.36 74.89 -32.83
C GLY C 452 12.94 75.14 -32.31
N ALA C 453 12.76 76.17 -31.48
CA ALA C 453 11.44 76.59 -31.00
C ALA C 453 10.66 75.51 -30.25
N HIS C 454 11.37 74.50 -29.74
CA HIS C 454 10.75 73.32 -29.15
C HIS C 454 9.92 73.54 -27.88
N THR C 455 10.04 74.73 -27.28
CA THR C 455 9.39 75.07 -26.01
C THR C 455 10.03 74.31 -24.82
N TYR C 456 9.60 74.68 -23.62
CA TYR C 456 10.18 74.20 -22.37
C TYR C 456 9.18 74.35 -21.20
N GLU C 457 9.60 73.94 -20.01
CA GLU C 457 8.84 74.22 -18.78
C GLU C 457 9.62 75.16 -17.86
N ARG C 458 8.89 75.81 -16.95
CA ARG C 458 9.50 76.75 -16.03
C ARG C 458 9.66 76.11 -14.67
N THR C 459 10.59 76.67 -13.88
CA THR C 459 10.86 76.19 -12.52
C THR C 459 9.92 76.78 -11.46
N ASP C 460 9.11 77.75 -11.85
CA ASP C 460 8.41 78.59 -10.89
C ASP C 460 6.90 78.62 -11.07
N LYS C 461 6.42 78.16 -12.21
CA LYS C 461 4.98 78.11 -12.48
C LYS C 461 4.67 76.97 -13.47
N ALA C 462 3.44 76.46 -13.43
CA ALA C 462 2.98 75.44 -14.36
C ALA C 462 2.93 75.97 -15.81
N GLY C 463 2.91 75.06 -16.78
CA GLY C 463 2.72 75.42 -18.18
C GLY C 463 3.92 75.33 -19.11
N ILE C 464 3.65 75.51 -20.41
CA ILE C 464 4.62 75.46 -21.53
C ILE C 464 4.94 76.88 -22.02
N PHE C 465 6.19 77.15 -22.34
CA PHE C 465 6.63 78.50 -22.70
C PHE C 465 7.65 78.45 -23.83
N HIS C 466 7.66 79.49 -24.68
CA HIS C 466 8.72 79.70 -25.68
C HIS C 466 9.32 81.12 -25.53
N TYR C 467 10.63 81.26 -25.73
CA TYR C 467 11.37 82.53 -25.56
C TYR C 467 11.70 83.18 -26.91
N ASP C 468 11.64 84.52 -26.97
CA ASP C 468 11.91 85.27 -28.21
C ASP C 468 13.40 85.58 -28.30
N TRP C 469 14.17 84.69 -28.93
CA TRP C 469 15.62 84.75 -28.88
C TRP C 469 16.27 85.69 -29.90
N TYR C 470 15.48 86.27 -30.80
CA TYR C 470 16.02 87.07 -31.90
C TYR C 470 15.50 88.51 -31.96
N THR C 471 16.19 89.38 -32.49
#